data_2MCZ
#
_entry.id   2MCZ
#
_entity_poly.entity_id   1
_entity_poly.type   'polypeptide(L)'
_entity_poly.pdbx_seq_one_letter_code
;EAEAAGQCNAPEWLPFARPTQLTDEFEFPIGTYLNYECRPGYSGRPFSIICLKNSVWTGAKDRCRRKSCRNPPDPVNGMV
HVIKGIQFGSQIKYSCTKGYRLIGSSSATCIISGDTVIWDQETPICDR
;
_entity_poly.pdbx_strand_id   A
#
# COMPACT_ATOMS: atom_id res chain seq x y z
N GLN A 7 -7.13 -8.77 27.36
CA GLN A 7 -5.81 -9.35 27.45
C GLN A 7 -4.89 -8.64 26.47
N CYS A 8 -5.03 -8.99 25.19
CA CYS A 8 -4.29 -8.35 24.11
C CYS A 8 -4.92 -7.00 23.74
N ASN A 9 -6.24 -6.86 24.05
CA ASN A 9 -7.03 -5.67 23.73
C ASN A 9 -7.07 -5.37 22.25
N ALA A 10 -7.10 -6.46 21.44
CA ALA A 10 -7.16 -6.34 19.99
C ALA A 10 -5.87 -5.78 19.43
N PRO A 11 -5.15 -6.58 18.64
CA PRO A 11 -3.78 -6.21 18.19
C PRO A 11 -3.75 -4.84 17.54
N GLU A 12 -4.73 -4.64 16.65
CA GLU A 12 -5.02 -3.40 15.92
C GLU A 12 -5.47 -3.74 14.49
N TRP A 13 -6.00 -2.77 13.78
CA TRP A 13 -6.39 -3.00 12.40
C TRP A 13 -5.20 -2.89 11.47
N LEU A 14 -4.99 -3.95 10.72
CA LEU A 14 -3.92 -4.01 9.78
C LEU A 14 -4.47 -4.09 8.35
N PRO A 15 -4.27 -3.06 7.54
CA PRO A 15 -4.84 -3.01 6.19
C PRO A 15 -4.38 -4.19 5.33
N PHE A 16 -3.20 -4.67 5.64
CA PHE A 16 -2.54 -5.72 4.91
C PHE A 16 -3.35 -6.98 4.99
N ALA A 17 -3.83 -7.21 6.19
CA ALA A 17 -4.38 -8.47 6.59
C ALA A 17 -5.79 -8.37 7.16
N ARG A 18 -6.59 -9.39 6.89
CA ARG A 18 -7.92 -9.50 7.49
C ARG A 18 -8.05 -10.85 8.16
N PRO A 19 -7.61 -10.98 9.42
CA PRO A 19 -7.63 -12.24 10.12
C PRO A 19 -9.03 -12.75 10.29
N THR A 20 -9.12 -14.01 10.20
CA THR A 20 -10.37 -14.71 10.19
C THR A 20 -11.14 -14.63 11.51
N GLN A 21 -10.39 -14.62 12.56
CA GLN A 21 -10.88 -14.84 13.92
C GLN A 21 -11.17 -13.52 14.65
N LEU A 22 -10.66 -12.49 14.09
CA LEU A 22 -10.60 -11.20 14.75
C LEU A 22 -11.89 -10.43 14.63
N THR A 23 -12.76 -10.92 13.82
CA THR A 23 -13.97 -10.23 13.52
C THR A 23 -14.88 -10.06 14.75
N ASP A 24 -15.04 -11.11 15.55
CA ASP A 24 -15.95 -11.09 16.67
C ASP A 24 -15.24 -11.41 17.99
N GLU A 25 -13.95 -11.61 17.94
CA GLU A 25 -13.27 -12.12 19.10
C GLU A 25 -12.27 -11.09 19.68
N PHE A 26 -11.36 -10.63 18.82
CA PHE A 26 -10.41 -9.50 19.08
C PHE A 26 -9.38 -9.74 20.19
N GLU A 27 -9.77 -10.44 21.23
CA GLU A 27 -8.86 -10.63 22.39
C GLU A 27 -8.60 -12.09 22.69
N PHE A 28 -7.33 -12.41 22.97
CA PHE A 28 -6.96 -13.79 23.18
C PHE A 28 -5.92 -13.96 24.28
N PRO A 29 -5.86 -15.18 24.84
CA PRO A 29 -4.85 -15.61 25.83
C PRO A 29 -3.46 -15.78 25.23
N ILE A 30 -2.45 -15.70 26.07
CA ILE A 30 -1.06 -15.89 25.63
C ILE A 30 -0.81 -17.30 25.12
N GLY A 31 -0.10 -17.37 24.01
CA GLY A 31 0.12 -18.63 23.32
C GLY A 31 -0.96 -18.94 22.30
N THR A 32 -1.68 -17.93 21.89
CA THR A 32 -2.75 -18.09 20.90
C THR A 32 -2.30 -17.53 19.56
N TYR A 33 -2.43 -18.34 18.54
CA TYR A 33 -2.02 -18.02 17.20
C TYR A 33 -3.20 -17.57 16.39
N LEU A 34 -3.02 -16.47 15.70
CA LEU A 34 -4.03 -15.88 14.83
C LEU A 34 -3.65 -15.98 13.38
N ASN A 35 -4.64 -16.18 12.56
CA ASN A 35 -4.45 -16.36 11.17
C ASN A 35 -4.53 -15.02 10.46
N TYR A 36 -3.37 -14.53 10.09
CA TYR A 36 -3.19 -13.32 9.29
C TYR A 36 -2.75 -13.66 7.89
N GLU A 37 -3.40 -13.01 6.94
CA GLU A 37 -3.10 -13.20 5.54
C GLU A 37 -2.76 -11.86 4.90
N CYS A 38 -1.76 -11.84 4.03
CA CYS A 38 -1.46 -10.63 3.30
C CYS A 38 -2.35 -10.72 2.09
N ARG A 39 -3.08 -9.66 1.78
CA ARG A 39 -4.13 -9.82 0.76
C ARG A 39 -4.01 -8.94 -0.49
N PRO A 40 -4.08 -7.61 -0.38
CA PRO A 40 -4.13 -6.75 -1.55
C PRO A 40 -2.77 -6.52 -2.23
N GLY A 41 -2.10 -7.63 -2.54
CA GLY A 41 -0.85 -7.55 -3.27
C GLY A 41 0.40 -7.44 -2.42
N TYR A 42 0.32 -7.60 -1.12
CA TYR A 42 1.54 -7.47 -0.34
C TYR A 42 2.36 -8.75 -0.35
N SER A 43 3.65 -8.57 -0.51
CA SER A 43 4.65 -9.65 -0.67
C SER A 43 4.81 -10.57 0.52
N GLY A 44 4.66 -10.01 1.69
CA GLY A 44 5.10 -10.67 2.90
C GLY A 44 4.53 -12.05 3.18
N ARG A 45 5.32 -12.80 3.90
CA ARG A 45 4.99 -14.13 4.33
C ARG A 45 4.15 -14.04 5.60
N PRO A 46 2.85 -14.28 5.47
CA PRO A 46 1.95 -14.19 6.60
C PRO A 46 2.32 -15.19 7.65
N PHE A 47 2.15 -14.79 8.87
CA PHE A 47 2.41 -15.66 9.97
C PHE A 47 1.49 -15.25 11.09
N SER A 48 1.26 -16.13 11.97
CA SER A 48 0.40 -15.83 13.08
C SER A 48 1.06 -14.83 14.04
N ILE A 49 0.25 -13.98 14.63
CA ILE A 49 0.73 -13.13 15.71
C ILE A 49 0.28 -13.76 16.98
N ILE A 50 1.16 -13.91 17.89
CA ILE A 50 0.86 -14.62 19.12
C ILE A 50 1.04 -13.68 20.32
N CYS A 51 0.09 -13.59 21.21
CA CYS A 51 0.33 -12.77 22.38
C CYS A 51 1.32 -13.49 23.28
N LEU A 52 2.60 -13.12 23.14
CA LEU A 52 3.67 -13.74 23.92
C LEU A 52 4.26 -12.80 24.98
N LYS A 53 4.26 -11.50 24.68
CA LYS A 53 4.90 -10.50 25.56
C LYS A 53 4.02 -9.54 26.15
N ASN A 54 3.94 -9.63 27.46
CA ASN A 54 3.14 -8.70 28.21
C ASN A 54 1.69 -8.70 27.72
N SER A 55 1.22 -9.88 27.30
CA SER A 55 -0.13 -10.00 26.71
C SER A 55 -0.25 -9.13 25.46
N VAL A 56 0.86 -9.02 24.75
CA VAL A 56 0.98 -8.24 23.57
C VAL A 56 1.53 -9.17 22.48
N TRP A 57 1.33 -8.79 21.27
CA TRP A 57 1.58 -9.63 20.10
C TRP A 57 3.07 -9.63 19.69
N THR A 58 3.50 -10.74 19.06
CA THR A 58 4.90 -11.03 18.75
C THR A 58 5.52 -9.98 17.81
N GLY A 59 4.77 -9.56 16.82
CA GLY A 59 5.26 -8.57 15.87
C GLY A 59 4.53 -8.64 14.54
N ALA A 60 3.43 -7.92 14.46
CA ALA A 60 2.60 -7.87 13.27
C ALA A 60 3.07 -6.79 12.30
N LYS A 61 4.10 -6.06 12.70
CA LYS A 61 4.61 -4.97 11.93
C LYS A 61 5.34 -5.38 10.66
N ASP A 62 5.00 -4.64 9.58
CA ASP A 62 5.68 -4.72 8.27
C ASP A 62 5.70 -6.12 7.75
N ARG A 63 4.67 -6.87 8.08
CA ARG A 63 4.58 -8.27 7.68
C ARG A 63 4.45 -8.41 6.17
N CYS A 64 3.69 -7.54 5.60
CA CYS A 64 3.33 -7.63 4.20
C CYS A 64 3.98 -6.42 3.56
N ARG A 65 4.42 -6.45 2.32
CA ARG A 65 5.27 -5.36 1.95
C ARG A 65 4.88 -4.60 0.68
N ARG A 66 4.99 -3.30 0.82
CA ARG A 66 5.00 -2.29 -0.24
C ARG A 66 6.29 -2.34 -1.09
N LYS A 67 6.13 -2.27 -2.40
CA LYS A 67 7.24 -2.21 -3.35
C LYS A 67 7.53 -0.79 -3.75
N SER A 68 8.79 -0.48 -3.96
CA SER A 68 9.18 0.87 -4.34
C SER A 68 8.67 1.24 -5.75
N CYS A 69 8.26 2.49 -5.88
CA CYS A 69 7.65 3.05 -7.07
C CYS A 69 8.72 3.76 -7.91
N ARG A 70 8.35 4.26 -9.08
CA ARG A 70 9.33 4.77 -10.05
C ARG A 70 8.85 6.04 -10.76
N ASN A 71 9.77 6.88 -11.24
CA ASN A 71 9.34 8.03 -12.03
C ASN A 71 10.13 8.23 -13.37
N PRO A 72 10.80 7.19 -13.98
CA PRO A 72 11.45 7.36 -15.29
C PRO A 72 10.48 7.50 -16.53
N PRO A 73 9.11 7.24 -16.42
CA PRO A 73 8.20 7.43 -17.56
C PRO A 73 8.19 8.86 -18.08
N ASP A 74 8.44 9.81 -17.15
CA ASP A 74 8.51 11.31 -17.36
C ASP A 74 7.47 11.93 -18.33
N PRO A 75 7.07 13.16 -18.05
CA PRO A 75 6.22 13.96 -18.93
C PRO A 75 6.97 14.36 -20.20
N VAL A 76 6.24 14.51 -21.28
CA VAL A 76 6.83 14.88 -22.56
C VAL A 76 7.47 16.27 -22.46
N ASN A 77 6.73 17.20 -21.87
CA ASN A 77 7.23 18.55 -21.62
C ASN A 77 8.41 18.53 -20.66
N GLY A 78 8.32 17.67 -19.65
CA GLY A 78 9.38 17.57 -18.66
C GLY A 78 8.90 18.02 -17.32
N MET A 79 7.64 18.35 -17.25
CA MET A 79 7.01 18.82 -16.05
C MET A 79 6.05 17.81 -15.39
N VAL A 80 6.48 17.28 -14.25
CA VAL A 80 5.69 16.39 -13.40
C VAL A 80 5.83 16.84 -11.94
N HIS A 81 4.76 16.81 -11.19
CA HIS A 81 4.80 17.29 -9.81
C HIS A 81 4.54 16.13 -8.85
N VAL A 82 5.26 16.09 -7.74
CA VAL A 82 5.14 15.01 -6.78
C VAL A 82 4.31 15.43 -5.52
N ILE A 83 2.97 15.19 -5.57
CA ILE A 83 2.03 15.63 -4.49
C ILE A 83 2.33 14.97 -3.14
N LYS A 84 2.49 13.66 -3.20
CA LYS A 84 2.66 12.84 -2.01
C LYS A 84 4.03 12.27 -1.99
N GLY A 85 4.45 11.88 -3.15
CA GLY A 85 5.66 11.23 -3.35
C GLY A 85 5.52 10.32 -4.55
N ILE A 86 6.59 9.84 -4.95
CA ILE A 86 6.65 8.78 -5.96
C ILE A 86 6.15 7.41 -5.46
N GLN A 87 6.22 7.17 -4.17
CA GLN A 87 6.04 5.85 -3.57
C GLN A 87 4.56 5.35 -3.60
N PHE A 88 4.34 4.15 -3.05
CA PHE A 88 3.04 3.56 -2.97
C PHE A 88 2.07 4.38 -2.14
N GLY A 89 0.93 4.62 -2.72
CA GLY A 89 -0.13 5.40 -2.12
C GLY A 89 0.05 6.86 -2.43
N SER A 90 1.15 7.16 -3.08
CA SER A 90 1.48 8.50 -3.46
C SER A 90 0.88 8.85 -4.83
N GLN A 91 0.88 10.16 -5.16
CA GLN A 91 0.30 10.60 -6.41
C GLN A 91 1.09 11.78 -6.99
N ILE A 92 1.10 11.87 -8.30
CA ILE A 92 1.86 12.90 -9.02
C ILE A 92 1.03 13.58 -10.10
N LYS A 93 1.51 14.73 -10.59
CA LYS A 93 0.85 15.42 -11.70
C LYS A 93 1.69 15.39 -12.92
N TYR A 94 1.02 15.17 -14.00
CA TYR A 94 1.57 15.26 -15.28
C TYR A 94 0.97 16.42 -15.95
N SER A 95 1.62 17.53 -15.86
CA SER A 95 1.15 18.71 -16.47
C SER A 95 2.06 19.05 -17.63
N CYS A 96 1.51 19.07 -18.81
CA CYS A 96 2.29 19.41 -20.00
C CYS A 96 2.41 20.93 -20.11
N THR A 97 1.33 21.59 -19.76
CA THR A 97 1.17 23.04 -19.88
C THR A 97 0.16 23.50 -18.79
N LYS A 98 0.13 24.75 -18.40
CA LYS A 98 -0.99 25.19 -17.59
C LYS A 98 -2.36 25.13 -18.33
N GLY A 99 -2.38 25.64 -19.58
CA GLY A 99 -3.62 25.66 -20.35
C GLY A 99 -3.64 24.63 -21.44
N TYR A 100 -3.88 23.41 -21.07
CA TYR A 100 -3.91 22.30 -21.98
C TYR A 100 -4.75 21.22 -21.29
N ARG A 101 -5.05 20.13 -21.96
CA ARG A 101 -5.78 19.08 -21.28
C ARG A 101 -4.97 17.80 -21.37
N LEU A 102 -4.94 17.03 -20.34
CA LEU A 102 -4.31 15.76 -20.50
C LEU A 102 -5.40 14.72 -20.46
N ILE A 103 -5.52 14.00 -21.55
CA ILE A 103 -6.63 13.08 -21.76
C ILE A 103 -6.64 11.89 -20.79
N GLY A 104 -5.46 11.30 -20.59
CA GLY A 104 -5.35 10.12 -19.72
C GLY A 104 -5.04 10.46 -18.29
N SER A 105 -4.02 9.83 -17.72
CA SER A 105 -3.73 10.02 -16.31
C SER A 105 -2.84 11.24 -16.09
N SER A 106 -3.49 12.36 -15.87
CA SER A 106 -2.85 13.59 -15.45
C SER A 106 -2.19 13.33 -14.12
N SER A 107 -2.88 12.63 -13.27
CA SER A 107 -2.36 12.32 -11.97
C SER A 107 -2.20 10.84 -11.78
N ALA A 108 -0.99 10.38 -11.99
CA ALA A 108 -0.66 8.99 -11.81
C ALA A 108 -0.67 8.65 -10.33
N THR A 109 -1.17 7.48 -10.01
CA THR A 109 -1.19 6.99 -8.66
C THR A 109 -0.51 5.63 -8.59
N CYS A 110 0.46 5.47 -7.68
CA CYS A 110 1.17 4.19 -7.57
C CYS A 110 0.51 3.25 -6.56
N ILE A 111 0.10 2.08 -7.06
CA ILE A 111 -0.59 1.09 -6.26
C ILE A 111 0.07 -0.29 -6.40
N ILE A 112 -0.21 -1.20 -5.45
CA ILE A 112 0.45 -2.52 -5.45
C ILE A 112 -0.27 -3.46 -6.43
N SER A 113 0.47 -4.05 -7.38
CA SER A 113 -0.09 -5.10 -8.24
C SER A 113 0.14 -6.49 -7.63
N GLY A 114 1.02 -6.53 -6.64
CA GLY A 114 1.38 -7.76 -5.99
C GLY A 114 2.89 -7.91 -5.82
N ASP A 115 3.59 -8.17 -6.91
CA ASP A 115 5.04 -8.28 -6.86
C ASP A 115 5.70 -6.98 -7.25
N THR A 116 4.91 -6.02 -7.63
CA THR A 116 5.43 -4.75 -8.03
C THR A 116 4.40 -3.65 -7.84
N VAL A 117 4.84 -2.43 -7.96
CA VAL A 117 3.95 -1.28 -7.85
C VAL A 117 3.97 -0.49 -9.11
N ILE A 118 2.80 -0.16 -9.59
CA ILE A 118 2.71 0.54 -10.81
C ILE A 118 1.87 1.77 -10.64
N TRP A 119 2.03 2.66 -11.56
CA TRP A 119 1.24 3.86 -11.64
C TRP A 119 0.03 3.54 -12.50
N ASP A 120 -1.07 4.17 -12.22
CA ASP A 120 -2.30 3.92 -12.96
C ASP A 120 -2.26 4.64 -14.30
N GLN A 121 -1.16 5.32 -14.53
CA GLN A 121 -0.93 6.03 -15.76
C GLN A 121 -0.90 5.10 -16.97
N GLU A 122 -1.78 5.35 -17.89
CA GLU A 122 -1.83 4.62 -19.16
C GLU A 122 -0.61 4.90 -20.02
N THR A 123 -0.22 6.19 -20.05
CA THR A 123 0.89 6.67 -20.89
C THR A 123 0.81 8.20 -20.94
N PRO A 124 1.93 8.93 -21.18
CA PRO A 124 1.85 10.40 -21.26
C PRO A 124 0.95 10.86 -22.41
N ILE A 125 0.15 11.86 -22.12
CA ILE A 125 -0.79 12.44 -23.07
C ILE A 125 -0.79 13.97 -23.02
N CYS A 126 -0.72 14.64 -24.12
CA CYS A 126 -0.85 16.10 -24.04
C CYS A 126 -1.85 16.63 -25.12
N ASP A 127 -3.02 17.20 -24.68
CA ASP A 127 -4.05 17.77 -25.63
C ASP A 127 -3.55 18.95 -26.48
N ARG A 128 -2.91 19.93 -25.81
CA ARG A 128 -2.42 21.19 -26.46
C ARG A 128 -3.09 21.49 -27.81
N GLN A 7 -7.73 -10.00 26.98
CA GLN A 7 -6.70 -10.99 27.11
C GLN A 7 -5.40 -10.40 26.57
N CYS A 8 -5.25 -10.23 25.24
CA CYS A 8 -4.17 -9.37 24.78
C CYS A 8 -4.75 -7.99 24.55
N ASN A 9 -6.04 -7.90 24.81
CA ASN A 9 -6.83 -6.66 24.66
C ASN A 9 -6.78 -6.10 23.21
N ALA A 10 -6.88 -7.02 22.21
CA ALA A 10 -6.90 -6.67 20.77
C ALA A 10 -5.58 -6.07 20.28
N PRO A 11 -5.02 -6.56 19.16
CA PRO A 11 -3.72 -6.05 18.66
C PRO A 11 -3.75 -4.60 18.17
N GLU A 12 -4.52 -4.38 17.11
CA GLU A 12 -4.70 -3.07 16.46
C GLU A 12 -5.25 -3.30 15.07
N TRP A 13 -5.59 -2.24 14.38
CA TRP A 13 -6.10 -2.39 13.03
C TRP A 13 -4.96 -2.41 12.02
N LEU A 14 -4.90 -3.49 11.24
CA LEU A 14 -3.82 -3.68 10.28
C LEU A 14 -4.37 -3.72 8.86
N PRO A 15 -4.17 -2.64 8.10
CA PRO A 15 -4.71 -2.51 6.73
C PRO A 15 -4.16 -3.57 5.77
N PHE A 16 -2.96 -4.06 6.07
CA PHE A 16 -2.26 -5.05 5.25
C PHE A 16 -3.06 -6.34 5.21
N ALA A 17 -3.54 -6.68 6.41
CA ALA A 17 -3.98 -8.01 6.75
C ALA A 17 -5.48 -8.15 6.94
N ARG A 18 -5.96 -9.36 6.71
CA ARG A 18 -7.34 -9.70 6.95
C ARG A 18 -7.41 -11.02 7.72
N PRO A 19 -7.18 -10.99 9.06
CA PRO A 19 -7.21 -12.20 9.86
C PRO A 19 -8.58 -12.84 9.81
N THR A 20 -8.59 -14.13 9.85
CA THR A 20 -9.81 -14.88 9.64
C THR A 20 -10.59 -15.13 10.95
N GLN A 21 -10.08 -14.59 12.07
CA GLN A 21 -10.74 -14.84 13.37
C GLN A 21 -10.92 -13.56 14.17
N LEU A 22 -10.21 -12.53 13.79
CA LEU A 22 -10.15 -11.28 14.54
C LEU A 22 -11.29 -10.32 14.23
N THR A 23 -12.08 -10.68 13.29
CA THR A 23 -13.13 -9.81 12.82
C THR A 23 -14.11 -9.48 13.95
N ASP A 24 -14.52 -10.50 14.69
CA ASP A 24 -15.34 -10.29 15.84
C ASP A 24 -14.61 -10.74 17.06
N GLU A 25 -13.33 -11.11 16.89
CA GLU A 25 -12.58 -11.66 17.95
C GLU A 25 -11.24 -10.96 18.02
N PHE A 26 -11.32 -9.78 18.44
CA PHE A 26 -10.20 -8.92 18.68
C PHE A 26 -9.30 -9.41 19.80
N GLU A 27 -9.90 -9.97 20.83
CA GLU A 27 -9.16 -10.33 22.04
C GLU A 27 -9.00 -11.83 22.22
N PHE A 28 -7.75 -12.27 22.41
CA PHE A 28 -7.45 -13.69 22.59
C PHE A 28 -6.43 -13.92 23.72
N PRO A 29 -6.43 -15.14 24.29
CA PRO A 29 -5.54 -15.56 25.38
C PRO A 29 -4.09 -15.73 24.94
N ILE A 30 -3.17 -15.72 25.90
CA ILE A 30 -1.75 -15.81 25.61
C ILE A 30 -1.45 -17.18 25.03
N GLY A 31 -0.69 -17.18 23.95
CA GLY A 31 -0.44 -18.41 23.24
C GLY A 31 -1.49 -18.69 22.17
N THR A 32 -2.21 -17.65 21.75
CA THR A 32 -3.19 -17.82 20.70
C THR A 32 -2.73 -17.07 19.49
N TYR A 33 -2.73 -17.76 18.40
CA TYR A 33 -2.27 -17.23 17.17
C TYR A 33 -3.48 -16.91 16.34
N LEU A 34 -3.51 -15.73 15.80
CA LEU A 34 -4.55 -15.39 14.88
C LEU A 34 -4.03 -15.44 13.52
N ASN A 35 -4.79 -16.06 12.70
CA ASN A 35 -4.42 -16.29 11.37
C ASN A 35 -4.53 -15.00 10.58
N TYR A 36 -3.36 -14.48 10.31
CA TYR A 36 -3.08 -13.27 9.53
C TYR A 36 -2.53 -13.56 8.18
N GLU A 37 -3.04 -12.81 7.22
CA GLU A 37 -2.63 -12.91 5.87
C GLU A 37 -2.43 -11.53 5.29
N CYS A 38 -1.49 -11.40 4.38
CA CYS A 38 -1.29 -10.16 3.68
C CYS A 38 -2.14 -10.16 2.45
N ARG A 39 -2.63 -9.01 2.07
CA ARG A 39 -3.32 -8.89 0.80
C ARG A 39 -2.34 -9.31 -0.30
N PRO A 40 -2.82 -9.66 -1.49
CA PRO A 40 -1.95 -10.17 -2.54
C PRO A 40 -0.87 -9.16 -2.95
N GLY A 41 0.31 -9.69 -3.27
CA GLY A 41 1.43 -8.85 -3.63
C GLY A 41 2.28 -8.37 -2.44
N TYR A 42 2.08 -8.93 -1.25
CA TYR A 42 2.96 -8.58 -0.13
C TYR A 42 3.95 -9.69 0.19
N SER A 43 5.21 -9.28 0.26
CA SER A 43 6.37 -10.16 0.50
C SER A 43 6.37 -10.92 1.84
N GLY A 44 5.97 -10.23 2.92
CA GLY A 44 6.22 -10.71 4.28
C GLY A 44 5.59 -12.02 4.66
N ARG A 45 4.37 -12.21 4.26
CA ARG A 45 3.62 -13.46 4.54
C ARG A 45 3.68 -13.82 6.05
N PRO A 46 2.93 -13.06 6.89
CA PRO A 46 2.92 -13.22 8.34
C PRO A 46 2.38 -14.57 8.73
N PHE A 47 2.91 -15.16 9.77
CA PHE A 47 2.27 -16.33 10.26
C PHE A 47 1.08 -15.90 11.10
N SER A 48 1.40 -15.38 12.26
CA SER A 48 0.44 -14.86 13.20
C SER A 48 1.10 -13.89 14.18
N ILE A 49 0.27 -13.25 14.97
CA ILE A 49 0.72 -12.45 16.12
C ILE A 49 0.11 -13.08 17.37
N ILE A 50 0.86 -13.06 18.46
CA ILE A 50 0.49 -13.79 19.70
C ILE A 50 0.77 -12.92 20.96
N CYS A 51 -0.03 -13.07 22.06
CA CYS A 51 0.18 -12.21 23.27
C CYS A 51 1.52 -12.53 24.00
N LEU A 52 2.57 -12.80 23.27
CA LEU A 52 3.78 -13.35 23.88
C LEU A 52 4.47 -12.44 24.88
N LYS A 53 4.57 -11.17 24.58
CA LYS A 53 5.28 -10.29 25.51
C LYS A 53 4.30 -9.41 26.22
N ASN A 54 4.34 -9.47 27.54
CA ASN A 54 3.49 -8.68 28.41
C ASN A 54 2.03 -8.91 28.09
N SER A 55 1.71 -10.15 27.69
CA SER A 55 0.35 -10.51 27.33
C SER A 55 -0.22 -9.59 26.24
N VAL A 56 0.64 -8.93 25.47
CA VAL A 56 0.17 -8.05 24.43
C VAL A 56 0.35 -8.73 23.10
N TRP A 57 1.43 -8.40 22.37
CA TRP A 57 1.66 -9.08 21.10
C TRP A 57 3.14 -9.23 20.81
N THR A 58 3.42 -10.16 19.93
CA THR A 58 4.77 -10.50 19.51
C THR A 58 5.39 -9.35 18.74
N GLY A 59 4.55 -8.67 18.00
CA GLY A 59 4.97 -7.58 17.18
C GLY A 59 4.43 -7.72 15.78
N ALA A 60 3.41 -6.96 15.49
CA ALA A 60 2.71 -6.97 14.21
C ALA A 60 3.44 -6.11 13.15
N LYS A 61 4.56 -5.56 13.53
CA LYS A 61 5.30 -4.62 12.69
C LYS A 61 5.98 -5.24 11.47
N ASP A 62 5.90 -4.51 10.35
CA ASP A 62 6.65 -4.79 9.08
C ASP A 62 6.34 -6.17 8.54
N ARG A 63 5.18 -6.60 8.83
CA ARG A 63 4.66 -7.86 8.39
C ARG A 63 4.44 -8.03 6.89
N CYS A 64 3.95 -7.00 6.22
CA CYS A 64 3.72 -7.12 4.80
C CYS A 64 4.56 -6.09 4.09
N ARG A 65 5.04 -6.39 2.89
CA ARG A 65 5.96 -5.48 2.24
C ARG A 65 5.46 -5.01 0.86
N ARG A 66 5.15 -3.75 0.83
CA ARG A 66 4.71 -2.96 -0.29
C ARG A 66 5.89 -2.66 -1.25
N LYS A 67 5.65 -2.66 -2.56
CA LYS A 67 6.72 -2.28 -3.49
C LYS A 67 6.75 -0.85 -3.96
N SER A 68 7.98 -0.44 -4.27
CA SER A 68 8.33 0.89 -4.73
C SER A 68 7.81 1.15 -6.16
N CYS A 69 7.32 2.36 -6.38
CA CYS A 69 6.70 2.79 -7.64
C CYS A 69 7.71 3.56 -8.51
N ARG A 70 7.48 3.56 -9.82
CA ARG A 70 8.44 4.11 -10.76
C ARG A 70 7.81 5.02 -11.82
N ASN A 71 8.42 6.13 -12.13
CA ASN A 71 7.88 6.94 -13.22
C ASN A 71 8.99 7.61 -14.06
N PRO A 72 10.04 6.82 -14.49
CA PRO A 72 11.11 7.32 -15.37
C PRO A 72 10.61 7.83 -16.76
N PRO A 73 9.34 7.47 -17.22
CA PRO A 73 8.78 8.03 -18.43
C PRO A 73 8.84 9.55 -18.40
N ASP A 74 8.53 10.11 -17.21
CA ASP A 74 8.41 11.56 -17.00
C ASP A 74 7.36 12.19 -17.95
N PRO A 75 6.76 13.30 -17.53
CA PRO A 75 5.86 14.09 -18.37
C PRO A 75 6.63 14.73 -19.54
N VAL A 76 5.96 14.97 -20.65
CA VAL A 76 6.65 15.45 -21.85
C VAL A 76 7.33 16.80 -21.60
N ASN A 77 6.61 17.73 -20.98
CA ASN A 77 7.21 19.00 -20.58
C ASN A 77 8.25 18.79 -19.49
N GLY A 78 7.94 17.88 -18.56
CA GLY A 78 8.79 17.69 -17.40
C GLY A 78 8.09 18.14 -16.11
N MET A 79 6.80 18.50 -16.21
CA MET A 79 6.06 18.96 -15.02
C MET A 79 5.34 17.77 -14.34
N VAL A 80 5.95 17.19 -13.33
CA VAL A 80 5.30 16.15 -12.55
C VAL A 80 5.40 16.49 -11.07
N HIS A 81 4.34 16.33 -10.35
CA HIS A 81 4.34 16.63 -8.93
C HIS A 81 4.02 15.37 -8.17
N VAL A 82 4.82 15.06 -7.15
CA VAL A 82 4.65 13.79 -6.45
C VAL A 82 4.02 13.97 -5.05
N ILE A 83 2.72 13.64 -4.95
CA ILE A 83 1.97 13.78 -3.69
C ILE A 83 2.47 12.86 -2.55
N LYS A 84 2.73 11.60 -2.90
CA LYS A 84 3.03 10.56 -1.88
C LYS A 84 4.52 10.24 -1.73
N GLY A 85 5.33 10.82 -2.60
CA GLY A 85 6.78 10.50 -2.60
C GLY A 85 7.08 9.26 -3.45
N ILE A 86 6.09 8.86 -4.26
CA ILE A 86 6.15 7.70 -5.15
C ILE A 86 6.54 6.39 -4.48
N GLN A 87 5.51 5.77 -4.02
CA GLN A 87 5.49 4.49 -3.40
C GLN A 87 4.10 3.94 -3.65
N PHE A 88 3.82 2.74 -3.25
CA PHE A 88 2.49 2.19 -3.46
C PHE A 88 1.41 3.03 -2.78
N GLY A 89 0.39 3.34 -3.57
CA GLY A 89 -0.67 4.22 -3.16
C GLY A 89 -0.40 5.64 -3.62
N SER A 90 0.77 5.85 -4.25
CA SER A 90 1.15 7.17 -4.72
C SER A 90 0.32 7.61 -5.88
N GLN A 91 0.01 8.88 -5.89
CA GLN A 91 -0.67 9.50 -6.97
C GLN A 91 0.08 10.80 -7.32
N ILE A 92 0.47 10.95 -8.57
CA ILE A 92 1.27 12.13 -8.97
C ILE A 92 0.65 12.84 -10.14
N LYS A 93 1.07 14.07 -10.35
CA LYS A 93 0.43 14.92 -11.36
C LYS A 93 1.31 15.07 -12.56
N TYR A 94 0.68 15.08 -13.71
CA TYR A 94 1.34 15.17 -14.97
C TYR A 94 0.90 16.38 -15.76
N SER A 95 1.30 17.54 -15.31
CA SER A 95 1.02 18.76 -16.04
C SER A 95 2.02 18.96 -17.20
N CYS A 96 1.65 19.79 -18.16
CA CYS A 96 2.53 20.03 -19.33
C CYS A 96 2.83 21.54 -19.51
N THR A 97 1.79 22.33 -19.52
CA THR A 97 1.88 23.73 -19.86
C THR A 97 0.89 24.57 -19.04
N LYS A 98 1.07 25.87 -18.96
CA LYS A 98 0.00 26.69 -18.40
C LYS A 98 -1.28 26.78 -19.23
N GLY A 99 -1.10 27.08 -20.50
CA GLY A 99 -2.24 27.35 -21.34
C GLY A 99 -2.53 26.21 -22.19
N TYR A 100 -2.84 25.12 -21.58
CA TYR A 100 -3.04 23.87 -22.30
C TYR A 100 -4.06 23.06 -21.55
N ARG A 101 -4.54 22.02 -22.15
CA ARG A 101 -5.40 21.12 -21.46
C ARG A 101 -4.85 19.71 -21.62
N LEU A 102 -4.93 18.90 -20.59
CA LEU A 102 -4.44 17.55 -20.72
C LEU A 102 -5.59 16.63 -21.03
N ILE A 103 -5.45 16.00 -22.18
CA ILE A 103 -6.47 15.15 -22.74
C ILE A 103 -6.73 13.89 -21.90
N GLY A 104 -5.64 13.26 -21.45
CA GLY A 104 -5.74 12.00 -20.73
C GLY A 104 -5.69 12.16 -19.23
N SER A 105 -4.97 11.27 -18.56
CA SER A 105 -4.90 11.34 -17.12
C SER A 105 -3.82 12.33 -16.68
N SER A 106 -4.23 13.29 -15.87
CA SER A 106 -3.34 14.27 -15.30
C SER A 106 -2.74 13.74 -14.02
N SER A 107 -3.23 12.60 -13.59
CA SER A 107 -2.73 11.98 -12.41
C SER A 107 -2.71 10.47 -12.62
N ALA A 108 -1.70 9.80 -12.10
CA ALA A 108 -1.61 8.35 -12.19
C ALA A 108 -1.62 7.78 -10.79
N THR A 109 -2.19 6.62 -10.62
CA THR A 109 -2.24 6.01 -9.31
C THR A 109 -1.50 4.67 -9.34
N CYS A 110 -0.57 4.48 -8.40
CA CYS A 110 0.22 3.25 -8.33
C CYS A 110 -0.40 2.21 -7.41
N ILE A 111 -0.55 1.01 -7.94
CA ILE A 111 -1.21 -0.09 -7.26
C ILE A 111 -0.34 -1.38 -7.28
N ILE A 112 -0.64 -2.36 -6.40
CA ILE A 112 0.17 -3.59 -6.34
C ILE A 112 -0.49 -4.63 -7.23
N SER A 113 0.23 -5.08 -8.25
CA SER A 113 -0.28 -6.12 -9.13
C SER A 113 0.08 -7.50 -8.60
N GLY A 114 0.98 -7.52 -7.65
CA GLY A 114 1.43 -8.75 -7.09
C GLY A 114 2.92 -8.85 -7.13
N ASP A 115 3.46 -9.12 -8.29
CA ASP A 115 4.89 -9.19 -8.48
C ASP A 115 5.55 -7.81 -8.28
N THR A 116 4.86 -6.78 -8.73
CA THR A 116 5.39 -5.44 -8.79
C THR A 116 4.26 -4.41 -8.64
N VAL A 117 4.63 -3.15 -8.64
CA VAL A 117 3.67 -2.07 -8.57
C VAL A 117 3.65 -1.30 -9.85
N ILE A 118 2.47 -1.06 -10.36
CA ILE A 118 2.36 -0.37 -11.62
C ILE A 118 1.47 0.85 -11.49
N TRP A 119 1.63 1.77 -12.42
CA TRP A 119 0.81 2.97 -12.48
C TRP A 119 -0.35 2.73 -13.41
N ASP A 120 -1.50 3.27 -13.09
CA ASP A 120 -2.70 3.03 -13.88
C ASP A 120 -2.93 4.04 -15.03
N GLN A 121 -2.03 5.02 -15.18
CA GLN A 121 -2.19 6.01 -16.27
C GLN A 121 -2.05 5.35 -17.65
N GLU A 122 -2.79 5.87 -18.62
CA GLU A 122 -2.78 5.35 -19.98
C GLU A 122 -1.41 5.58 -20.70
N THR A 123 -0.83 6.78 -20.51
CA THR A 123 0.40 7.20 -21.20
C THR A 123 0.53 8.74 -21.06
N PRO A 124 1.74 9.32 -21.20
CA PRO A 124 1.88 10.80 -21.18
C PRO A 124 1.14 11.44 -22.38
N ILE A 125 0.53 12.59 -22.14
CA ILE A 125 -0.17 13.37 -23.17
C ILE A 125 0.08 14.85 -22.94
N CYS A 126 0.17 15.66 -23.99
CA CYS A 126 0.16 17.12 -23.79
C CYS A 126 -0.53 17.80 -24.99
N ASP A 127 -1.76 18.38 -24.81
CA ASP A 127 -2.45 19.02 -25.95
C ASP A 127 -1.65 20.21 -26.47
N ARG A 128 -1.19 20.99 -25.49
CA ARG A 128 -0.42 22.23 -25.66
C ARG A 128 -0.67 22.90 -27.03
N GLN A 7 -8.77 -10.33 26.69
CA GLN A 7 -7.47 -10.78 27.16
C GLN A 7 -6.36 -9.99 26.49
N CYS A 8 -6.03 -10.35 25.25
CA CYS A 8 -5.10 -9.57 24.43
C CYS A 8 -5.84 -8.33 24.00
N ASN A 9 -7.18 -8.44 24.03
CA ASN A 9 -8.09 -7.36 23.72
C ASN A 9 -7.84 -6.85 22.31
N ALA A 10 -7.57 -7.79 21.41
CA ALA A 10 -7.33 -7.51 19.99
C ALA A 10 -6.06 -6.72 19.76
N PRO A 11 -5.21 -7.20 18.83
CA PRO A 11 -3.93 -6.52 18.52
C PRO A 11 -4.16 -5.12 18.06
N GLU A 12 -5.25 -5.00 17.33
CA GLU A 12 -5.78 -3.78 16.74
C GLU A 12 -6.20 -4.08 15.33
N TRP A 13 -6.73 -3.10 14.66
CA TRP A 13 -6.98 -3.25 13.26
C TRP A 13 -5.70 -3.03 12.49
N LEU A 14 -5.31 -4.06 11.76
CA LEU A 14 -4.11 -4.01 10.98
C LEU A 14 -4.48 -3.57 9.57
N PRO A 15 -4.00 -2.39 9.15
CA PRO A 15 -4.39 -1.81 7.88
C PRO A 15 -3.97 -2.64 6.66
N PHE A 16 -2.94 -3.45 6.82
CA PHE A 16 -2.44 -4.23 5.68
C PHE A 16 -2.81 -5.71 5.77
N ALA A 17 -3.67 -6.06 6.70
CA ALA A 17 -4.02 -7.46 6.88
C ALA A 17 -5.49 -7.62 7.24
N ARG A 18 -6.07 -8.73 6.82
CA ARG A 18 -7.46 -9.04 7.18
C ARG A 18 -7.59 -10.50 7.64
N PRO A 19 -7.39 -10.71 8.95
CA PRO A 19 -7.51 -12.01 9.59
C PRO A 19 -8.91 -12.48 9.64
N THR A 20 -9.04 -13.76 9.71
CA THR A 20 -10.30 -14.42 9.56
C THR A 20 -11.01 -14.56 10.90
N GLN A 21 -10.39 -14.09 11.93
CA GLN A 21 -10.84 -14.36 13.28
C GLN A 21 -11.12 -13.02 13.98
N LEU A 22 -10.27 -12.07 13.67
CA LEU A 22 -10.19 -10.79 14.33
C LEU A 22 -11.43 -9.92 14.20
N THR A 23 -12.00 -9.91 13.06
CA THR A 23 -13.03 -8.97 12.75
C THR A 23 -14.24 -9.14 13.67
N ASP A 24 -14.67 -10.37 13.88
CA ASP A 24 -15.87 -10.61 14.66
C ASP A 24 -15.55 -11.00 16.08
N GLU A 25 -14.26 -11.15 16.39
CA GLU A 25 -13.95 -11.81 17.65
C GLU A 25 -13.14 -10.89 18.57
N PHE A 26 -11.97 -10.47 18.08
CA PHE A 26 -11.05 -9.52 18.75
C PHE A 26 -10.36 -10.10 20.02
N GLU A 27 -11.04 -10.94 20.74
CA GLU A 27 -10.51 -11.46 22.03
C GLU A 27 -9.89 -12.86 21.90
N PHE A 28 -8.61 -12.95 22.25
CA PHE A 28 -7.91 -14.24 22.27
C PHE A 28 -6.99 -14.37 23.50
N PRO A 29 -6.78 -15.61 24.00
CA PRO A 29 -5.87 -15.93 25.12
C PRO A 29 -4.40 -15.80 24.77
N ILE A 30 -3.55 -15.59 25.78
CA ILE A 30 -2.09 -15.52 25.57
C ILE A 30 -1.60 -16.91 25.21
N GLY A 31 -0.76 -16.99 24.17
CA GLY A 31 -0.34 -18.29 23.67
C GLY A 31 -1.29 -18.84 22.59
N THR A 32 -2.01 -17.93 21.93
CA THR A 32 -2.92 -18.30 20.86
C THR A 32 -2.46 -17.70 19.55
N TYR A 33 -2.40 -18.55 18.54
CA TYR A 33 -1.91 -18.18 17.23
C TYR A 33 -3.07 -17.79 16.28
N LEU A 34 -2.89 -16.66 15.59
CA LEU A 34 -3.92 -16.06 14.66
C LEU A 34 -3.53 -16.10 13.19
N ASN A 35 -4.56 -16.26 12.37
CA ASN A 35 -4.44 -16.38 10.94
C ASN A 35 -4.51 -15.01 10.29
N TYR A 36 -3.37 -14.57 9.84
CA TYR A 36 -3.17 -13.29 9.12
C TYR A 36 -2.72 -13.44 7.67
N GLU A 37 -3.30 -12.60 6.83
CA GLU A 37 -2.96 -12.55 5.42
C GLU A 37 -2.83 -11.08 5.02
N CYS A 38 -1.95 -10.78 4.08
CA CYS A 38 -1.70 -9.40 3.67
C CYS A 38 -2.62 -8.97 2.55
N ARG A 39 -2.92 -7.66 2.51
CA ARG A 39 -3.60 -7.07 1.36
C ARG A 39 -2.84 -7.48 0.09
N PRO A 40 -3.49 -7.51 -1.07
CA PRO A 40 -2.81 -7.96 -2.27
C PRO A 40 -1.62 -7.06 -2.59
N GLY A 41 -0.57 -7.68 -3.08
CA GLY A 41 0.61 -6.97 -3.50
C GLY A 41 1.57 -6.59 -2.36
N TYR A 42 1.22 -6.92 -1.13
CA TYR A 42 2.15 -6.71 -0.01
C TYR A 42 3.17 -7.77 0.18
N SER A 43 4.37 -7.31 0.50
CA SER A 43 5.50 -8.12 0.82
C SER A 43 5.41 -8.54 2.29
N GLY A 44 6.36 -9.28 2.73
CA GLY A 44 6.32 -9.82 4.07
C GLY A 44 5.74 -11.21 4.06
N ARG A 45 5.80 -11.91 5.17
CA ARG A 45 5.29 -13.25 5.20
C ARG A 45 4.62 -13.54 6.54
N PRO A 46 3.37 -13.15 6.68
CA PRO A 46 2.58 -13.42 7.87
C PRO A 46 2.39 -14.90 8.09
N PHE A 47 2.36 -15.30 9.32
CA PHE A 47 1.98 -16.63 9.65
C PHE A 47 0.90 -16.53 10.69
N SER A 48 1.35 -16.35 11.89
CA SER A 48 0.46 -16.11 12.99
C SER A 48 1.09 -15.10 13.97
N ILE A 49 0.25 -14.34 14.66
CA ILE A 49 0.70 -13.45 15.75
C ILE A 49 0.22 -14.02 17.06
N ILE A 50 1.12 -14.06 18.03
CA ILE A 50 0.86 -14.63 19.37
C ILE A 50 1.10 -13.56 20.48
N CYS A 51 0.16 -13.38 21.40
CA CYS A 51 0.25 -12.37 22.55
C CYS A 51 1.56 -12.47 23.43
N LEU A 52 2.64 -12.94 22.87
CA LEU A 52 3.91 -13.16 23.57
C LEU A 52 4.54 -11.87 24.08
N LYS A 53 4.48 -10.84 23.26
CA LYS A 53 5.23 -9.64 23.55
C LYS A 53 4.37 -8.63 24.24
N ASN A 54 4.76 -8.30 25.46
CA ASN A 54 4.03 -7.38 26.34
C ASN A 54 2.61 -7.89 26.50
N SER A 55 2.46 -9.24 26.53
CA SER A 55 1.15 -9.89 26.60
C SER A 55 0.19 -9.30 25.55
N VAL A 56 0.76 -8.69 24.50
CA VAL A 56 -0.03 -8.12 23.45
C VAL A 56 0.04 -9.03 22.25
N TRP A 57 1.11 -8.88 21.41
CA TRP A 57 1.34 -9.74 20.24
C TRP A 57 2.84 -9.77 19.88
N THR A 58 3.26 -10.77 19.11
CA THR A 58 4.69 -10.99 18.82
C THR A 58 5.30 -9.87 18.00
N GLY A 59 4.49 -9.31 17.14
CA GLY A 59 4.95 -8.25 16.28
C GLY A 59 4.18 -8.17 15.00
N ALA A 60 2.92 -7.78 15.11
CA ALA A 60 2.03 -7.63 13.96
C ALA A 60 2.46 -6.41 13.13
N LYS A 61 3.33 -5.61 13.72
CA LYS A 61 3.87 -4.43 13.08
C LYS A 61 4.77 -4.77 11.91
N ASP A 62 4.57 -4.04 10.84
CA ASP A 62 5.41 -4.07 9.63
C ASP A 62 5.48 -5.47 9.06
N ARG A 63 4.42 -6.24 9.27
CA ARG A 63 4.38 -7.58 8.76
C ARG A 63 4.34 -7.59 7.25
N CYS A 64 3.59 -6.66 6.72
CA CYS A 64 3.38 -6.58 5.30
C CYS A 64 4.09 -5.35 4.83
N ARG A 65 4.76 -5.41 3.69
CA ARG A 65 5.55 -4.27 3.30
C ARG A 65 5.23 -3.85 1.86
N ARG A 66 5.25 -2.57 1.60
CA ARG A 66 4.99 -2.02 0.28
C ARG A 66 6.31 -1.55 -0.38
N LYS A 67 6.46 -1.80 -1.68
CA LYS A 67 7.66 -1.45 -2.42
C LYS A 67 7.72 0.01 -2.81
N SER A 68 8.92 0.54 -2.80
CA SER A 68 9.16 1.88 -3.26
C SER A 68 8.87 1.93 -4.76
N CYS A 69 8.29 3.03 -5.20
CA CYS A 69 7.90 3.21 -6.60
C CYS A 69 8.99 3.89 -7.39
N ARG A 70 8.91 3.81 -8.71
CA ARG A 70 9.92 4.42 -9.56
C ARG A 70 9.23 5.02 -10.76
N ASN A 71 9.78 6.08 -11.32
CA ASN A 71 9.15 6.68 -12.46
C ASN A 71 10.16 7.14 -13.53
N PRO A 72 10.86 6.20 -14.19
CA PRO A 72 11.71 6.52 -15.33
C PRO A 72 10.97 6.70 -16.72
N PRO A 73 9.65 6.26 -16.91
CA PRO A 73 8.97 6.43 -18.21
C PRO A 73 8.84 7.90 -18.61
N ASP A 74 8.80 8.78 -17.58
CA ASP A 74 8.63 10.25 -17.72
C ASP A 74 7.46 10.69 -18.64
N PRO A 75 6.89 11.87 -18.36
CA PRO A 75 5.85 12.47 -19.18
C PRO A 75 6.39 12.86 -20.55
N VAL A 76 5.51 12.91 -21.52
CA VAL A 76 5.88 13.17 -22.91
C VAL A 76 6.53 14.56 -22.98
N ASN A 77 5.92 15.53 -22.33
CA ASN A 77 6.49 16.87 -22.30
C ASN A 77 7.40 17.05 -21.08
N GLY A 78 7.62 15.96 -20.32
CA GLY A 78 8.53 16.00 -19.18
C GLY A 78 7.92 16.71 -17.99
N MET A 79 6.63 16.76 -17.98
CA MET A 79 5.89 17.55 -17.04
C MET A 79 5.28 16.65 -15.95
N VAL A 80 6.01 16.43 -14.84
CA VAL A 80 5.51 15.59 -13.73
C VAL A 80 5.80 16.24 -12.35
N HIS A 81 4.83 16.14 -11.43
CA HIS A 81 5.02 16.59 -10.04
C HIS A 81 4.89 15.38 -9.12
N VAL A 82 5.62 15.33 -8.02
CA VAL A 82 5.50 14.18 -7.10
C VAL A 82 4.95 14.60 -5.71
N ILE A 83 3.66 14.25 -5.45
CA ILE A 83 2.99 14.60 -4.18
C ILE A 83 3.58 13.93 -2.89
N LYS A 84 3.86 12.62 -3.00
CA LYS A 84 4.25 11.77 -1.84
C LYS A 84 5.68 11.22 -1.81
N GLY A 85 6.53 11.64 -2.71
CA GLY A 85 7.92 11.17 -2.66
C GLY A 85 8.15 9.82 -3.36
N ILE A 86 7.22 9.43 -4.23
CA ILE A 86 7.37 8.21 -5.06
C ILE A 86 7.41 6.90 -4.18
N GLN A 87 6.24 6.47 -3.75
CA GLN A 87 6.07 5.26 -2.91
C GLN A 87 4.73 4.59 -3.25
N PHE A 88 4.52 3.36 -2.82
CA PHE A 88 3.21 2.74 -3.05
C PHE A 88 2.13 3.52 -2.33
N GLY A 89 1.07 3.84 -3.08
CA GLY A 89 -0.01 4.67 -2.58
C GLY A 89 0.21 6.13 -2.90
N SER A 90 1.38 6.42 -3.45
CA SER A 90 1.76 7.77 -3.88
C SER A 90 1.05 8.15 -5.16
N GLN A 91 0.83 9.43 -5.34
CA GLN A 91 0.23 9.94 -6.54
C GLN A 91 1.12 11.08 -7.11
N ILE A 92 1.36 11.08 -8.43
CA ILE A 92 2.19 12.13 -9.07
C ILE A 92 1.45 12.77 -10.21
N LYS A 93 1.86 13.95 -10.65
CA LYS A 93 1.12 14.69 -11.65
C LYS A 93 1.75 14.70 -12.99
N TYR A 94 0.92 14.84 -13.96
CA TYR A 94 1.28 14.87 -15.36
C TYR A 94 0.84 16.18 -16.04
N SER A 95 0.98 17.29 -15.34
CA SER A 95 0.51 18.57 -15.87
C SER A 95 1.42 19.06 -17.02
N CYS A 96 0.89 18.92 -18.24
CA CYS A 96 1.67 19.18 -19.49
C CYS A 96 2.01 20.66 -19.71
N THR A 97 1.06 21.51 -19.40
CA THR A 97 1.16 22.93 -19.77
C THR A 97 0.41 23.85 -18.78
N LYS A 98 0.74 25.14 -18.76
CA LYS A 98 -0.01 26.10 -18.00
C LYS A 98 -1.46 26.26 -18.47
N GLY A 99 -1.64 26.39 -19.77
CA GLY A 99 -2.98 26.55 -20.32
C GLY A 99 -3.36 25.43 -21.24
N TYR A 100 -3.73 24.31 -20.67
CA TYR A 100 -4.11 23.14 -21.42
C TYR A 100 -5.05 22.34 -20.53
N ARG A 101 -5.70 21.35 -21.07
CA ARG A 101 -6.50 20.49 -20.24
C ARG A 101 -5.99 19.09 -20.48
N LEU A 102 -5.93 18.28 -19.46
CA LEU A 102 -5.48 16.94 -19.66
C LEU A 102 -6.67 16.03 -19.56
N ILE A 103 -6.93 15.38 -20.66
CA ILE A 103 -8.10 14.56 -20.86
C ILE A 103 -8.17 13.28 -20.00
N GLY A 104 -7.05 12.54 -19.91
CA GLY A 104 -7.04 11.31 -19.13
C GLY A 104 -6.55 11.54 -17.72
N SER A 105 -5.56 10.77 -17.29
CA SER A 105 -5.06 10.97 -15.96
C SER A 105 -3.98 12.07 -15.97
N SER A 106 -4.25 13.12 -15.19
CA SER A 106 -3.35 14.25 -14.98
C SER A 106 -2.49 13.97 -13.80
N SER A 107 -2.74 12.82 -13.21
CA SER A 107 -2.04 12.36 -12.08
C SER A 107 -2.09 10.82 -12.13
N ALA A 108 -1.20 10.15 -11.42
CA ALA A 108 -1.13 8.70 -11.44
C ALA A 108 -0.96 8.15 -10.04
N THR A 109 -1.47 6.97 -9.81
CA THR A 109 -1.48 6.37 -8.50
C THR A 109 -0.69 5.06 -8.56
N CYS A 110 0.24 4.87 -7.65
CA CYS A 110 1.08 3.69 -7.66
C CYS A 110 0.44 2.49 -6.95
N ILE A 111 0.39 1.37 -7.66
CA ILE A 111 -0.19 0.12 -7.19
C ILE A 111 0.80 -1.03 -7.39
N ILE A 112 0.61 -2.13 -6.68
CA ILE A 112 1.52 -3.28 -6.80
C ILE A 112 1.18 -4.09 -8.08
N SER A 113 2.17 -4.35 -8.95
CA SER A 113 1.96 -5.23 -10.09
C SER A 113 2.26 -6.67 -9.70
N GLY A 114 2.80 -6.81 -8.52
CA GLY A 114 3.20 -8.09 -8.00
C GLY A 114 4.70 -8.15 -7.83
N ASP A 115 5.43 -8.16 -8.94
CA ASP A 115 6.89 -8.15 -8.91
C ASP A 115 7.39 -6.84 -8.29
N THR A 116 6.73 -5.76 -8.67
CA THR A 116 7.13 -4.43 -8.33
C THR A 116 5.89 -3.52 -8.20
N VAL A 117 6.11 -2.24 -8.03
CA VAL A 117 5.04 -1.25 -7.96
C VAL A 117 5.05 -0.35 -9.20
N ILE A 118 3.90 -0.19 -9.81
CA ILE A 118 3.73 0.60 -11.02
C ILE A 118 2.63 1.64 -10.86
N TRP A 119 2.64 2.61 -11.73
CA TRP A 119 1.71 3.72 -11.71
C TRP A 119 0.52 3.39 -12.65
N ASP A 120 -0.69 3.87 -12.30
CA ASP A 120 -1.93 3.49 -13.04
C ASP A 120 -2.24 4.40 -14.22
N GLN A 121 -1.36 5.35 -14.51
CA GLN A 121 -1.55 6.23 -15.65
C GLN A 121 -1.68 5.41 -16.94
N GLU A 122 -2.73 5.70 -17.68
CA GLU A 122 -3.04 5.01 -18.93
C GLU A 122 -2.00 5.31 -20.00
N THR A 123 -1.61 6.53 -20.02
CA THR A 123 -0.62 7.09 -20.91
C THR A 123 -0.74 8.59 -20.78
N PRO A 124 0.35 9.36 -20.82
CA PRO A 124 0.22 10.80 -20.71
C PRO A 124 -0.62 11.36 -21.84
N ILE A 125 -1.45 12.32 -21.52
CA ILE A 125 -2.36 12.94 -22.46
C ILE A 125 -2.23 14.43 -22.39
N CYS A 126 -2.09 15.06 -23.48
CA CYS A 126 -2.05 16.49 -23.42
C CYS A 126 -3.00 17.08 -24.49
N ASP A 127 -4.12 17.69 -24.06
CA ASP A 127 -5.11 18.25 -25.02
C ASP A 127 -4.51 19.38 -25.85
N ARG A 128 -3.78 20.25 -25.15
CA ARG A 128 -3.09 21.40 -25.75
C ARG A 128 -3.85 22.01 -26.96
N GLN A 7 -7.26 -9.84 27.34
CA GLN A 7 -6.10 -10.64 27.57
C GLN A 7 -4.90 -9.97 26.87
N CYS A 8 -4.86 -10.13 25.54
CA CYS A 8 -3.84 -9.50 24.68
C CYS A 8 -4.25 -8.03 24.46
N ASN A 9 -5.54 -7.77 24.73
CA ASN A 9 -6.20 -6.44 24.55
C ASN A 9 -6.16 -5.98 23.14
N ALA A 10 -6.27 -6.94 22.21
CA ALA A 10 -6.33 -6.63 20.80
C ALA A 10 -4.98 -6.15 20.28
N PRO A 11 -4.55 -6.65 19.13
CA PRO A 11 -3.29 -6.18 18.54
C PRO A 11 -3.41 -4.70 18.16
N GLU A 12 -4.44 -4.42 17.35
CA GLU A 12 -4.85 -3.10 16.83
C GLU A 12 -5.39 -3.33 15.44
N TRP A 13 -5.59 -2.30 14.70
CA TRP A 13 -6.00 -2.50 13.36
C TRP A 13 -4.81 -2.33 12.43
N LEU A 14 -4.62 -3.33 11.63
CA LEU A 14 -3.53 -3.33 10.69
C LEU A 14 -4.10 -3.04 9.32
N PRO A 15 -3.84 -1.85 8.77
CA PRO A 15 -4.41 -1.44 7.49
C PRO A 15 -3.93 -2.34 6.33
N PHE A 16 -2.75 -2.93 6.49
CA PHE A 16 -2.13 -3.75 5.45
C PHE A 16 -2.99 -4.95 5.16
N ALA A 17 -3.43 -5.55 6.24
CA ALA A 17 -4.01 -6.86 6.25
C ALA A 17 -5.51 -6.89 6.32
N ARG A 18 -6.08 -8.01 5.90
CA ARG A 18 -7.49 -8.25 5.97
C ARG A 18 -7.74 -9.52 6.80
N PRO A 19 -7.56 -9.45 8.16
CA PRO A 19 -7.80 -10.59 9.02
C PRO A 19 -9.26 -10.93 9.11
N THR A 20 -9.52 -12.18 9.34
CA THR A 20 -10.86 -12.65 9.18
C THR A 20 -11.62 -12.75 10.51
N GLN A 21 -10.92 -12.54 11.62
CA GLN A 21 -11.50 -12.82 12.93
C GLN A 21 -11.46 -11.57 13.82
N LEU A 22 -10.41 -10.82 13.63
CA LEU A 22 -10.06 -9.65 14.42
C LEU A 22 -11.12 -8.56 14.43
N THR A 23 -11.94 -8.59 13.46
CA THR A 23 -12.87 -7.51 13.26
C THR A 23 -13.76 -7.36 14.49
N ASP A 24 -14.28 -8.45 15.00
CA ASP A 24 -15.04 -8.43 16.21
C ASP A 24 -14.36 -9.29 17.26
N GLU A 25 -13.15 -9.78 16.93
CA GLU A 25 -12.48 -10.69 17.79
C GLU A 25 -11.08 -10.21 18.01
N PHE A 26 -11.02 -9.11 18.60
CA PHE A 26 -9.83 -8.44 18.94
C PHE A 26 -8.98 -9.21 19.96
N GLU A 27 -9.64 -9.83 20.90
CA GLU A 27 -8.96 -10.43 22.07
C GLU A 27 -8.99 -11.96 22.08
N PHE A 28 -7.80 -12.56 22.33
CA PHE A 28 -7.68 -14.01 22.41
C PHE A 28 -6.63 -14.46 23.46
N PRO A 29 -6.70 -15.76 23.86
CA PRO A 29 -5.73 -16.42 24.74
C PRO A 29 -4.35 -16.61 24.10
N ILE A 30 -3.33 -16.76 24.95
CA ILE A 30 -1.96 -16.95 24.49
C ILE A 30 -1.82 -18.31 23.81
N GLY A 31 -1.17 -18.30 22.66
CA GLY A 31 -1.04 -19.51 21.87
C GLY A 31 -2.16 -19.67 20.86
N THR A 32 -2.94 -18.61 20.69
CA THR A 32 -4.01 -18.59 19.74
C THR A 32 -3.52 -17.83 18.50
N TYR A 33 -3.70 -18.44 17.35
CA TYR A 33 -3.17 -17.89 16.10
C TYR A 33 -4.28 -17.20 15.32
N LEU A 34 -4.01 -15.95 14.93
CA LEU A 34 -4.91 -15.12 14.14
C LEU A 34 -4.59 -15.17 12.71
N ASN A 35 -5.61 -15.20 11.92
CA ASN A 35 -5.45 -15.36 10.52
C ASN A 35 -5.36 -13.98 9.85
N TYR A 36 -4.16 -13.64 9.48
CA TYR A 36 -3.85 -12.43 8.72
C TYR A 36 -3.39 -12.77 7.34
N GLU A 37 -3.89 -12.04 6.41
CA GLU A 37 -3.43 -12.12 5.07
C GLU A 37 -2.89 -10.78 4.70
N CYS A 38 -1.74 -10.76 4.11
CA CYS A 38 -1.25 -9.51 3.60
C CYS A 38 -1.86 -9.36 2.27
N ARG A 39 -2.49 -8.21 2.03
CA ARG A 39 -3.20 -7.99 0.78
C ARG A 39 -2.29 -8.21 -0.43
N PRO A 40 -2.88 -8.36 -1.61
CA PRO A 40 -2.13 -8.42 -2.86
C PRO A 40 -1.28 -7.18 -2.96
N GLY A 41 -1.80 -6.12 -2.39
CA GLY A 41 -1.11 -4.85 -2.30
C GLY A 41 0.12 -4.86 -1.34
N TYR A 42 0.40 -5.98 -0.68
CA TYR A 42 1.58 -6.02 0.19
C TYR A 42 2.62 -7.09 -0.13
N SER A 43 3.87 -6.64 -0.14
CA SER A 43 5.08 -7.44 -0.42
C SER A 43 5.31 -8.58 0.59
N GLY A 44 5.09 -8.23 1.86
CA GLY A 44 5.51 -9.10 2.96
C GLY A 44 4.81 -10.43 3.05
N ARG A 45 5.54 -11.40 3.56
CA ARG A 45 5.05 -12.76 3.79
C ARG A 45 4.02 -12.73 4.89
N PRO A 46 2.79 -13.19 4.65
CA PRO A 46 1.78 -13.18 5.70
C PRO A 46 2.21 -14.06 6.86
N PHE A 47 1.93 -13.63 8.06
CA PHE A 47 2.16 -14.46 9.23
C PHE A 47 1.03 -14.30 10.20
N SER A 48 0.73 -15.35 10.92
CA SER A 48 -0.23 -15.26 11.99
C SER A 48 0.43 -14.51 13.22
N ILE A 49 -0.39 -13.78 13.95
CA ILE A 49 0.08 -13.12 15.16
C ILE A 49 -0.41 -13.89 16.39
N ILE A 50 0.51 -14.21 17.24
CA ILE A 50 0.27 -14.99 18.43
C ILE A 50 0.76 -14.22 19.67
N CYS A 51 -0.07 -14.10 20.71
CA CYS A 51 0.32 -13.39 21.99
C CYS A 51 1.54 -14.05 22.73
N LEU A 52 2.56 -14.40 21.94
CA LEU A 52 3.75 -15.12 22.39
C LEU A 52 4.57 -14.34 23.40
N LYS A 53 4.73 -13.04 23.13
CA LYS A 53 5.64 -12.25 23.95
C LYS A 53 4.85 -11.30 24.81
N ASN A 54 5.06 -11.43 26.11
CA ASN A 54 4.42 -10.61 27.11
C ASN A 54 2.91 -10.67 26.93
N SER A 55 2.43 -11.85 26.57
CA SER A 55 1.03 -12.08 26.32
C SER A 55 0.41 -11.04 25.37
N VAL A 56 1.25 -10.37 24.58
CA VAL A 56 0.74 -9.36 23.69
C VAL A 56 0.62 -9.94 22.30
N TRP A 57 1.66 -9.79 21.48
CA TRP A 57 1.68 -10.35 20.14
C TRP A 57 3.10 -10.65 19.69
N THR A 58 3.25 -11.38 18.60
CA THR A 58 4.55 -11.78 18.10
C THR A 58 5.39 -10.58 17.62
N GLY A 59 4.71 -9.57 17.10
CA GLY A 59 5.39 -8.39 16.54
C GLY A 59 4.72 -7.94 15.29
N ALA A 60 3.46 -7.59 15.44
CA ALA A 60 2.56 -7.25 14.34
C ALA A 60 2.92 -5.94 13.59
N LYS A 61 4.18 -5.51 13.60
CA LYS A 61 4.51 -4.27 12.91
C LYS A 61 5.31 -4.62 11.63
N ASP A 62 5.20 -3.74 10.60
CA ASP A 62 5.98 -3.85 9.32
C ASP A 62 5.87 -5.25 8.73
N ARG A 63 4.81 -5.96 9.12
CA ARG A 63 4.63 -7.35 8.71
C ARG A 63 4.40 -7.46 7.20
N CYS A 64 3.65 -6.52 6.68
CA CYS A 64 3.34 -6.49 5.28
C CYS A 64 3.99 -5.26 4.81
N ARG A 65 4.46 -5.26 3.62
CA ARG A 65 5.35 -4.23 3.22
C ARG A 65 4.95 -3.64 1.91
N ARG A 66 5.30 -2.40 1.74
CA ARG A 66 5.07 -1.70 0.52
C ARG A 66 6.41 -1.13 0.03
N LYS A 67 6.51 -0.92 -1.25
CA LYS A 67 7.77 -0.55 -1.88
C LYS A 67 7.70 0.85 -2.50
N SER A 68 8.86 1.47 -2.61
CA SER A 68 8.98 2.78 -3.20
C SER A 68 8.69 2.70 -4.71
N CYS A 69 8.12 3.74 -5.25
CA CYS A 69 7.70 3.77 -6.65
C CYS A 69 8.77 4.38 -7.54
N ARG A 70 8.47 4.46 -8.80
CA ARG A 70 9.45 4.85 -9.77
C ARG A 70 8.96 5.96 -10.71
N ASN A 71 9.80 6.95 -10.97
CA ASN A 71 9.44 7.98 -11.97
C ASN A 71 10.60 8.40 -12.92
N PRO A 72 11.71 7.57 -13.10
CA PRO A 72 12.77 7.91 -14.08
C PRO A 72 12.25 8.14 -15.54
N PRO A 73 11.16 7.41 -16.01
CA PRO A 73 10.63 7.61 -17.39
C PRO A 73 10.18 9.05 -17.62
N ASP A 74 9.74 9.73 -16.54
CA ASP A 74 9.28 11.16 -16.56
C ASP A 74 8.24 11.47 -17.68
N PRO A 75 7.42 12.50 -17.47
CA PRO A 75 6.43 12.98 -18.45
C PRO A 75 7.10 13.66 -19.65
N VAL A 76 6.38 13.72 -20.76
CA VAL A 76 6.93 14.19 -22.03
C VAL A 76 7.41 15.64 -21.91
N ASN A 77 6.65 16.49 -21.29
CA ASN A 77 7.05 17.89 -21.16
C ASN A 77 7.78 18.16 -19.83
N GLY A 78 8.05 17.11 -19.06
CA GLY A 78 8.77 17.28 -17.79
C GLY A 78 7.82 17.79 -16.73
N MET A 79 6.57 17.53 -16.95
CA MET A 79 5.49 18.06 -16.15
C MET A 79 4.85 16.97 -15.27
N VAL A 80 5.41 16.80 -14.09
CA VAL A 80 4.90 15.84 -13.09
C VAL A 80 5.04 16.47 -11.69
N HIS A 81 4.07 16.22 -10.85
CA HIS A 81 4.13 16.66 -9.46
C HIS A 81 4.15 15.45 -8.57
N VAL A 82 4.78 15.52 -7.43
CA VAL A 82 4.82 14.41 -6.52
C VAL A 82 4.27 14.87 -5.19
N ILE A 83 3.35 14.11 -4.63
CA ILE A 83 2.73 14.50 -3.39
C ILE A 83 3.48 13.84 -2.21
N LYS A 84 3.25 12.55 -2.03
CA LYS A 84 3.85 11.79 -0.92
C LYS A 84 5.37 11.67 -0.97
N GLY A 85 5.92 11.43 -2.14
CA GLY A 85 7.36 11.22 -2.26
C GLY A 85 7.71 10.01 -3.10
N ILE A 86 6.73 9.46 -3.82
CA ILE A 86 6.94 8.33 -4.75
C ILE A 86 6.96 6.93 -4.09
N GLN A 87 5.77 6.39 -3.81
CA GLN A 87 5.66 5.01 -3.32
C GLN A 87 4.22 4.48 -3.47
N PHE A 88 4.00 3.29 -2.93
CA PHE A 88 2.67 2.69 -2.89
C PHE A 88 1.76 3.51 -2.01
N GLY A 89 0.57 3.79 -2.52
CA GLY A 89 -0.34 4.61 -1.76
C GLY A 89 -0.03 6.07 -1.91
N SER A 90 0.62 6.39 -3.00
CA SER A 90 0.98 7.75 -3.30
C SER A 90 0.50 8.12 -4.66
N GLN A 91 0.26 9.40 -4.83
CA GLN A 91 -0.23 9.92 -6.07
C GLN A 91 0.64 11.04 -6.55
N ILE A 92 0.87 11.04 -7.82
CA ILE A 92 1.70 12.02 -8.51
C ILE A 92 0.92 12.60 -9.65
N LYS A 93 1.34 13.73 -10.19
CA LYS A 93 0.56 14.36 -11.22
C LYS A 93 1.21 14.28 -12.58
N TYR A 94 0.38 14.29 -13.57
CA TYR A 94 0.80 14.19 -14.96
C TYR A 94 0.25 15.31 -15.84
N SER A 95 0.37 16.55 -15.40
CA SER A 95 -0.11 17.67 -16.19
C SER A 95 0.78 17.87 -17.42
N CYS A 96 0.21 18.19 -18.57
CA CYS A 96 1.05 18.57 -19.74
C CYS A 96 1.35 20.05 -19.77
N THR A 97 0.34 20.83 -19.40
CA THR A 97 0.33 22.27 -19.66
C THR A 97 -0.91 22.90 -18.99
N LYS A 98 -0.95 24.22 -18.76
CA LYS A 98 -2.22 24.82 -18.30
C LYS A 98 -3.33 24.65 -19.35
N GLY A 99 -2.98 24.99 -20.58
CA GLY A 99 -3.94 25.05 -21.67
C GLY A 99 -3.86 23.88 -22.61
N TYR A 100 -4.23 22.73 -22.10
CA TYR A 100 -4.21 21.52 -22.92
C TYR A 100 -5.30 20.56 -22.41
N ARG A 101 -5.65 19.55 -23.18
CA ARG A 101 -6.61 18.57 -22.73
C ARG A 101 -5.85 17.28 -22.40
N LEU A 102 -6.14 16.65 -21.29
CA LEU A 102 -5.50 15.37 -21.03
C LEU A 102 -6.52 14.28 -21.25
N ILE A 103 -6.22 13.40 -22.19
CA ILE A 103 -7.08 12.29 -22.51
C ILE A 103 -7.15 11.30 -21.36
N GLY A 104 -5.97 11.00 -20.80
CA GLY A 104 -5.88 10.03 -19.71
C GLY A 104 -5.77 10.64 -18.34
N SER A 105 -5.04 9.95 -17.46
CA SER A 105 -4.97 10.35 -16.08
C SER A 105 -4.10 11.64 -15.90
N SER A 106 -4.61 12.56 -15.06
CA SER A 106 -3.91 13.82 -14.72
C SER A 106 -3.00 13.60 -13.54
N SER A 107 -3.11 12.44 -13.00
CA SER A 107 -2.30 12.01 -11.92
C SER A 107 -2.20 10.48 -11.99
N ALA A 108 -1.21 9.94 -11.37
CA ALA A 108 -1.04 8.51 -11.36
C ALA A 108 -1.01 8.04 -9.94
N THR A 109 -1.54 6.90 -9.72
CA THR A 109 -1.66 6.36 -8.40
C THR A 109 -0.90 5.03 -8.37
N CYS A 110 -0.06 4.85 -7.38
CA CYS A 110 0.72 3.64 -7.28
C CYS A 110 -0.02 2.51 -6.59
N ILE A 111 0.02 1.39 -7.28
CA ILE A 111 -0.58 0.14 -6.88
C ILE A 111 0.45 -0.99 -6.97
N ILE A 112 0.17 -2.10 -6.35
CA ILE A 112 1.15 -3.18 -6.23
C ILE A 112 0.94 -4.28 -7.27
N SER A 113 2.02 -4.59 -8.02
CA SER A 113 2.00 -5.67 -9.00
C SER A 113 2.29 -6.99 -8.32
N GLY A 114 2.76 -6.88 -7.09
CA GLY A 114 3.11 -8.02 -6.29
C GLY A 114 4.52 -7.88 -5.78
N ASP A 115 5.47 -8.17 -6.64
CA ASP A 115 6.90 -7.99 -6.34
C ASP A 115 7.26 -6.52 -6.12
N THR A 116 6.63 -5.66 -6.88
CA THR A 116 6.96 -4.26 -6.88
C THR A 116 5.72 -3.39 -6.95
N VAL A 117 5.94 -2.12 -7.12
CA VAL A 117 4.90 -1.12 -7.12
C VAL A 117 4.86 -0.41 -8.50
N ILE A 118 3.68 -0.30 -9.07
CA ILE A 118 3.51 0.33 -10.37
C ILE A 118 2.40 1.41 -10.37
N TRP A 119 2.43 2.27 -11.38
CA TRP A 119 1.49 3.40 -11.47
C TRP A 119 0.27 3.01 -12.32
N ASP A 120 -0.91 3.55 -11.99
CA ASP A 120 -2.18 3.16 -12.67
C ASP A 120 -2.42 3.96 -13.94
N GLN A 121 -1.54 4.88 -14.23
CA GLN A 121 -1.64 5.65 -15.45
C GLN A 121 -1.57 4.73 -16.65
N GLU A 122 -2.52 4.91 -17.57
CA GLU A 122 -2.60 4.06 -18.78
C GLU A 122 -1.36 4.25 -19.65
N THR A 123 -0.94 5.48 -19.76
CA THR A 123 0.20 5.90 -20.48
C THR A 123 0.15 7.41 -20.50
N PRO A 124 1.27 8.14 -20.38
CA PRO A 124 1.17 9.59 -20.42
C PRO A 124 0.61 10.07 -21.76
N ILE A 125 -0.23 11.08 -21.72
CA ILE A 125 -0.99 11.54 -22.86
C ILE A 125 -1.01 13.06 -22.88
N CYS A 126 -0.96 13.68 -24.04
CA CYS A 126 -1.21 15.13 -24.10
C CYS A 126 -2.04 15.48 -25.34
N ASP A 127 -3.33 15.93 -25.16
CA ASP A 127 -4.19 16.17 -26.36
C ASP A 127 -3.65 17.27 -27.22
N ARG A 128 -3.25 18.37 -26.55
CA ARG A 128 -2.72 19.56 -27.22
C ARG A 128 -3.35 19.80 -28.61
N GLN A 7 -8.29 -7.99 27.06
CA GLN A 7 -7.09 -8.75 27.37
C GLN A 7 -5.91 -8.26 26.53
N CYS A 8 -5.83 -8.70 25.29
CA CYS A 8 -4.78 -8.26 24.38
C CYS A 8 -5.10 -6.84 23.89
N ASN A 9 -6.39 -6.47 24.04
CA ASN A 9 -6.96 -5.20 23.55
C ASN A 9 -6.86 -4.96 22.09
N ALA A 10 -6.97 -6.05 21.33
CA ALA A 10 -7.06 -5.99 19.89
C ALA A 10 -5.82 -5.33 19.27
N PRO A 11 -5.02 -6.09 18.55
CA PRO A 11 -3.70 -5.62 18.07
C PRO A 11 -3.74 -4.39 17.21
N GLU A 12 -4.82 -4.32 16.42
CA GLU A 12 -5.20 -3.24 15.45
C GLU A 12 -5.78 -3.83 14.24
N TRP A 13 -6.17 -2.96 13.34
CA TRP A 13 -6.49 -3.38 12.06
C TRP A 13 -5.31 -3.13 11.17
N LEU A 14 -4.71 -4.20 10.76
CA LEU A 14 -3.57 -4.14 9.91
C LEU A 14 -4.04 -4.07 8.45
N PRO A 15 -3.83 -2.91 7.80
CA PRO A 15 -4.36 -2.65 6.46
C PRO A 15 -3.79 -3.57 5.37
N PHE A 16 -2.63 -4.15 5.61
CA PHE A 16 -2.04 -5.00 4.60
C PHE A 16 -2.25 -6.48 4.91
N ALA A 17 -3.05 -6.77 5.93
CA ALA A 17 -3.27 -8.15 6.33
C ALA A 17 -4.76 -8.47 6.44
N ARG A 18 -5.10 -9.72 6.18
CA ARG A 18 -6.46 -10.21 6.35
C ARG A 18 -6.49 -11.48 7.22
N PRO A 19 -6.38 -11.35 8.57
CA PRO A 19 -6.46 -12.48 9.48
C PRO A 19 -7.84 -13.12 9.41
N THR A 20 -7.89 -14.40 9.60
CA THR A 20 -9.15 -15.15 9.45
C THR A 20 -9.88 -15.35 10.80
N GLN A 21 -9.33 -14.75 11.84
CA GLN A 21 -9.78 -15.01 13.23
C GLN A 21 -10.26 -13.69 13.81
N LEU A 22 -9.43 -12.67 13.55
CA LEU A 22 -9.52 -11.32 14.09
C LEU A 22 -10.82 -10.64 13.83
N THR A 23 -11.52 -11.08 12.84
CA THR A 23 -12.71 -10.43 12.45
C THR A 23 -13.68 -10.42 13.63
N ASP A 24 -13.80 -11.56 14.30
CA ASP A 24 -14.58 -11.63 15.51
C ASP A 24 -13.68 -11.84 16.71
N GLU A 25 -12.37 -11.97 16.49
CA GLU A 25 -11.50 -12.44 17.56
C GLU A 25 -10.36 -11.49 17.72
N PHE A 26 -10.71 -10.35 18.11
CA PHE A 26 -9.81 -9.27 18.37
C PHE A 26 -8.86 -9.57 19.56
N GLU A 27 -9.37 -10.26 20.58
CA GLU A 27 -8.58 -10.40 21.84
C GLU A 27 -8.54 -11.82 22.36
N PHE A 28 -7.48 -12.13 23.16
CA PHE A 28 -7.33 -13.44 23.80
C PHE A 28 -6.63 -13.30 25.18
N PRO A 29 -6.84 -14.24 26.12
CA PRO A 29 -6.18 -14.19 27.44
C PRO A 29 -4.64 -14.07 27.40
N ILE A 30 -4.00 -14.83 26.47
CA ILE A 30 -2.52 -14.93 26.32
C ILE A 30 -2.14 -16.18 25.50
N GLY A 31 -1.01 -16.12 24.79
CA GLY A 31 -0.47 -17.32 24.12
C GLY A 31 -1.24 -17.78 22.91
N THR A 32 -1.89 -16.89 22.24
CA THR A 32 -2.67 -17.26 21.10
C THR A 32 -2.01 -16.73 19.84
N TYR A 33 -1.80 -17.62 18.89
CA TYR A 33 -1.20 -17.25 17.63
C TYR A 33 -2.28 -16.94 16.63
N LEU A 34 -2.13 -15.80 16.00
CA LEU A 34 -3.07 -15.33 15.02
C LEU A 34 -2.57 -15.47 13.63
N ASN A 35 -3.44 -15.96 12.79
CA ASN A 35 -3.15 -16.16 11.43
C ASN A 35 -3.39 -14.90 10.67
N TYR A 36 -2.31 -14.30 10.29
CA TYR A 36 -2.30 -13.15 9.41
C TYR A 36 -1.82 -13.54 8.04
N GLU A 37 -2.57 -13.11 7.04
CA GLU A 37 -2.26 -13.39 5.66
C GLU A 37 -2.19 -12.09 4.89
N CYS A 38 -1.30 -12.01 3.94
CA CYS A 38 -1.07 -10.78 3.22
C CYS A 38 -1.90 -10.69 1.96
N ARG A 39 -2.32 -9.48 1.65
CA ARG A 39 -3.07 -9.19 0.42
C ARG A 39 -2.14 -9.40 -0.81
N PRO A 40 -2.71 -9.47 -2.05
CA PRO A 40 -1.91 -9.63 -3.25
C PRO A 40 -0.97 -8.44 -3.43
N GLY A 41 0.20 -8.71 -3.95
CA GLY A 41 1.20 -7.68 -4.12
C GLY A 41 2.10 -7.54 -2.90
N TYR A 42 1.91 -8.41 -1.92
CA TYR A 42 2.74 -8.42 -0.76
C TYR A 42 3.65 -9.65 -0.71
N SER A 43 4.91 -9.37 -0.48
CA SER A 43 6.00 -10.37 -0.44
C SER A 43 5.79 -11.40 0.66
N GLY A 44 5.36 -10.94 1.81
CA GLY A 44 5.23 -11.81 2.97
C GLY A 44 4.14 -12.85 2.84
N ARG A 45 4.36 -13.98 3.48
CA ARG A 45 3.41 -15.07 3.50
C ARG A 45 2.79 -15.06 4.94
N PRO A 46 2.03 -16.09 5.43
CA PRO A 46 1.40 -15.95 6.75
C PRO A 46 2.37 -15.77 7.92
N PHE A 47 1.94 -14.94 8.84
CA PHE A 47 2.65 -14.57 10.04
C PHE A 47 1.73 -14.65 11.22
N SER A 48 2.28 -14.80 12.40
CA SER A 48 1.45 -14.86 13.55
C SER A 48 1.87 -13.83 14.60
N ILE A 49 0.89 -13.38 15.35
CA ILE A 49 1.06 -12.45 16.47
C ILE A 49 0.58 -13.13 17.73
N ILE A 50 1.38 -13.12 18.77
CA ILE A 50 1.05 -13.84 20.00
C ILE A 50 0.98 -12.87 21.18
N CYS A 51 -0.11 -12.91 21.97
CA CYS A 51 -0.26 -12.03 23.16
C CYS A 51 0.78 -12.38 24.23
N LEU A 52 2.03 -12.04 23.93
CA LEU A 52 3.14 -12.33 24.80
C LEU A 52 3.55 -11.12 25.62
N LYS A 53 3.90 -10.03 24.89
CA LYS A 53 4.49 -8.87 25.52
C LYS A 53 3.47 -8.01 26.17
N ASN A 54 3.68 -7.80 27.47
CA ASN A 54 2.79 -7.01 28.31
C ASN A 54 1.36 -7.54 28.18
N SER A 55 1.25 -8.87 28.00
CA SER A 55 -0.04 -9.55 27.73
C SER A 55 -0.77 -8.94 26.52
N VAL A 56 -0.07 -8.13 25.72
CA VAL A 56 -0.66 -7.46 24.57
C VAL A 56 -0.38 -8.25 23.30
N TRP A 57 0.71 -7.91 22.55
CA TRP A 57 1.07 -8.65 21.32
C TRP A 57 2.56 -8.69 21.08
N THR A 58 2.97 -9.69 20.31
CA THR A 58 4.34 -9.85 19.89
C THR A 58 4.85 -8.70 19.02
N GLY A 59 4.04 -8.25 18.07
CA GLY A 59 4.47 -7.20 17.17
C GLY A 59 3.94 -7.42 15.77
N ALA A 60 2.89 -6.72 15.44
CA ALA A 60 2.27 -6.81 14.16
C ALA A 60 2.63 -5.61 13.31
N LYS A 61 3.87 -5.53 12.89
CA LYS A 61 4.29 -4.42 12.03
C LYS A 61 5.25 -4.96 10.96
N ASP A 62 5.28 -4.28 9.81
CA ASP A 62 6.21 -4.60 8.67
C ASP A 62 6.07 -6.08 8.24
N ARG A 63 4.96 -6.68 8.63
CA ARG A 63 4.76 -8.11 8.40
C ARG A 63 4.64 -8.46 6.88
N CYS A 64 3.94 -7.59 6.12
CA CYS A 64 3.72 -7.78 4.67
C CYS A 64 4.49 -6.72 3.98
N ARG A 65 4.95 -6.99 2.78
CA ARG A 65 5.84 -6.08 2.14
C ARG A 65 5.34 -5.74 0.74
N ARG A 66 5.54 -4.50 0.33
CA ARG A 66 5.06 -3.99 -0.95
C ARG A 66 6.22 -3.59 -1.87
N LYS A 67 5.98 -3.75 -3.14
CA LYS A 67 6.92 -3.49 -4.21
C LYS A 67 7.03 -2.01 -4.55
N SER A 68 8.26 -1.58 -4.79
CA SER A 68 8.55 -0.20 -5.08
C SER A 68 8.05 0.25 -6.47
N CYS A 69 7.57 1.46 -6.51
CA CYS A 69 7.10 2.15 -7.72
C CYS A 69 8.23 3.01 -8.24
N ARG A 70 8.25 3.20 -9.52
CA ARG A 70 9.29 3.99 -10.14
C ARG A 70 8.65 4.95 -11.13
N ASN A 71 9.27 6.08 -11.35
CA ASN A 71 8.69 7.05 -12.25
C ASN A 71 9.71 8.02 -12.85
N PRO A 72 10.47 7.56 -13.85
CA PRO A 72 11.25 8.43 -14.67
C PRO A 72 10.66 8.64 -16.13
N PRO A 73 9.37 8.14 -16.51
CA PRO A 73 8.84 8.38 -17.87
C PRO A 73 8.68 9.86 -18.15
N ASP A 74 8.40 10.61 -17.07
CA ASP A 74 8.19 12.07 -17.11
C ASP A 74 7.08 12.53 -18.09
N PRO A 75 6.39 13.61 -17.73
CA PRO A 75 5.41 14.29 -18.58
C PRO A 75 6.11 14.95 -19.76
N VAL A 76 5.39 15.20 -20.83
CA VAL A 76 6.04 15.62 -22.07
C VAL A 76 6.79 16.93 -21.88
N ASN A 77 6.20 17.89 -21.21
CA ASN A 77 6.89 19.17 -20.96
C ASN A 77 7.65 19.20 -19.62
N GLY A 78 7.75 18.03 -18.97
CA GLY A 78 8.61 17.91 -17.79
C GLY A 78 8.05 18.38 -16.44
N MET A 79 6.74 18.48 -16.26
CA MET A 79 6.23 18.87 -14.93
C MET A 79 5.47 17.72 -14.25
N VAL A 80 6.15 17.03 -13.35
CA VAL A 80 5.53 15.97 -12.56
C VAL A 80 5.79 16.17 -11.05
N HIS A 81 4.77 15.98 -10.25
CA HIS A 81 4.87 16.14 -8.81
C HIS A 81 4.64 14.83 -8.15
N VAL A 82 5.17 14.66 -6.96
CA VAL A 82 4.96 13.43 -6.22
C VAL A 82 4.41 13.74 -4.83
N ILE A 83 3.35 13.04 -4.44
CA ILE A 83 2.70 13.30 -3.14
C ILE A 83 3.27 12.42 -2.01
N LYS A 84 3.31 11.12 -2.29
CA LYS A 84 3.64 10.11 -1.26
C LYS A 84 5.12 9.67 -1.26
N GLY A 85 5.91 10.16 -2.20
CA GLY A 85 7.31 9.76 -2.26
C GLY A 85 7.61 8.58 -3.22
N ILE A 86 6.65 8.29 -4.12
CA ILE A 86 6.79 7.23 -5.13
C ILE A 86 6.88 5.85 -4.49
N GLN A 87 5.72 5.29 -4.24
CA GLN A 87 5.58 3.96 -3.67
C GLN A 87 4.18 3.47 -3.95
N PHE A 88 3.89 2.25 -3.59
CA PHE A 88 2.55 1.72 -3.71
C PHE A 88 1.59 2.53 -2.84
N GLY A 89 0.49 2.97 -3.47
CA GLY A 89 -0.47 3.84 -2.83
C GLY A 89 -0.19 5.30 -3.13
N SER A 90 0.98 5.58 -3.73
CA SER A 90 1.34 6.94 -4.07
C SER A 90 0.56 7.44 -5.27
N GLN A 91 0.23 8.70 -5.24
CA GLN A 91 -0.37 9.36 -6.37
C GLN A 91 0.53 10.55 -6.75
N ILE A 92 0.76 10.71 -8.05
CA ILE A 92 1.67 11.75 -8.56
C ILE A 92 1.02 12.59 -9.66
N LYS A 93 1.56 13.78 -9.96
CA LYS A 93 0.84 14.68 -10.89
C LYS A 93 1.59 14.81 -12.15
N TYR A 94 0.88 14.85 -13.21
CA TYR A 94 1.44 15.15 -14.47
C TYR A 94 0.85 16.45 -14.99
N SER A 95 1.71 17.35 -15.33
CA SER A 95 1.31 18.58 -15.97
C SER A 95 2.30 18.94 -17.10
N CYS A 96 1.77 19.42 -18.21
CA CYS A 96 2.62 19.84 -19.36
C CYS A 96 2.80 21.37 -19.43
N THR A 97 1.71 22.06 -19.22
CA THR A 97 1.61 23.48 -19.51
C THR A 97 0.64 24.17 -18.54
N LYS A 98 0.70 25.47 -18.41
CA LYS A 98 -0.31 26.20 -17.66
C LYS A 98 -1.69 26.30 -18.36
N GLY A 99 -1.67 26.66 -19.61
CA GLY A 99 -2.89 26.96 -20.35
C GLY A 99 -3.39 25.83 -21.20
N TYR A 100 -3.13 24.64 -20.77
CA TYR A 100 -3.48 23.45 -21.55
C TYR A 100 -4.38 22.51 -20.74
N ARG A 101 -4.76 21.39 -21.34
CA ARG A 101 -5.58 20.39 -20.66
C ARG A 101 -4.84 19.08 -20.75
N LEU A 102 -4.91 18.28 -19.75
CA LEU A 102 -4.32 16.98 -19.91
C LEU A 102 -5.42 15.96 -20.17
N ILE A 103 -5.34 15.29 -21.31
CA ILE A 103 -6.35 14.32 -21.73
C ILE A 103 -6.40 13.08 -20.82
N GLY A 104 -5.24 12.55 -20.47
CA GLY A 104 -5.17 11.34 -19.67
C GLY A 104 -4.97 11.59 -18.20
N SER A 105 -4.13 10.78 -17.60
CA SER A 105 -3.95 10.83 -16.16
C SER A 105 -3.16 12.04 -15.68
N SER A 106 -3.90 13.02 -15.17
CA SER A 106 -3.37 14.20 -14.50
C SER A 106 -2.63 13.75 -13.29
N SER A 107 -3.20 12.80 -12.59
CA SER A 107 -2.49 12.26 -11.50
C SER A 107 -2.53 10.72 -11.58
N ALA A 108 -1.34 10.10 -11.75
CA ALA A 108 -1.19 8.65 -11.76
C ALA A 108 -1.26 8.09 -10.35
N THR A 109 -1.80 6.92 -10.24
CA THR A 109 -1.88 6.25 -8.99
C THR A 109 -1.19 4.88 -9.10
N CYS A 110 -0.29 4.56 -8.17
CA CYS A 110 0.40 3.25 -8.19
C CYS A 110 -0.37 2.24 -7.38
N ILE A 111 -0.85 1.22 -8.09
CA ILE A 111 -1.66 0.16 -7.50
C ILE A 111 -1.12 -1.20 -7.86
N ILE A 112 -1.55 -2.20 -7.13
CA ILE A 112 -1.09 -3.54 -7.41
C ILE A 112 -1.89 -4.10 -8.59
N SER A 113 -1.17 -4.53 -9.59
CA SER A 113 -1.73 -5.14 -10.79
C SER A 113 -2.35 -6.50 -10.46
N GLY A 114 -1.74 -7.14 -9.50
CA GLY A 114 -2.10 -8.44 -9.08
C GLY A 114 -0.85 -9.25 -8.82
N ASP A 115 0.23 -8.84 -9.51
CA ASP A 115 1.54 -9.46 -9.35
C ASP A 115 2.61 -8.41 -8.94
N THR A 116 2.47 -7.19 -9.47
CA THR A 116 3.46 -6.12 -9.28
C THR A 116 2.79 -4.73 -9.12
N VAL A 117 3.58 -3.69 -8.80
CA VAL A 117 3.02 -2.35 -8.66
C VAL A 117 3.24 -1.54 -9.97
N ILE A 118 2.15 -0.99 -10.47
CA ILE A 118 2.14 -0.22 -11.71
C ILE A 118 1.40 1.11 -11.52
N TRP A 119 1.64 2.06 -12.40
CA TRP A 119 0.90 3.30 -12.39
C TRP A 119 -0.28 3.17 -13.37
N ASP A 120 -1.39 3.83 -13.06
CA ASP A 120 -2.62 3.74 -13.88
C ASP A 120 -2.54 4.73 -15.06
N GLN A 121 -1.43 5.48 -15.14
CA GLN A 121 -1.19 6.43 -16.25
C GLN A 121 -1.20 5.74 -17.59
N GLU A 122 -1.94 6.31 -18.50
CA GLU A 122 -2.04 5.79 -19.85
C GLU A 122 -0.68 5.90 -20.57
N THR A 123 -0.04 7.06 -20.38
CA THR A 123 1.22 7.45 -21.04
C THR A 123 1.28 8.99 -20.94
N PRO A 124 2.45 9.67 -21.19
CA PRO A 124 2.43 11.14 -21.19
C PRO A 124 1.48 11.67 -22.28
N ILE A 125 0.72 12.71 -21.97
CA ILE A 125 -0.23 13.30 -22.92
C ILE A 125 -0.21 14.80 -22.74
N CYS A 126 -0.51 15.60 -23.77
CA CYS A 126 -0.66 17.04 -23.55
C CYS A 126 -1.69 17.65 -24.57
N ASP A 127 -2.90 18.19 -24.09
CA ASP A 127 -3.91 18.76 -25.04
C ASP A 127 -3.35 19.96 -25.80
N ARG A 128 -2.71 20.89 -25.05
CA ARG A 128 -2.18 22.13 -25.62
C ARG A 128 -2.93 22.64 -26.85
N GLN A 7 -6.94 -11.25 26.74
CA GLN A 7 -5.55 -11.51 26.96
C GLN A 7 -4.67 -10.58 26.19
N CYS A 8 -4.63 -10.71 24.84
CA CYS A 8 -3.74 -9.86 24.10
C CYS A 8 -4.30 -8.45 24.01
N ASN A 9 -5.63 -8.34 24.17
CA ASN A 9 -6.35 -7.05 24.11
C ASN A 9 -6.19 -6.32 22.85
N ALA A 10 -6.46 -7.00 21.75
CA ALA A 10 -6.55 -6.34 20.44
C ALA A 10 -5.19 -5.99 19.88
N PRO A 11 -4.72 -6.76 18.88
CA PRO A 11 -3.35 -6.60 18.36
C PRO A 11 -3.04 -5.21 17.91
N GLU A 12 -3.95 -4.73 17.06
CA GLU A 12 -3.85 -3.49 16.36
C GLU A 12 -4.60 -3.62 15.00
N TRP A 13 -4.89 -2.52 14.36
CA TRP A 13 -5.40 -2.55 13.02
C TRP A 13 -4.25 -2.49 12.04
N LEU A 14 -4.20 -3.47 11.19
CA LEU A 14 -3.12 -3.56 10.25
C LEU A 14 -3.63 -3.19 8.90
N PRO A 15 -3.17 -2.07 8.34
CA PRO A 15 -3.69 -1.60 7.06
C PRO A 15 -3.45 -2.61 5.94
N PHE A 16 -2.36 -3.33 6.11
CA PHE A 16 -1.90 -4.31 5.18
C PHE A 16 -2.91 -5.45 5.12
N ALA A 17 -3.39 -5.81 6.32
CA ALA A 17 -4.09 -7.06 6.57
C ALA A 17 -5.49 -6.89 7.10
N ARG A 18 -6.35 -7.78 6.70
CA ARG A 18 -7.70 -7.77 7.23
C ARG A 18 -8.00 -9.13 7.83
N PRO A 19 -7.64 -9.33 9.10
CA PRO A 19 -7.84 -10.59 9.79
C PRO A 19 -9.32 -10.89 9.87
N THR A 20 -9.63 -12.14 9.86
CA THR A 20 -10.99 -12.58 9.67
C THR A 20 -11.72 -12.74 11.00
N GLN A 21 -11.00 -12.53 12.08
CA GLN A 21 -11.51 -12.89 13.38
C GLN A 21 -11.70 -11.65 14.27
N LEU A 22 -10.66 -10.83 14.31
CA LEU A 22 -10.53 -9.73 15.29
C LEU A 22 -11.58 -8.62 15.15
N THR A 23 -12.27 -8.57 14.06
CA THR A 23 -13.25 -7.54 13.86
C THR A 23 -14.36 -7.65 14.95
N ASP A 24 -14.79 -8.86 15.24
CA ASP A 24 -15.79 -9.07 16.27
C ASP A 24 -15.16 -9.54 17.58
N GLU A 25 -13.86 -9.75 17.56
CA GLU A 25 -13.17 -10.32 18.68
C GLU A 25 -11.73 -9.98 18.66
N PHE A 26 -11.50 -8.84 19.14
CA PHE A 26 -10.20 -8.27 19.34
C PHE A 26 -9.44 -9.07 20.39
N GLU A 27 -10.17 -9.51 21.42
CA GLU A 27 -9.58 -10.15 22.56
C GLU A 27 -9.45 -11.66 22.34
N PHE A 28 -8.22 -12.19 22.47
CA PHE A 28 -7.96 -13.62 22.29
C PHE A 28 -7.07 -14.13 23.41
N PRO A 29 -7.23 -15.40 23.79
CA PRO A 29 -6.40 -16.08 24.81
C PRO A 29 -4.97 -16.38 24.34
N ILE A 30 -4.08 -16.59 25.31
CA ILE A 30 -2.70 -16.97 25.04
C ILE A 30 -2.67 -18.37 24.49
N GLY A 31 -1.91 -18.52 23.42
CA GLY A 31 -1.89 -19.79 22.73
C GLY A 31 -2.95 -19.88 21.65
N THR A 32 -3.39 -18.73 21.19
CA THR A 32 -4.35 -18.63 20.10
C THR A 32 -3.69 -17.94 18.92
N TYR A 33 -3.83 -18.59 17.77
CA TYR A 33 -3.18 -18.14 16.54
C TYR A 33 -4.22 -17.46 15.63
N LEU A 34 -3.84 -16.29 15.12
CA LEU A 34 -4.72 -15.43 14.26
C LEU A 34 -4.44 -15.46 12.78
N ASN A 35 -5.53 -15.46 12.04
CA ASN A 35 -5.52 -15.47 10.64
C ASN A 35 -5.42 -14.01 10.09
N TYR A 36 -4.21 -13.69 9.64
CA TYR A 36 -3.86 -12.43 8.95
C TYR A 36 -3.45 -12.65 7.52
N GLU A 37 -3.96 -11.80 6.62
CA GLU A 37 -3.55 -11.86 5.24
C GLU A 37 -2.95 -10.52 4.79
N CYS A 38 -1.80 -10.59 4.15
CA CYS A 38 -1.12 -9.41 3.58
C CYS A 38 -1.63 -9.12 2.23
N ARG A 39 -1.62 -7.86 1.87
CA ARG A 39 -1.87 -7.50 0.52
C ARG A 39 -0.77 -8.14 -0.31
N PRO A 40 -1.11 -8.81 -1.39
CA PRO A 40 -0.11 -9.52 -2.23
C PRO A 40 0.91 -8.57 -2.86
N GLY A 41 2.14 -9.04 -3.00
CA GLY A 41 3.20 -8.19 -3.50
C GLY A 41 3.85 -7.35 -2.42
N TYR A 42 3.67 -7.80 -1.20
CA TYR A 42 4.30 -7.22 -0.02
C TYR A 42 5.42 -8.09 0.44
N SER A 43 6.50 -7.45 0.83
CA SER A 43 7.74 -8.14 1.16
C SER A 43 7.56 -9.13 2.31
N GLY A 44 6.82 -8.73 3.32
CA GLY A 44 6.63 -9.59 4.45
C GLY A 44 5.72 -10.77 4.17
N ARG A 45 6.06 -11.92 4.72
CA ARG A 45 5.25 -13.12 4.59
C ARG A 45 4.29 -13.22 5.75
N PRO A 46 3.00 -13.44 5.47
CA PRO A 46 2.00 -13.57 6.51
C PRO A 46 2.25 -14.75 7.43
N PHE A 47 1.94 -14.55 8.69
CA PHE A 47 1.96 -15.56 9.71
C PHE A 47 1.05 -15.22 10.86
N SER A 48 0.64 -16.19 11.61
CA SER A 48 -0.27 -15.94 12.70
C SER A 48 0.42 -15.26 13.91
N ILE A 49 -0.34 -14.43 14.59
CA ILE A 49 0.11 -13.79 15.82
C ILE A 49 -0.54 -14.49 17.03
N ILE A 50 0.28 -14.79 18.03
CA ILE A 50 -0.15 -15.51 19.25
C ILE A 50 0.23 -14.64 20.50
N CYS A 51 -0.69 -14.42 21.51
CA CYS A 51 -0.37 -13.52 22.72
C CYS A 51 0.93 -13.94 23.51
N LEU A 52 1.89 -14.48 22.84
CA LEU A 52 3.03 -15.13 23.49
C LEU A 52 3.86 -14.17 24.33
N LYS A 53 4.11 -13.00 23.78
CA LYS A 53 4.96 -12.05 24.42
C LYS A 53 4.20 -11.03 25.19
N ASN A 54 4.45 -11.04 26.50
CA ASN A 54 3.82 -10.10 27.44
C ASN A 54 2.31 -10.21 27.33
N SER A 55 1.86 -11.43 27.02
CA SER A 55 0.45 -11.71 26.84
C SER A 55 -0.16 -10.82 25.75
N VAL A 56 0.68 -10.24 24.87
CA VAL A 56 0.16 -9.40 23.81
C VAL A 56 0.22 -10.16 22.51
N TRP A 57 1.33 -10.09 21.80
CA TRP A 57 1.44 -10.83 20.56
C TRP A 57 2.89 -11.20 20.27
N THR A 58 3.09 -12.20 19.42
CA THR A 58 4.42 -12.63 19.00
C THR A 58 5.19 -11.54 18.23
N GLY A 59 4.51 -10.88 17.30
CA GLY A 59 5.11 -9.80 16.56
C GLY A 59 4.22 -9.34 15.39
N ALA A 60 3.27 -8.48 15.71
CA ALA A 60 2.30 -7.96 14.72
C ALA A 60 2.80 -6.67 13.99
N LYS A 61 3.90 -6.09 14.40
CA LYS A 61 4.40 -4.85 13.80
C LYS A 61 5.17 -5.02 12.46
N ASP A 62 4.84 -4.11 11.47
CA ASP A 62 5.57 -4.01 10.16
C ASP A 62 5.52 -5.31 9.36
N ARG A 63 4.39 -5.96 9.43
CA ARG A 63 4.23 -7.28 8.91
C ARG A 63 4.39 -7.36 7.39
N CYS A 64 3.85 -6.40 6.67
CA CYS A 64 3.85 -6.48 5.22
C CYS A 64 4.52 -5.20 4.73
N ARG A 65 5.22 -5.24 3.61
CA ARG A 65 5.91 -4.04 3.22
C ARG A 65 5.62 -3.67 1.75
N ARG A 66 5.40 -2.39 1.54
CA ARG A 66 5.01 -1.75 0.26
C ARG A 66 6.28 -1.30 -0.47
N LYS A 67 6.22 -1.17 -1.79
CA LYS A 67 7.42 -0.86 -2.53
C LYS A 67 7.57 0.49 -3.15
N SER A 68 8.85 0.87 -3.31
CA SER A 68 9.26 2.13 -3.87
C SER A 68 8.83 2.21 -5.33
N CYS A 69 8.30 3.37 -5.69
CA CYS A 69 7.74 3.63 -7.02
C CYS A 69 8.75 4.48 -7.82
N ARG A 70 8.61 4.55 -9.15
CA ARG A 70 9.52 5.38 -9.94
C ARG A 70 8.74 6.05 -11.05
N ASN A 71 9.18 7.22 -11.49
CA ASN A 71 8.48 7.94 -12.54
C ASN A 71 9.41 8.44 -13.69
N PRO A 72 10.37 7.60 -14.19
CA PRO A 72 11.14 7.99 -15.37
C PRO A 72 10.37 7.85 -16.73
N PRO A 73 9.15 7.12 -16.84
CA PRO A 73 8.38 7.12 -18.09
C PRO A 73 7.99 8.54 -18.44
N ASP A 74 7.82 9.37 -17.39
CA ASP A 74 7.63 10.82 -17.48
C ASP A 74 6.46 11.30 -18.43
N PRO A 75 5.91 12.50 -18.11
CA PRO A 75 4.87 13.18 -18.92
C PRO A 75 5.44 13.58 -20.26
N VAL A 76 4.60 13.73 -21.27
CA VAL A 76 5.10 13.98 -22.62
C VAL A 76 5.93 15.29 -22.64
N ASN A 77 5.43 16.34 -22.04
CA ASN A 77 6.23 17.57 -21.93
C ASN A 77 7.47 17.33 -21.06
N GLY A 78 7.28 16.58 -19.99
CA GLY A 78 8.31 16.40 -19.00
C GLY A 78 7.98 17.20 -17.75
N MET A 79 6.70 17.31 -17.49
CA MET A 79 6.16 18.06 -16.35
C MET A 79 5.28 17.21 -15.41
N VAL A 80 5.88 16.66 -14.38
CA VAL A 80 5.15 15.86 -13.37
C VAL A 80 5.45 16.36 -11.94
N HIS A 81 4.39 16.47 -11.14
CA HIS A 81 4.50 16.82 -9.72
C HIS A 81 4.13 15.71 -8.83
N VAL A 82 4.98 15.46 -7.85
CA VAL A 82 4.77 14.34 -6.97
C VAL A 82 4.25 14.83 -5.59
N ILE A 83 3.01 14.49 -5.29
CA ILE A 83 2.44 14.84 -4.00
C ILE A 83 3.14 14.15 -2.83
N LYS A 84 3.39 12.84 -3.01
CA LYS A 84 3.95 12.00 -1.93
C LYS A 84 5.45 11.74 -2.04
N GLY A 85 6.07 12.20 -3.10
CA GLY A 85 7.51 11.93 -3.27
C GLY A 85 7.79 10.59 -3.94
N ILE A 86 6.82 10.07 -4.72
CA ILE A 86 6.99 8.80 -5.50
C ILE A 86 7.18 7.56 -4.58
N GLN A 87 6.06 7.02 -4.10
CA GLN A 87 6.04 5.88 -3.18
C GLN A 87 4.70 5.12 -3.33
N PHE A 88 4.55 3.96 -2.70
CA PHE A 88 3.33 3.20 -2.81
C PHE A 88 2.11 3.98 -2.27
N GLY A 89 1.03 3.96 -3.05
CA GLY A 89 -0.21 4.63 -2.65
C GLY A 89 -0.17 6.10 -2.90
N SER A 90 0.91 6.54 -3.54
CA SER A 90 1.08 7.92 -3.85
C SER A 90 0.31 8.32 -5.10
N GLN A 91 0.11 9.61 -5.22
CA GLN A 91 -0.54 10.17 -6.36
C GLN A 91 0.28 11.38 -6.85
N ILE A 92 0.54 11.44 -8.15
CA ILE A 92 1.34 12.55 -8.74
C ILE A 92 0.59 13.15 -9.91
N LYS A 93 0.98 14.35 -10.32
CA LYS A 93 0.28 15.04 -11.40
C LYS A 93 1.09 15.10 -12.65
N TYR A 94 0.39 14.89 -13.73
CA TYR A 94 0.88 14.99 -15.05
C TYR A 94 0.22 16.16 -15.73
N SER A 95 0.85 17.29 -15.60
CA SER A 95 0.35 18.47 -16.24
C SER A 95 1.34 18.93 -17.29
N CYS A 96 0.90 18.97 -18.51
CA CYS A 96 1.75 19.31 -19.66
C CYS A 96 2.00 20.84 -19.75
N THR A 97 1.00 21.59 -19.35
CA THR A 97 0.93 23.03 -19.60
C THR A 97 -0.10 23.68 -18.66
N LYS A 98 -0.17 25.01 -18.61
CA LYS A 98 -1.29 25.62 -18.06
C LYS A 98 -2.07 26.14 -19.24
N GLY A 99 -3.18 25.56 -19.42
CA GLY A 99 -4.04 25.89 -20.53
C GLY A 99 -4.00 24.82 -21.63
N TYR A 100 -4.20 23.55 -21.22
CA TYR A 100 -4.15 22.39 -22.15
C TYR A 100 -5.10 21.34 -21.62
N ARG A 101 -5.47 20.39 -22.44
CA ARG A 101 -6.36 19.34 -21.98
C ARG A 101 -5.51 18.11 -21.79
N LEU A 102 -5.67 17.38 -20.73
CA LEU A 102 -5.01 16.11 -20.74
C LEU A 102 -6.09 15.08 -20.96
N ILE A 103 -5.97 14.35 -22.05
CA ILE A 103 -6.99 13.39 -22.47
C ILE A 103 -7.14 12.21 -21.49
N GLY A 104 -5.99 11.66 -21.06
CA GLY A 104 -5.97 10.51 -20.19
C GLY A 104 -6.01 10.86 -18.72
N SER A 105 -5.10 10.30 -17.91
CA SER A 105 -5.14 10.58 -16.49
C SER A 105 -4.12 11.63 -16.12
N SER A 106 -4.64 12.74 -15.58
CA SER A 106 -3.88 13.84 -15.04
C SER A 106 -3.02 13.40 -13.89
N SER A 107 -3.55 12.54 -13.05
CA SER A 107 -2.79 12.06 -11.92
C SER A 107 -2.79 10.53 -11.93
N ALA A 108 -1.74 9.96 -11.39
CA ALA A 108 -1.60 8.52 -11.37
C ALA A 108 -1.37 8.09 -9.95
N THR A 109 -1.83 6.92 -9.62
CA THR A 109 -1.71 6.43 -8.29
C THR A 109 -0.92 5.10 -8.35
N CYS A 110 0.11 4.98 -7.51
CA CYS A 110 1.00 3.80 -7.57
C CYS A 110 0.50 2.62 -6.74
N ILE A 111 0.42 1.45 -7.40
CA ILE A 111 -0.11 0.23 -6.79
C ILE A 111 0.86 -0.94 -6.98
N ILE A 112 0.69 -1.98 -6.19
CA ILE A 112 1.55 -3.17 -6.25
C ILE A 112 1.22 -4.03 -7.49
N SER A 113 2.23 -4.32 -8.33
CA SER A 113 2.07 -5.29 -9.41
C SER A 113 2.46 -6.69 -8.92
N GLY A 114 3.05 -6.73 -7.75
CA GLY A 114 3.55 -7.95 -7.18
C GLY A 114 5.06 -8.04 -7.30
N ASP A 115 5.57 -8.00 -8.52
CA ASP A 115 7.01 -7.95 -8.74
C ASP A 115 7.56 -6.61 -8.28
N THR A 116 6.76 -5.60 -8.52
CA THR A 116 7.15 -4.25 -8.33
C THR A 116 5.91 -3.39 -8.07
N VAL A 117 6.09 -2.10 -7.95
CA VAL A 117 4.95 -1.17 -7.85
C VAL A 117 4.89 -0.27 -9.10
N ILE A 118 3.72 -0.16 -9.69
CA ILE A 118 3.53 0.62 -10.93
C ILE A 118 2.40 1.61 -10.76
N TRP A 119 2.34 2.52 -11.67
CA TRP A 119 1.35 3.58 -11.66
C TRP A 119 0.11 3.14 -12.45
N ASP A 120 -1.08 3.59 -12.02
CA ASP A 120 -2.36 3.16 -12.64
C ASP A 120 -2.74 3.95 -13.87
N GLN A 121 -1.93 4.93 -14.22
CA GLN A 121 -2.14 5.68 -15.44
C GLN A 121 -1.86 4.84 -16.67
N GLU A 122 -2.72 5.00 -17.65
CA GLU A 122 -2.67 4.18 -18.89
C GLU A 122 -1.39 4.42 -19.72
N THR A 123 -0.97 5.68 -19.86
CA THR A 123 0.20 6.05 -20.68
C THR A 123 0.35 7.57 -20.68
N PRO A 124 1.53 8.15 -21.06
CA PRO A 124 1.67 9.62 -21.13
C PRO A 124 0.71 10.25 -22.18
N ILE A 125 0.15 11.44 -21.87
CA ILE A 125 -0.80 12.13 -22.76
C ILE A 125 -0.59 13.63 -22.74
N CYS A 126 -0.85 14.34 -23.84
CA CYS A 126 -0.93 15.84 -23.82
C CYS A 126 -1.79 16.37 -24.99
N ASP A 127 -3.02 16.99 -24.75
CA ASP A 127 -3.78 17.57 -25.89
C ASP A 127 -3.00 18.73 -26.51
N ARG A 128 -2.59 19.65 -25.62
CA ARG A 128 -1.91 20.88 -26.03
C ARG A 128 -2.33 21.38 -27.41
N GLN A 7 -8.61 -9.26 27.25
CA GLN A 7 -7.36 -9.75 27.76
C GLN A 7 -6.21 -9.11 26.98
N CYS A 8 -6.11 -9.48 25.70
CA CYS A 8 -5.08 -8.96 24.79
C CYS A 8 -5.45 -7.55 24.33
N ASN A 9 -6.77 -7.22 24.44
CA ASN A 9 -7.33 -5.93 23.96
C ASN A 9 -7.13 -5.73 22.53
N ALA A 10 -7.20 -6.84 21.78
CA ALA A 10 -7.10 -6.78 20.34
C ALA A 10 -5.68 -6.46 19.93
N PRO A 11 -5.17 -7.15 18.92
CA PRO A 11 -3.77 -6.97 18.54
C PRO A 11 -3.41 -5.55 18.13
N GLU A 12 -3.86 -5.17 16.97
CA GLU A 12 -3.62 -3.83 16.45
C GLU A 12 -4.37 -3.63 15.16
N TRP A 13 -4.37 -2.43 14.68
CA TRP A 13 -4.89 -2.17 13.38
C TRP A 13 -3.77 -2.38 12.38
N LEU A 14 -3.96 -3.32 11.48
CA LEU A 14 -2.92 -3.67 10.54
C LEU A 14 -3.44 -3.53 9.11
N PRO A 15 -3.02 -2.47 8.42
CA PRO A 15 -3.53 -2.13 7.09
C PRO A 15 -3.24 -3.18 6.02
N PHE A 16 -2.21 -3.98 6.22
CA PHE A 16 -1.84 -4.98 5.20
C PHE A 16 -2.23 -6.41 5.61
N ALA A 17 -2.95 -6.54 6.69
CA ALA A 17 -3.32 -7.88 7.19
C ALA A 17 -4.70 -8.31 6.70
N ARG A 18 -4.86 -9.63 6.43
CA ARG A 18 -6.16 -10.20 6.05
C ARG A 18 -6.48 -11.47 6.91
N PRO A 19 -6.40 -11.38 8.27
CA PRO A 19 -6.66 -12.51 9.16
C PRO A 19 -8.09 -12.96 9.11
N THR A 20 -8.29 -14.21 9.39
CA THR A 20 -9.56 -14.83 9.19
C THR A 20 -10.38 -14.80 10.49
N GLN A 21 -9.78 -14.20 11.52
CA GLN A 21 -10.33 -14.23 12.87
C GLN A 21 -10.51 -12.83 13.42
N LEU A 22 -9.59 -11.97 13.06
CA LEU A 22 -9.46 -10.62 13.62
C LEU A 22 -10.67 -9.79 13.39
N THR A 23 -11.20 -9.92 12.25
CA THR A 23 -12.26 -9.10 11.79
C THR A 23 -13.47 -9.23 12.72
N ASP A 24 -13.67 -10.41 13.27
CA ASP A 24 -14.82 -10.68 14.07
C ASP A 24 -14.37 -11.14 15.45
N GLU A 25 -13.02 -11.18 15.67
CA GLU A 25 -12.49 -11.79 16.86
C GLU A 25 -11.28 -11.00 17.30
N PHE A 26 -11.53 -10.01 18.04
CA PHE A 26 -10.50 -9.13 18.53
C PHE A 26 -10.08 -9.49 19.96
N GLU A 27 -10.73 -10.48 20.57
CA GLU A 27 -10.44 -10.78 21.98
C GLU A 27 -9.99 -12.23 22.11
N PHE A 28 -8.85 -12.46 22.78
CA PHE A 28 -8.35 -13.83 22.99
C PHE A 28 -7.49 -13.97 24.26
N PRO A 29 -7.47 -15.18 24.85
CA PRO A 29 -6.56 -15.60 25.96
C PRO A 29 -5.08 -15.82 25.53
N ILE A 30 -4.18 -15.85 26.51
CA ILE A 30 -2.75 -16.05 26.27
C ILE A 30 -2.51 -17.45 25.71
N GLY A 31 -1.65 -17.54 24.69
CA GLY A 31 -1.37 -18.82 24.05
C GLY A 31 -2.37 -19.17 22.97
N THR A 32 -3.02 -18.17 22.44
CA THR A 32 -3.93 -18.34 21.36
C THR A 32 -3.24 -17.88 20.08
N TYR A 33 -3.28 -18.72 19.09
CA TYR A 33 -2.60 -18.42 17.84
C TYR A 33 -3.59 -17.92 16.79
N LEU A 34 -3.24 -16.78 16.22
CA LEU A 34 -4.05 -16.09 15.21
C LEU A 34 -3.45 -16.12 13.84
N ASN A 35 -4.28 -16.42 12.90
CA ASN A 35 -3.91 -16.60 11.54
C ASN A 35 -3.93 -15.26 10.79
N TYR A 36 -2.76 -14.79 10.50
CA TYR A 36 -2.52 -13.60 9.67
C TYR A 36 -1.91 -13.93 8.32
N GLU A 37 -2.45 -13.29 7.30
CA GLU A 37 -1.96 -13.40 5.94
C GLU A 37 -1.82 -12.03 5.33
N CYS A 38 -0.93 -11.92 4.38
CA CYS A 38 -0.77 -10.72 3.63
C CYS A 38 -1.71 -10.76 2.42
N ARG A 39 -2.24 -9.60 2.03
CA ARG A 39 -3.16 -9.54 0.89
C ARG A 39 -2.32 -9.47 -0.43
N PRO A 40 -2.91 -9.23 -1.59
CA PRO A 40 -2.11 -9.04 -2.81
C PRO A 40 -1.17 -7.80 -2.70
N GLY A 41 0.02 -7.88 -3.30
CA GLY A 41 0.87 -6.70 -3.45
C GLY A 41 1.97 -6.46 -2.39
N TYR A 42 2.09 -7.29 -1.41
CA TYR A 42 3.21 -7.13 -0.45
C TYR A 42 4.02 -8.37 -0.26
N SER A 43 5.30 -8.17 -0.06
CA SER A 43 6.21 -9.17 0.38
C SER A 43 6.06 -9.33 1.88
N GLY A 44 6.60 -10.34 2.43
CA GLY A 44 6.51 -10.49 3.85
C GLY A 44 6.47 -11.93 4.30
N ARG A 45 6.20 -12.11 5.58
CA ARG A 45 6.10 -13.43 6.18
C ARG A 45 4.87 -13.54 7.05
N PRO A 46 3.80 -14.13 6.53
CA PRO A 46 2.57 -14.30 7.27
C PRO A 46 2.58 -15.53 8.18
N PHE A 47 2.54 -15.25 9.48
CA PHE A 47 2.50 -16.25 10.55
C PHE A 47 1.65 -15.82 11.72
N SER A 48 1.27 -16.77 12.55
CA SER A 48 0.33 -16.51 13.62
C SER A 48 0.87 -15.55 14.70
N ILE A 49 -0.04 -14.74 15.24
CA ILE A 49 0.26 -13.90 16.37
C ILE A 49 -0.40 -14.46 17.61
N ILE A 50 0.40 -14.59 18.63
CA ILE A 50 0.03 -15.21 19.88
C ILE A 50 0.18 -14.19 21.02
N CYS A 51 -0.83 -14.04 21.88
CA CYS A 51 -0.74 -13.09 23.04
C CYS A 51 0.40 -13.46 24.00
N LEU A 52 1.64 -13.16 23.60
CA LEU A 52 2.79 -13.51 24.41
C LEU A 52 3.29 -12.34 25.25
N LYS A 53 3.65 -11.23 24.58
CA LYS A 53 4.23 -10.10 25.26
C LYS A 53 3.25 -9.24 25.96
N ASN A 54 3.46 -9.11 27.30
CA ASN A 54 2.60 -8.29 28.18
C ASN A 54 1.14 -8.70 28.04
N SER A 55 0.91 -10.00 27.81
CA SER A 55 -0.43 -10.53 27.54
C SER A 55 -1.06 -9.82 26.34
N VAL A 56 -0.21 -9.20 25.53
CA VAL A 56 -0.68 -8.54 24.33
C VAL A 56 -0.49 -9.48 23.15
N TRP A 57 0.64 -9.36 22.44
CA TRP A 57 0.92 -10.19 21.24
C TRP A 57 2.39 -10.39 21.04
N THR A 58 2.74 -11.22 20.06
CA THR A 58 4.13 -11.56 19.79
C THR A 58 4.90 -10.30 19.30
N GLY A 59 4.21 -9.43 18.59
CA GLY A 59 4.83 -8.18 18.16
C GLY A 59 4.25 -7.63 16.86
N ALA A 60 3.76 -8.53 15.99
CA ALA A 60 3.09 -8.16 14.72
C ALA A 60 3.78 -7.01 13.93
N LYS A 61 5.12 -6.99 13.93
CA LYS A 61 5.87 -6.01 13.22
C LYS A 61 5.86 -6.17 11.73
N ASP A 62 5.66 -4.99 11.07
CA ASP A 62 5.71 -4.77 9.58
C ASP A 62 5.89 -6.08 8.86
N ARG A 63 4.85 -6.85 8.96
CA ARG A 63 4.84 -8.21 8.41
C ARG A 63 4.94 -8.22 6.88
N CYS A 64 4.26 -7.27 6.21
CA CYS A 64 4.15 -7.29 4.74
C CYS A 64 4.84 -6.02 4.23
N ARG A 65 5.48 -6.10 3.07
CA ARG A 65 6.37 -5.05 2.69
C ARG A 65 6.00 -4.50 1.27
N ARG A 66 6.00 -3.16 1.11
CA ARG A 66 5.66 -2.49 -0.16
C ARG A 66 6.90 -2.26 -1.06
N LYS A 67 6.64 -2.08 -2.37
CA LYS A 67 7.67 -1.77 -3.35
C LYS A 67 7.75 -0.36 -3.78
N SER A 68 8.94 -0.05 -4.24
CA SER A 68 9.27 1.24 -4.69
C SER A 68 8.59 1.52 -6.02
N CYS A 69 8.28 2.77 -6.24
CA CYS A 69 7.60 3.24 -7.45
C CYS A 69 8.59 3.90 -8.38
N ARG A 70 8.12 4.22 -9.56
CA ARG A 70 8.96 4.72 -10.62
C ARG A 70 8.27 5.87 -11.32
N ASN A 71 8.96 6.64 -12.14
CA ASN A 71 8.25 7.68 -12.83
C ASN A 71 8.60 7.80 -14.35
N PRO A 72 8.62 6.64 -15.14
CA PRO A 72 8.71 6.68 -16.62
C PRO A 72 7.32 6.92 -17.38
N PRO A 73 6.10 6.97 -16.66
CA PRO A 73 4.81 7.35 -17.27
C PRO A 73 4.75 8.83 -17.56
N ASP A 74 5.79 9.51 -17.08
CA ASP A 74 6.01 10.94 -17.23
C ASP A 74 5.34 11.53 -18.45
N PRO A 75 4.92 12.78 -18.31
CA PRO A 75 4.24 13.51 -19.38
C PRO A 75 5.15 13.76 -20.55
N VAL A 76 4.59 13.89 -21.74
CA VAL A 76 5.39 13.97 -22.92
C VAL A 76 6.30 15.20 -22.89
N ASN A 77 5.75 16.37 -22.52
CA ASN A 77 6.60 17.56 -22.33
C ASN A 77 7.57 17.34 -21.17
N GLY A 78 7.05 16.72 -20.09
CA GLY A 78 7.89 16.38 -18.92
C GLY A 78 7.61 17.21 -17.66
N MET A 79 6.34 17.58 -17.42
CA MET A 79 6.02 18.31 -16.18
C MET A 79 5.14 17.41 -15.25
N VAL A 80 5.77 16.69 -14.37
CA VAL A 80 5.06 15.86 -13.39
C VAL A 80 5.60 16.14 -11.96
N HIS A 81 4.69 16.22 -11.01
CA HIS A 81 5.03 16.48 -9.62
C HIS A 81 4.68 15.27 -8.80
N VAL A 82 5.46 14.95 -7.77
CA VAL A 82 5.10 13.82 -6.97
C VAL A 82 4.95 14.25 -5.51
N ILE A 83 3.77 13.99 -4.99
CA ILE A 83 3.41 14.35 -3.63
C ILE A 83 4.25 13.60 -2.56
N LYS A 84 4.41 12.30 -2.80
CA LYS A 84 5.01 11.40 -1.83
C LYS A 84 6.51 11.11 -2.04
N GLY A 85 7.06 11.56 -3.14
CA GLY A 85 8.46 11.25 -3.44
C GLY A 85 8.64 9.94 -4.21
N ILE A 86 7.52 9.39 -4.71
CA ILE A 86 7.53 8.20 -5.60
C ILE A 86 7.56 6.87 -4.85
N GLN A 87 6.44 6.50 -4.31
CA GLN A 87 6.28 5.18 -3.67
C GLN A 87 4.88 4.66 -3.72
N PHE A 88 4.64 3.53 -3.04
CA PHE A 88 3.32 2.99 -2.97
C PHE A 88 2.39 3.90 -2.19
N GLY A 89 1.24 4.18 -2.78
CA GLY A 89 0.27 5.08 -2.20
C GLY A 89 0.48 6.51 -2.67
N SER A 90 1.51 6.72 -3.50
CA SER A 90 1.80 8.03 -4.05
C SER A 90 0.82 8.45 -5.13
N GLN A 91 0.63 9.76 -5.22
CA GLN A 91 -0.12 10.36 -6.28
C GLN A 91 0.70 11.51 -6.88
N ILE A 92 0.66 11.62 -8.19
CA ILE A 92 1.48 12.58 -8.92
C ILE A 92 0.63 13.41 -9.90
N LYS A 93 1.16 14.56 -10.35
CA LYS A 93 0.41 15.45 -11.29
C LYS A 93 1.04 15.49 -12.60
N TYR A 94 0.23 15.56 -13.61
CA TYR A 94 0.70 15.72 -14.90
C TYR A 94 0.26 17.06 -15.49
N SER A 95 1.25 17.78 -15.97
CA SER A 95 1.09 19.03 -16.69
C SER A 95 2.04 19.03 -17.90
N CYS A 96 1.63 19.60 -18.99
CA CYS A 96 2.51 19.68 -20.16
C CYS A 96 2.94 21.11 -20.45
N THR A 97 1.99 22.02 -20.41
CA THR A 97 2.22 23.39 -20.84
C THR A 97 1.27 24.40 -20.11
N LYS A 98 1.60 25.68 -20.14
CA LYS A 98 0.69 26.69 -19.63
C LYS A 98 -0.61 26.77 -20.42
N GLY A 99 -0.49 26.77 -21.74
CA GLY A 99 -1.66 26.85 -22.58
C GLY A 99 -1.90 25.57 -23.35
N TYR A 100 -2.32 24.52 -22.65
CA TYR A 100 -2.60 23.25 -23.31
C TYR A 100 -3.67 22.57 -22.44
N ARG A 101 -4.29 21.55 -22.93
CA ARG A 101 -5.21 20.80 -22.14
C ARG A 101 -4.71 19.38 -21.94
N LEU A 102 -4.89 18.82 -20.77
CA LEU A 102 -4.52 17.42 -20.60
C LEU A 102 -5.78 16.59 -20.79
N ILE A 103 -5.78 15.77 -21.83
CA ILE A 103 -6.92 14.94 -22.21
C ILE A 103 -7.24 13.85 -21.18
N GLY A 104 -6.20 13.17 -20.69
CA GLY A 104 -6.41 12.07 -19.75
C GLY A 104 -6.23 12.42 -18.29
N SER A 105 -5.39 11.64 -17.62
CA SER A 105 -5.24 11.75 -16.20
C SER A 105 -4.20 12.82 -15.80
N SER A 106 -4.70 13.85 -15.15
CA SER A 106 -3.91 14.93 -14.53
C SER A 106 -3.10 14.37 -13.36
N SER A 107 -3.47 13.20 -12.91
CA SER A 107 -2.78 12.58 -11.81
C SER A 107 -2.85 11.08 -11.93
N ALA A 108 -1.93 10.41 -11.28
CA ALA A 108 -1.83 8.96 -11.33
C ALA A 108 -1.53 8.45 -9.95
N THR A 109 -2.01 7.28 -9.64
CA THR A 109 -1.85 6.74 -8.31
C THR A 109 -1.08 5.41 -8.38
N CYS A 110 -0.04 5.29 -7.56
CA CYS A 110 0.79 4.08 -7.55
C CYS A 110 0.25 2.99 -6.61
N ILE A 111 -0.05 1.84 -7.21
CA ILE A 111 -0.59 0.66 -6.52
C ILE A 111 0.26 -0.58 -6.87
N ILE A 112 0.12 -1.66 -6.12
CA ILE A 112 1.02 -2.79 -6.31
C ILE A 112 0.37 -3.81 -7.31
N SER A 113 1.07 -4.12 -8.41
CA SER A 113 0.57 -5.16 -9.34
C SER A 113 1.06 -6.54 -8.92
N GLY A 114 1.92 -6.55 -7.95
CA GLY A 114 2.48 -7.78 -7.46
C GLY A 114 3.96 -7.67 -7.40
N ASP A 115 4.57 -8.07 -8.49
CA ASP A 115 6.04 -8.05 -8.61
C ASP A 115 6.57 -6.62 -8.71
N THR A 116 5.70 -5.68 -9.06
CA THR A 116 6.09 -4.30 -9.21
C THR A 116 4.94 -3.40 -8.78
N VAL A 117 5.23 -2.12 -8.63
CA VAL A 117 4.20 -1.16 -8.31
C VAL A 117 4.01 -0.24 -9.52
N ILE A 118 2.78 -0.06 -9.91
CA ILE A 118 2.41 0.62 -11.14
C ILE A 118 1.34 1.67 -10.96
N TRP A 119 1.50 2.73 -11.70
CA TRP A 119 0.61 3.88 -11.67
C TRP A 119 -0.66 3.55 -12.48
N ASP A 120 -1.80 4.02 -12.02
CA ASP A 120 -3.10 3.66 -12.64
C ASP A 120 -3.52 4.55 -13.82
N GLN A 121 -2.72 5.56 -14.18
CA GLN A 121 -3.11 6.41 -15.31
C GLN A 121 -2.99 5.68 -16.64
N GLU A 122 -3.68 6.22 -17.64
CA GLU A 122 -3.76 5.62 -18.96
C GLU A 122 -2.43 5.57 -19.75
N THR A 123 -1.71 6.65 -19.73
CA THR A 123 -0.48 6.79 -20.52
C THR A 123 -0.17 8.29 -20.60
N PRO A 124 1.08 8.74 -20.95
CA PRO A 124 1.37 10.19 -21.03
C PRO A 124 0.47 10.86 -22.07
N ILE A 125 -0.07 12.03 -21.75
CA ILE A 125 -0.98 12.76 -22.63
C ILE A 125 -0.65 14.23 -22.70
N CYS A 126 -0.61 14.81 -23.86
CA CYS A 126 -0.54 16.26 -23.94
C CYS A 126 -1.41 16.75 -25.12
N ASP A 127 -2.51 17.52 -24.85
CA ASP A 127 -3.39 17.99 -25.96
C ASP A 127 -2.63 18.85 -26.92
N ARG A 128 -1.90 19.84 -26.35
CA ARG A 128 -1.11 20.75 -27.15
C ARG A 128 -1.94 21.33 -28.30
N GLN A 7 -7.15 -8.08 26.81
CA GLN A 7 -5.85 -8.64 27.19
C GLN A 7 -4.78 -8.38 26.09
N CYS A 8 -5.14 -8.62 24.82
CA CYS A 8 -4.28 -8.29 23.68
C CYS A 8 -4.40 -6.85 23.34
N ASN A 9 -5.55 -6.27 23.73
CA ASN A 9 -5.88 -4.91 23.47
C ASN A 9 -5.91 -4.63 21.98
N ALA A 10 -6.36 -5.65 21.21
CA ALA A 10 -6.50 -5.58 19.75
C ALA A 10 -5.18 -5.22 19.04
N PRO A 11 -4.78 -6.01 18.04
CA PRO A 11 -3.62 -5.72 17.26
C PRO A 11 -3.85 -4.51 16.40
N GLU A 12 -2.80 -3.87 16.09
CA GLU A 12 -2.84 -2.68 15.26
C GLU A 12 -3.33 -3.04 13.85
N TRP A 13 -4.00 -2.08 13.20
CA TRP A 13 -4.61 -2.34 11.90
C TRP A 13 -3.56 -2.48 10.82
N LEU A 14 -3.59 -3.63 10.15
CA LEU A 14 -2.64 -3.96 9.13
C LEU A 14 -3.34 -4.02 7.79
N PRO A 15 -3.11 -3.04 6.92
CA PRO A 15 -3.77 -2.98 5.60
C PRO A 15 -3.36 -4.14 4.71
N PHE A 16 -2.20 -4.71 5.01
CA PHE A 16 -1.61 -5.81 4.25
C PHE A 16 -2.53 -7.02 4.33
N ALA A 17 -3.03 -7.23 5.56
CA ALA A 17 -3.62 -8.48 5.96
C ALA A 17 -5.11 -8.41 6.27
N ARG A 18 -5.79 -9.53 6.02
CA ARG A 18 -7.21 -9.67 6.31
C ARG A 18 -7.48 -10.95 7.15
N PRO A 19 -7.22 -10.92 8.51
CA PRO A 19 -7.51 -12.05 9.39
C PRO A 19 -8.99 -12.32 9.52
N THR A 20 -9.31 -13.57 9.72
CA THR A 20 -10.71 -14.03 9.76
C THR A 20 -11.27 -14.06 11.20
N GLN A 21 -10.47 -13.58 12.16
CA GLN A 21 -10.81 -13.71 13.60
C GLN A 21 -10.93 -12.32 14.18
N LEU A 22 -9.95 -11.53 13.84
CA LEU A 22 -9.71 -10.20 14.35
C LEU A 22 -10.86 -9.26 14.18
N THR A 23 -11.63 -9.44 13.19
CA THR A 23 -12.66 -8.51 12.88
C THR A 23 -13.66 -8.36 14.05
N ASP A 24 -14.08 -9.46 14.64
CA ASP A 24 -14.96 -9.39 15.78
C ASP A 24 -14.26 -9.95 16.99
N GLU A 25 -12.98 -10.29 16.82
CA GLU A 25 -12.28 -11.00 17.86
C GLU A 25 -10.96 -10.33 18.10
N PHE A 26 -11.07 -9.13 18.49
CA PHE A 26 -9.97 -8.29 18.82
C PHE A 26 -9.20 -8.82 20.02
N GLU A 27 -9.91 -9.44 20.94
CA GLU A 27 -9.31 -9.80 22.21
C GLU A 27 -9.17 -11.32 22.37
N PHE A 28 -7.98 -11.75 22.84
CA PHE A 28 -7.70 -13.17 23.13
C PHE A 28 -6.76 -13.33 24.36
N PRO A 29 -6.67 -14.54 24.92
CA PRO A 29 -5.69 -14.91 25.95
C PRO A 29 -4.30 -15.18 25.35
N ILE A 30 -3.31 -15.41 26.21
CA ILE A 30 -1.93 -15.68 25.78
C ILE A 30 -1.78 -17.05 25.14
N GLY A 31 -1.08 -17.03 24.02
CA GLY A 31 -0.89 -18.22 23.22
C GLY A 31 -1.91 -18.40 22.14
N THR A 32 -2.65 -17.34 21.85
CA THR A 32 -3.60 -17.38 20.77
C THR A 32 -2.90 -16.94 19.48
N TYR A 33 -3.01 -17.72 18.45
CA TYR A 33 -2.37 -17.39 17.20
C TYR A 33 -3.41 -16.89 16.18
N LEU A 34 -3.18 -15.67 15.65
CA LEU A 34 -4.04 -15.08 14.60
C LEU A 34 -3.70 -15.50 13.20
N ASN A 35 -4.75 -15.68 12.40
CA ASN A 35 -4.64 -16.10 11.04
C ASN A 35 -4.63 -14.86 10.20
N TYR A 36 -3.47 -14.50 9.78
CA TYR A 36 -3.26 -13.37 8.92
C TYR A 36 -2.90 -13.76 7.53
N GLU A 37 -3.57 -13.13 6.58
CA GLU A 37 -3.27 -13.31 5.19
C GLU A 37 -2.95 -11.99 4.55
N CYS A 38 -1.84 -11.94 3.88
CA CYS A 38 -1.41 -10.75 3.17
C CYS A 38 -1.77 -10.86 1.71
N ARG A 39 -2.17 -9.76 1.14
CA ARG A 39 -2.61 -9.74 -0.25
C ARG A 39 -1.41 -9.90 -1.21
N PRO A 40 -1.68 -10.10 -2.53
CA PRO A 40 -0.64 -10.16 -3.55
C PRO A 40 0.14 -8.85 -3.64
N GLY A 41 1.42 -8.96 -3.99
CA GLY A 41 2.27 -7.79 -4.09
C GLY A 41 3.12 -7.53 -2.89
N TYR A 42 3.02 -8.40 -1.90
CA TYR A 42 3.81 -8.23 -0.71
C TYR A 42 4.94 -9.26 -0.62
N SER A 43 6.14 -8.75 -0.38
CA SER A 43 7.37 -9.55 -0.28
C SER A 43 7.34 -10.53 0.90
N GLY A 44 6.87 -10.04 2.03
CA GLY A 44 6.86 -10.84 3.22
C GLY A 44 5.62 -11.68 3.37
N ARG A 45 5.76 -12.81 4.04
CA ARG A 45 4.66 -13.70 4.29
C ARG A 45 4.35 -13.74 5.77
N PRO A 46 3.06 -13.60 6.13
CA PRO A 46 2.63 -13.51 7.51
C PRO A 46 2.89 -14.76 8.32
N PHE A 47 3.15 -14.55 9.56
CA PHE A 47 3.19 -15.58 10.52
C PHE A 47 2.30 -15.10 11.61
N SER A 48 1.73 -15.99 12.34
CA SER A 48 0.72 -15.62 13.28
C SER A 48 1.28 -14.75 14.39
N ILE A 49 0.46 -13.80 14.81
CA ILE A 49 0.78 -12.98 15.94
C ILE A 49 0.14 -13.56 17.16
N ILE A 50 0.93 -13.71 18.16
CA ILE A 50 0.55 -14.35 19.39
C ILE A 50 0.58 -13.37 20.56
N CYS A 51 -0.50 -13.27 21.32
CA CYS A 51 -0.51 -12.39 22.51
C CYS A 51 0.48 -12.93 23.55
N LEU A 52 1.78 -12.63 23.37
CA LEU A 52 2.81 -13.16 24.25
C LEU A 52 3.17 -12.22 25.38
N LYS A 53 3.79 -11.08 25.00
CA LYS A 53 4.34 -10.20 26.02
C LYS A 53 3.23 -9.34 26.55
N ASN A 54 2.86 -9.58 27.82
CA ASN A 54 1.73 -8.86 28.45
C ASN A 54 0.53 -8.99 27.55
N SER A 55 0.47 -10.13 26.88
CA SER A 55 -0.56 -10.42 25.87
C SER A 55 -0.70 -9.28 24.81
N VAL A 56 0.27 -8.35 24.77
CA VAL A 56 0.17 -7.17 23.90
C VAL A 56 0.15 -7.58 22.43
N TRP A 57 1.07 -8.49 22.09
CA TRP A 57 1.22 -9.25 20.80
C TRP A 57 2.72 -9.54 20.59
N THR A 58 3.08 -10.05 19.43
CA THR A 58 4.48 -10.34 19.12
C THR A 58 5.11 -9.20 18.31
N GLY A 59 4.31 -8.19 18.05
CA GLY A 59 4.78 -7.02 17.32
C GLY A 59 3.89 -6.66 16.14
N ALA A 60 3.53 -7.68 15.35
CA ALA A 60 2.63 -7.51 14.19
C ALA A 60 3.04 -6.35 13.28
N LYS A 61 4.33 -6.18 13.04
CA LYS A 61 4.77 -5.05 12.24
C LYS A 61 5.73 -5.50 11.18
N ASP A 62 5.73 -4.75 10.05
CA ASP A 62 6.62 -4.99 8.89
C ASP A 62 6.60 -6.44 8.44
N ARG A 63 5.48 -7.09 8.73
CA ARG A 63 5.30 -8.51 8.48
C ARG A 63 5.34 -8.82 6.98
N CYS A 64 4.69 -7.96 6.20
CA CYS A 64 4.63 -8.04 4.75
C CYS A 64 5.05 -6.72 4.16
N ARG A 65 5.67 -6.74 3.02
CA ARG A 65 6.19 -5.52 2.47
C ARG A 65 5.73 -5.32 1.03
N ARG A 66 5.26 -4.10 0.71
CA ARG A 66 4.85 -3.74 -0.65
C ARG A 66 6.07 -3.37 -1.45
N LYS A 67 5.85 -2.92 -2.66
CA LYS A 67 6.93 -2.49 -3.51
C LYS A 67 7.03 -1.01 -3.72
N SER A 68 8.27 -0.61 -3.97
CA SER A 68 8.63 0.74 -4.31
C SER A 68 8.06 1.10 -5.70
N CYS A 69 7.55 2.32 -5.83
CA CYS A 69 7.06 2.81 -7.11
C CYS A 69 8.15 3.49 -7.88
N ARG A 70 8.07 3.43 -9.20
CA ARG A 70 9.11 4.01 -10.03
C ARG A 70 8.46 4.75 -11.17
N ASN A 71 9.01 5.89 -11.55
CA ASN A 71 8.47 6.65 -12.65
C ASN A 71 9.55 6.99 -13.66
N PRO A 72 10.01 6.01 -14.42
CA PRO A 72 10.92 6.29 -15.50
C PRO A 72 10.25 6.97 -16.75
N PRO A 73 8.88 6.77 -17.03
CA PRO A 73 8.28 7.38 -18.23
C PRO A 73 8.42 8.90 -18.29
N ASP A 74 8.24 9.56 -17.14
CA ASP A 74 8.21 11.05 -17.05
C ASP A 74 7.37 11.72 -18.16
N PRO A 75 6.91 12.93 -17.93
CA PRO A 75 6.36 13.70 -18.96
C PRO A 75 7.49 14.33 -19.81
N VAL A 76 7.19 14.72 -21.03
CA VAL A 76 8.20 15.34 -21.89
C VAL A 76 8.66 16.66 -21.23
N ASN A 77 7.69 17.38 -20.74
CA ASN A 77 7.88 18.63 -20.00
C ASN A 77 8.67 18.44 -18.68
N GLY A 78 8.43 17.33 -17.96
CA GLY A 78 9.15 17.10 -16.70
C GLY A 78 8.45 17.75 -15.52
N MET A 79 7.15 17.92 -15.67
CA MET A 79 6.31 18.66 -14.72
C MET A 79 5.60 17.75 -13.66
N VAL A 80 6.10 16.53 -13.43
CA VAL A 80 5.50 15.61 -12.43
C VAL A 80 5.74 16.05 -10.98
N HIS A 81 4.68 16.04 -10.19
CA HIS A 81 4.73 16.30 -8.76
C HIS A 81 4.27 15.07 -8.02
N VAL A 82 4.89 14.76 -6.90
CA VAL A 82 4.45 13.59 -6.18
C VAL A 82 3.97 13.95 -4.77
N ILE A 83 2.71 13.67 -4.55
CA ILE A 83 2.05 13.96 -3.29
C ILE A 83 2.63 13.13 -2.11
N LYS A 84 2.84 11.83 -2.36
CA LYS A 84 3.21 10.89 -1.27
C LYS A 84 4.66 10.34 -1.31
N GLY A 85 5.50 10.89 -2.18
CA GLY A 85 6.93 10.45 -2.22
C GLY A 85 7.22 9.21 -3.07
N ILE A 86 6.29 8.87 -3.99
CA ILE A 86 6.45 7.74 -4.94
C ILE A 86 6.43 6.37 -4.22
N GLN A 87 5.23 5.93 -3.90
CA GLN A 87 5.01 4.67 -3.22
C GLN A 87 3.64 4.06 -3.64
N PHE A 88 3.38 2.78 -3.26
CA PHE A 88 2.05 2.19 -3.43
C PHE A 88 1.07 2.98 -2.57
N GLY A 89 -0.02 3.39 -3.21
CA GLY A 89 -1.01 4.24 -2.56
C GLY A 89 -0.77 5.74 -2.86
N SER A 90 0.42 6.03 -3.38
CA SER A 90 0.83 7.39 -3.76
C SER A 90 0.13 7.88 -5.02
N GLN A 91 -0.13 9.17 -5.06
CA GLN A 91 -0.68 9.81 -6.24
C GLN A 91 0.27 10.92 -6.70
N ILE A 92 0.50 10.98 -7.99
CA ILE A 92 1.40 11.96 -8.59
C ILE A 92 0.71 12.71 -9.69
N LYS A 93 1.23 13.87 -10.05
CA LYS A 93 0.56 14.68 -11.03
C LYS A 93 1.24 14.74 -12.36
N TYR A 94 0.43 14.91 -13.35
CA TYR A 94 0.84 15.11 -14.71
C TYR A 94 0.31 16.39 -15.25
N SER A 95 1.14 17.39 -15.25
CA SER A 95 0.77 18.67 -15.81
C SER A 95 1.64 18.97 -17.01
N CYS A 96 1.03 19.17 -18.13
CA CYS A 96 1.73 19.58 -19.35
C CYS A 96 2.01 21.08 -19.38
N THR A 97 1.05 21.82 -18.91
CA THR A 97 1.01 23.27 -19.06
C THR A 97 0.01 23.90 -18.06
N LYS A 98 0.07 25.21 -17.86
CA LYS A 98 -0.90 25.91 -17.04
C LYS A 98 -2.34 25.84 -17.62
N GLY A 99 -2.44 26.12 -18.92
CA GLY A 99 -3.72 26.24 -19.57
C GLY A 99 -3.86 25.27 -20.69
N TYR A 100 -4.01 24.05 -20.34
CA TYR A 100 -4.07 22.95 -21.32
C TYR A 100 -4.98 21.82 -20.79
N ARG A 101 -5.36 20.90 -21.66
CA ARG A 101 -6.17 19.76 -21.23
C ARG A 101 -5.29 18.52 -21.19
N LEU A 102 -5.38 17.71 -20.19
CA LEU A 102 -4.74 16.41 -20.31
C LEU A 102 -5.85 15.39 -20.47
N ILE A 103 -5.80 14.67 -21.59
CA ILE A 103 -6.89 13.78 -21.99
C ILE A 103 -7.09 12.60 -21.03
N GLY A 104 -5.99 11.98 -20.63
CA GLY A 104 -6.06 10.82 -19.75
C GLY A 104 -5.83 11.13 -18.30
N SER A 105 -4.87 10.44 -17.70
CA SER A 105 -4.59 10.58 -16.28
C SER A 105 -3.76 11.85 -15.96
N SER A 106 -4.46 12.91 -15.50
CA SER A 106 -3.83 14.15 -15.01
C SER A 106 -3.04 13.91 -13.74
N SER A 107 -3.43 12.90 -13.01
CA SER A 107 -2.70 12.49 -11.87
C SER A 107 -2.68 10.96 -11.87
N ALA A 108 -1.53 10.39 -11.61
CA ALA A 108 -1.39 8.95 -11.64
C ALA A 108 -1.44 8.38 -10.24
N THR A 109 -1.96 7.18 -10.10
CA THR A 109 -2.11 6.55 -8.80
C THR A 109 -1.39 5.18 -8.78
N CYS A 110 -0.56 4.93 -7.77
CA CYS A 110 0.12 3.63 -7.66
C CYS A 110 -0.74 2.58 -7.01
N ILE A 111 -0.87 1.47 -7.74
CA ILE A 111 -1.66 0.31 -7.34
C ILE A 111 -0.84 -0.96 -7.53
N ILE A 112 -1.26 -2.05 -6.90
CA ILE A 112 -0.52 -3.30 -7.04
C ILE A 112 -0.92 -4.00 -8.33
N SER A 113 0.08 -4.24 -9.17
CA SER A 113 -0.06 -4.99 -10.42
C SER A 113 -0.46 -6.43 -10.12
N GLY A 114 0.15 -6.92 -9.08
CA GLY A 114 0.04 -8.28 -8.71
C GLY A 114 1.32 -8.69 -8.00
N ASP A 115 2.42 -8.78 -8.75
CA ASP A 115 3.73 -9.09 -8.15
C ASP A 115 4.57 -7.80 -7.92
N THR A 116 4.03 -6.66 -8.33
CA THR A 116 4.77 -5.39 -8.31
C THR A 116 3.82 -4.20 -8.15
N VAL A 117 4.38 -2.98 -8.00
CA VAL A 117 3.53 -1.79 -7.90
C VAL A 117 3.69 -0.92 -9.15
N ILE A 118 2.56 -0.53 -9.76
CA ILE A 118 2.58 0.30 -10.96
C ILE A 118 1.66 1.49 -10.82
N TRP A 119 1.84 2.45 -11.70
CA TRP A 119 1.00 3.61 -11.72
C TRP A 119 -0.18 3.33 -12.66
N ASP A 120 -1.34 3.88 -12.33
CA ASP A 120 -2.57 3.71 -13.11
C ASP A 120 -2.40 4.28 -14.50
N GLN A 121 -1.67 5.41 -14.59
CA GLN A 121 -1.42 6.12 -15.86
C GLN A 121 -1.27 5.21 -17.07
N GLU A 122 -2.14 5.45 -18.03
CA GLU A 122 -2.12 4.75 -19.30
C GLU A 122 -0.84 5.14 -20.10
N THR A 123 -0.53 6.44 -20.07
CA THR A 123 0.63 7.05 -20.77
C THR A 123 0.42 8.56 -20.71
N PRO A 124 1.49 9.40 -20.73
CA PRO A 124 1.27 10.84 -20.70
C PRO A 124 0.52 11.33 -21.98
N ILE A 125 -0.41 12.26 -21.82
CA ILE A 125 -1.11 12.86 -22.97
C ILE A 125 -1.13 14.37 -22.80
N CYS A 126 -0.78 15.14 -23.78
CA CYS A 126 -0.86 16.57 -23.59
C CYS A 126 -1.69 17.29 -24.70
N ASP A 127 -2.92 17.81 -24.36
CA ASP A 127 -3.74 18.57 -25.36
C ASP A 127 -3.05 19.85 -25.81
N ARG A 128 -2.52 20.59 -24.83
CA ARG A 128 -1.83 21.87 -25.05
C ARG A 128 -2.22 22.57 -26.36
N GLN A 7 -7.94 -10.28 27.77
CA GLN A 7 -6.69 -10.99 27.97
C GLN A 7 -5.52 -10.31 27.20
N CYS A 8 -5.48 -10.55 25.89
CA CYS A 8 -4.48 -9.95 24.96
C CYS A 8 -4.88 -8.51 24.69
N ASN A 9 -6.14 -8.19 25.03
CA ASN A 9 -6.69 -6.87 24.89
C ASN A 9 -6.70 -6.35 23.43
N ALA A 10 -7.02 -7.27 22.51
CA ALA A 10 -7.16 -6.95 21.06
C ALA A 10 -5.94 -6.25 20.48
N PRO A 11 -5.25 -6.89 19.53
CA PRO A 11 -4.01 -6.34 19.03
C PRO A 11 -4.18 -4.97 18.36
N GLU A 12 -5.00 -4.93 17.32
CA GLU A 12 -5.37 -3.74 16.55
C GLU A 12 -5.85 -4.19 15.18
N TRP A 13 -6.46 -3.28 14.43
CA TRP A 13 -6.77 -3.57 13.07
C TRP A 13 -5.61 -3.20 12.20
N LEU A 14 -5.05 -4.19 11.57
CA LEU A 14 -3.95 -3.98 10.69
C LEU A 14 -4.53 -3.70 9.34
N PRO A 15 -4.49 -2.45 8.91
CA PRO A 15 -5.22 -2.00 7.73
C PRO A 15 -4.77 -2.70 6.45
N PHE A 16 -3.53 -3.17 6.45
CA PHE A 16 -2.96 -3.87 5.33
C PHE A 16 -3.71 -5.20 5.16
N ALA A 17 -4.03 -5.80 6.33
CA ALA A 17 -4.47 -7.15 6.44
C ALA A 17 -5.89 -7.30 6.94
N ARG A 18 -6.54 -8.38 6.53
CA ARG A 18 -7.88 -8.70 7.04
C ARG A 18 -7.91 -10.14 7.61
N PRO A 19 -7.75 -10.28 8.95
CA PRO A 19 -7.76 -11.58 9.63
C PRO A 19 -9.14 -12.23 9.64
N THR A 20 -9.17 -13.55 9.73
CA THR A 20 -10.45 -14.29 9.65
C THR A 20 -10.99 -14.70 11.04
N GLN A 21 -10.23 -14.46 12.08
CA GLN A 21 -10.60 -14.95 13.43
C GLN A 21 -11.07 -13.78 14.31
N LEU A 22 -10.25 -12.78 14.30
CA LEU A 22 -10.34 -11.61 15.15
C LEU A 22 -11.61 -10.79 14.98
N THR A 23 -12.32 -10.99 13.91
CA THR A 23 -13.49 -10.18 13.62
C THR A 23 -14.51 -10.28 14.77
N ASP A 24 -14.72 -11.48 15.31
CA ASP A 24 -15.66 -11.67 16.41
C ASP A 24 -14.90 -11.89 17.72
N GLU A 25 -13.57 -12.06 17.62
CA GLU A 25 -12.76 -12.42 18.74
C GLU A 25 -11.38 -11.78 18.69
N PHE A 26 -11.38 -10.62 19.13
CA PHE A 26 -10.23 -9.81 19.37
C PHE A 26 -9.33 -10.35 20.51
N GLU A 27 -9.94 -10.89 21.55
CA GLU A 27 -9.18 -11.26 22.76
C GLU A 27 -9.09 -12.79 23.00
N PHE A 28 -7.84 -13.27 23.13
CA PHE A 28 -7.58 -14.69 23.37
C PHE A 28 -6.61 -14.86 24.57
N PRO A 29 -6.37 -16.09 25.02
CA PRO A 29 -5.30 -16.42 25.97
C PRO A 29 -3.91 -16.47 25.32
N ILE A 30 -2.90 -16.59 26.15
CA ILE A 30 -1.48 -16.64 25.73
C ILE A 30 -1.13 -17.92 24.93
N GLY A 31 -0.39 -17.74 23.82
CA GLY A 31 0.00 -18.87 22.97
C GLY A 31 -0.98 -19.16 21.87
N THR A 32 -1.67 -18.13 21.43
CA THR A 32 -2.65 -18.28 20.39
C THR A 32 -2.12 -17.64 19.09
N TYR A 33 -2.13 -18.43 18.02
CA TYR A 33 -1.66 -17.96 16.72
C TYR A 33 -2.85 -17.56 15.84
N LEU A 34 -2.72 -16.37 15.23
CA LEU A 34 -3.77 -15.78 14.38
C LEU A 34 -3.41 -15.70 12.91
N ASN A 35 -4.40 -15.91 12.09
CA ASN A 35 -4.29 -15.89 10.67
C ASN A 35 -4.56 -14.45 10.14
N TYR A 36 -3.51 -13.79 9.69
CA TYR A 36 -3.59 -12.50 8.95
C TYR A 36 -3.16 -12.64 7.49
N GLU A 37 -3.97 -12.01 6.60
CA GLU A 37 -3.75 -11.99 5.16
C GLU A 37 -3.49 -10.58 4.67
N CYS A 38 -2.43 -10.41 3.90
CA CYS A 38 -2.09 -9.10 3.33
C CYS A 38 -2.84 -8.87 2.03
N ARG A 39 -3.19 -7.61 1.77
CA ARG A 39 -3.74 -7.23 0.48
C ARG A 39 -2.78 -7.72 -0.59
N PRO A 40 -3.27 -8.09 -1.77
CA PRO A 40 -2.38 -8.60 -2.78
C PRO A 40 -1.35 -7.55 -3.17
N GLY A 41 -0.17 -8.02 -3.44
CA GLY A 41 0.89 -7.14 -3.84
C GLY A 41 1.84 -6.74 -2.72
N TYR A 42 1.50 -7.05 -1.46
CA TYR A 42 2.41 -6.78 -0.35
C TYR A 42 3.47 -7.83 -0.18
N SER A 43 4.65 -7.32 0.11
CA SER A 43 5.86 -8.11 0.20
C SER A 43 5.78 -9.15 1.31
N GLY A 44 5.26 -8.75 2.45
CA GLY A 44 5.16 -9.65 3.54
C GLY A 44 4.17 -10.73 3.25
N ARG A 45 4.48 -11.94 3.71
CA ARG A 45 3.59 -13.10 3.50
C ARG A 45 2.68 -13.19 4.75
N PRO A 46 1.72 -14.17 4.87
CA PRO A 46 0.85 -14.19 6.03
C PRO A 46 1.62 -14.36 7.30
N PHE A 47 1.15 -13.70 8.31
CA PHE A 47 1.80 -13.73 9.58
C PHE A 47 0.82 -14.01 10.68
N SER A 48 1.30 -14.65 11.68
CA SER A 48 0.51 -15.01 12.79
C SER A 48 0.97 -14.28 14.03
N ILE A 49 0.08 -13.52 14.63
CA ILE A 49 0.37 -12.80 15.86
C ILE A 49 0.05 -13.68 17.04
N ILE A 50 1.00 -13.78 17.96
CA ILE A 50 0.84 -14.64 19.10
C ILE A 50 0.90 -13.80 20.36
N CYS A 51 -0.06 -13.93 21.20
CA CYS A 51 -0.10 -13.26 22.49
C CYS A 51 1.09 -13.75 23.31
N LEU A 52 2.16 -12.93 23.29
CA LEU A 52 3.44 -13.32 23.87
C LEU A 52 3.98 -12.29 24.86
N LYS A 53 4.46 -11.17 24.33
CA LYS A 53 5.14 -10.19 25.15
C LYS A 53 4.17 -9.44 26.01
N ASN A 54 4.48 -9.42 27.29
CA ASN A 54 3.69 -8.71 28.30
C ASN A 54 2.23 -9.16 28.26
N SER A 55 2.03 -10.42 27.95
CA SER A 55 0.70 -10.99 27.82
C SER A 55 -0.13 -10.22 26.78
N VAL A 56 0.55 -9.47 25.89
CA VAL A 56 -0.12 -8.72 24.84
C VAL A 56 0.03 -9.43 23.48
N TRP A 57 1.05 -9.07 22.70
CA TRP A 57 1.28 -9.65 21.36
C TRP A 57 2.72 -9.53 20.94
N THR A 58 3.03 -10.16 19.78
CA THR A 58 4.32 -9.99 19.13
C THR A 58 4.46 -8.50 18.69
N GLY A 59 3.31 -7.88 18.36
CA GLY A 59 3.28 -6.45 18.02
C GLY A 59 2.80 -6.12 16.60
N ALA A 60 2.86 -7.10 15.71
CA ALA A 60 2.33 -6.95 14.32
C ALA A 60 2.79 -5.64 13.61
N LYS A 61 4.04 -5.27 13.83
CA LYS A 61 4.58 -4.06 13.24
C LYS A 61 5.00 -4.23 11.78
N ASP A 62 4.55 -3.31 10.92
CA ASP A 62 5.05 -3.17 9.51
C ASP A 62 5.00 -4.52 8.79
N ARG A 63 4.01 -5.30 9.14
CA ARG A 63 3.95 -6.69 8.71
C ARG A 63 3.81 -6.85 7.18
N CYS A 64 3.01 -6.01 6.53
CA CYS A 64 2.88 -6.11 5.08
C CYS A 64 3.67 -4.96 4.51
N ARG A 65 4.42 -5.16 3.44
CA ARG A 65 5.31 -4.10 2.98
C ARG A 65 5.15 -3.79 1.50
N ARG A 66 5.31 -2.51 1.13
CA ARG A 66 5.06 -2.06 -0.22
C ARG A 66 6.39 -1.58 -0.91
N LYS A 67 6.53 -1.93 -2.18
CA LYS A 67 7.73 -1.67 -2.99
C LYS A 67 7.80 -0.23 -3.54
N SER A 68 9.02 0.32 -3.59
CA SER A 68 9.28 1.63 -4.13
C SER A 68 8.95 1.67 -5.63
N CYS A 69 8.39 2.75 -6.05
CA CYS A 69 7.94 2.91 -7.42
C CYS A 69 8.99 3.61 -8.28
N ARG A 70 8.75 3.67 -9.60
CA ARG A 70 9.73 4.29 -10.47
C ARG A 70 9.04 5.14 -11.53
N ASN A 71 9.70 6.19 -11.96
CA ASN A 71 9.26 6.99 -13.08
C ASN A 71 10.44 7.74 -13.70
N PRO A 72 11.49 7.01 -14.14
CA PRO A 72 12.62 7.62 -14.84
C PRO A 72 12.29 8.18 -16.24
N PRO A 73 11.30 7.59 -17.03
CA PRO A 73 10.95 8.12 -18.36
C PRO A 73 10.41 9.56 -18.32
N ASP A 74 9.74 9.93 -17.20
CA ASP A 74 9.14 11.27 -17.06
C ASP A 74 8.09 11.53 -18.17
N PRO A 75 7.29 12.60 -18.03
CA PRO A 75 6.40 13.07 -19.06
C PRO A 75 7.22 13.65 -20.20
N VAL A 76 6.66 13.67 -21.39
CA VAL A 76 7.37 14.25 -22.54
C VAL A 76 7.63 15.71 -22.23
N ASN A 77 6.62 16.35 -21.70
CA ASN A 77 6.74 17.71 -21.20
C ASN A 77 7.75 17.75 -20.02
N GLY A 78 7.69 16.71 -19.17
CA GLY A 78 8.58 16.59 -18.02
C GLY A 78 7.99 17.21 -16.82
N MET A 79 6.69 17.45 -16.89
CA MET A 79 6.02 18.12 -15.82
C MET A 79 5.24 17.11 -14.90
N VAL A 80 5.97 16.52 -13.92
CA VAL A 80 5.35 15.71 -12.86
C VAL A 80 5.58 16.38 -11.49
N HIS A 81 4.49 16.54 -10.79
CA HIS A 81 4.46 17.12 -9.44
C HIS A 81 5.10 16.22 -8.36
N VAL A 82 4.91 14.90 -8.52
CA VAL A 82 5.37 13.84 -7.58
C VAL A 82 5.14 14.18 -6.08
N ILE A 83 3.92 13.89 -5.61
CA ILE A 83 3.52 14.18 -4.22
C ILE A 83 4.35 13.40 -3.15
N LYS A 84 4.51 12.10 -3.37
CA LYS A 84 5.14 11.23 -2.35
C LYS A 84 6.62 10.94 -2.56
N GLY A 85 7.15 11.33 -3.68
CA GLY A 85 8.55 11.05 -3.95
C GLY A 85 8.78 9.70 -4.63
N ILE A 86 7.67 9.03 -5.07
CA ILE A 86 7.73 7.82 -5.93
C ILE A 86 7.72 6.50 -5.10
N GLN A 87 6.52 6.12 -4.62
CA GLN A 87 6.35 4.93 -3.74
C GLN A 87 4.95 4.31 -3.95
N PHE A 88 4.73 3.09 -3.47
CA PHE A 88 3.39 2.49 -3.57
C PHE A 88 2.40 3.30 -2.74
N GLY A 89 1.30 3.63 -3.37
CA GLY A 89 0.29 4.46 -2.76
C GLY A 89 0.50 5.92 -3.08
N SER A 90 1.63 6.18 -3.73
CA SER A 90 1.98 7.50 -4.17
C SER A 90 1.14 7.93 -5.34
N GLN A 91 0.82 9.18 -5.36
CA GLN A 91 0.13 9.76 -6.45
C GLN A 91 0.95 10.90 -6.99
N ILE A 92 1.01 10.99 -8.28
CA ILE A 92 1.76 12.02 -8.95
C ILE A 92 0.85 12.69 -9.93
N LYS A 93 1.20 13.86 -10.36
CA LYS A 93 0.34 14.55 -11.29
C LYS A 93 0.97 14.61 -12.65
N TYR A 94 0.15 14.47 -13.63
CA TYR A 94 0.53 14.66 -14.97
C TYR A 94 -0.13 15.87 -15.52
N SER A 95 0.59 16.93 -15.47
CA SER A 95 0.13 18.17 -15.98
C SER A 95 1.10 18.61 -16.99
N CYS A 96 0.61 19.08 -18.05
CA CYS A 96 1.41 19.54 -19.10
C CYS A 96 1.42 21.09 -19.10
N THR A 97 1.22 21.57 -20.23
CA THR A 97 1.26 22.99 -20.59
C THR A 97 0.22 23.85 -19.85
N LYS A 98 0.64 25.01 -19.39
CA LYS A 98 -0.23 25.91 -18.77
C LYS A 98 -1.24 26.32 -19.82
N GLY A 99 -2.44 26.27 -19.41
CA GLY A 99 -3.55 26.62 -20.31
C GLY A 99 -3.96 25.51 -21.30
N TYR A 100 -3.65 24.26 -20.97
CA TYR A 100 -3.98 23.11 -21.84
C TYR A 100 -4.99 22.21 -21.11
N ARG A 101 -5.37 21.09 -21.72
CA ARG A 101 -6.18 20.13 -21.06
C ARG A 101 -5.59 18.75 -21.30
N LEU A 102 -5.74 17.88 -20.35
CA LEU A 102 -5.15 16.56 -20.49
C LEU A 102 -6.26 15.57 -20.84
N ILE A 103 -6.08 14.86 -21.95
CA ILE A 103 -7.05 13.87 -22.36
C ILE A 103 -7.12 12.67 -21.35
N GLY A 104 -5.91 12.21 -20.94
CA GLY A 104 -5.76 11.09 -20.01
C GLY A 104 -5.80 11.46 -18.57
N SER A 105 -5.36 10.52 -17.72
CA SER A 105 -5.42 10.75 -16.28
C SER A 105 -4.46 11.90 -15.91
N SER A 106 -4.94 12.82 -15.11
CA SER A 106 -4.16 13.97 -14.64
C SER A 106 -3.28 13.61 -13.49
N SER A 107 -3.42 12.42 -13.01
CA SER A 107 -2.59 11.94 -11.94
C SER A 107 -2.46 10.43 -12.04
N ALA A 108 -1.45 9.90 -11.45
CA ALA A 108 -1.22 8.50 -11.48
C ALA A 108 -1.02 8.02 -10.09
N THR A 109 -1.50 6.86 -9.84
CA THR A 109 -1.39 6.28 -8.54
C THR A 109 -0.62 4.98 -8.70
N CYS A 110 0.42 4.80 -7.89
CA CYS A 110 1.24 3.63 -8.04
C CYS A 110 0.74 2.48 -7.22
N ILE A 111 0.46 1.36 -7.91
CA ILE A 111 -0.09 0.16 -7.30
C ILE A 111 0.74 -1.07 -7.67
N ILE A 112 0.56 -2.17 -6.92
CA ILE A 112 1.41 -3.34 -7.14
C ILE A 112 0.84 -4.14 -8.35
N SER A 113 1.68 -4.40 -9.37
CA SER A 113 1.28 -5.28 -10.48
C SER A 113 1.17 -6.71 -10.02
N GLY A 114 2.05 -7.02 -9.08
CA GLY A 114 2.21 -8.32 -8.51
C GLY A 114 3.61 -8.47 -8.04
N ASP A 115 4.49 -8.75 -8.95
CA ASP A 115 5.91 -8.86 -8.69
C ASP A 115 6.50 -7.52 -8.24
N THR A 116 6.04 -6.44 -8.90
CA THR A 116 6.62 -5.11 -8.79
C THR A 116 5.53 -4.00 -8.84
N VAL A 117 5.92 -2.73 -8.61
CA VAL A 117 4.96 -1.62 -8.53
C VAL A 117 5.02 -0.70 -9.74
N ILE A 118 3.84 -0.43 -10.30
CA ILE A 118 3.68 0.43 -11.48
C ILE A 118 2.55 1.45 -11.25
N TRP A 119 2.49 2.47 -12.08
CA TRP A 119 1.52 3.56 -11.95
C TRP A 119 0.25 3.20 -12.79
N ASP A 120 -0.94 3.62 -12.32
CA ASP A 120 -2.24 3.27 -12.98
C ASP A 120 -2.55 4.17 -14.17
N GLN A 121 -1.71 5.14 -14.43
CA GLN A 121 -1.85 6.02 -15.56
C GLN A 121 -1.79 5.20 -16.84
N GLU A 122 -2.79 5.40 -17.68
CA GLU A 122 -2.87 4.68 -18.95
C GLU A 122 -1.73 5.11 -19.86
N THR A 123 -1.47 6.41 -19.85
CA THR A 123 -0.37 7.05 -20.57
C THR A 123 -0.66 8.56 -20.62
N PRO A 124 0.35 9.43 -20.38
CA PRO A 124 0.11 10.88 -20.42
C PRO A 124 -0.36 11.32 -21.81
N ILE A 125 -1.41 12.14 -21.87
CA ILE A 125 -1.83 12.70 -23.15
C ILE A 125 -1.89 14.21 -23.04
N CYS A 126 -1.08 14.92 -23.76
CA CYS A 126 -1.11 16.36 -23.59
C CYS A 126 -1.83 16.99 -24.78
N ASP A 127 -3.07 17.49 -24.55
CA ASP A 127 -3.86 18.08 -25.65
C ASP A 127 -3.16 19.34 -26.19
N ARG A 128 -2.65 20.19 -25.25
CA ARG A 128 -1.97 21.41 -25.66
C ARG A 128 -2.76 22.24 -26.67
N GLN A 7 -8.19 -10.78 27.51
CA GLN A 7 -6.85 -11.00 28.00
C GLN A 7 -5.79 -10.12 27.29
N CYS A 8 -5.60 -10.35 26.00
CA CYS A 8 -4.61 -9.60 25.20
C CYS A 8 -5.09 -8.17 24.93
N ASN A 9 -6.42 -7.96 25.02
CA ASN A 9 -7.05 -6.63 24.85
C ASN A 9 -6.71 -5.98 23.50
N ALA A 10 -6.75 -6.83 22.44
CA ALA A 10 -6.56 -6.42 21.02
C ALA A 10 -5.11 -6.46 20.56
N PRO A 11 -4.82 -7.28 19.50
CA PRO A 11 -3.45 -7.45 19.02
C PRO A 11 -2.87 -6.17 18.49
N GLU A 12 -3.59 -5.62 17.52
CA GLU A 12 -3.23 -4.43 16.77
C GLU A 12 -3.94 -4.48 15.45
N TRP A 13 -3.87 -3.40 14.68
CA TRP A 13 -4.51 -3.38 13.38
C TRP A 13 -3.48 -3.51 12.28
N LEU A 14 -3.74 -4.41 11.34
CA LEU A 14 -2.83 -4.62 10.24
C LEU A 14 -3.51 -4.31 8.93
N PRO A 15 -3.15 -3.17 8.29
CA PRO A 15 -3.75 -2.76 7.01
C PRO A 15 -3.52 -3.75 5.88
N PHE A 16 -2.41 -4.50 5.99
CA PHE A 16 -2.00 -5.46 4.96
C PHE A 16 -3.00 -6.60 4.90
N ALA A 17 -3.41 -7.00 6.11
CA ALA A 17 -4.04 -8.31 6.35
C ALA A 17 -5.48 -8.23 6.85
N ARG A 18 -6.23 -9.28 6.58
CA ARG A 18 -7.63 -9.40 7.03
C ARG A 18 -7.78 -10.63 7.94
N PRO A 19 -7.49 -10.49 9.23
CA PRO A 19 -7.58 -11.61 10.18
C PRO A 19 -9.02 -12.09 10.27
N THR A 20 -9.22 -13.36 10.45
CA THR A 20 -10.57 -13.90 10.47
C THR A 20 -11.09 -14.07 11.90
N GLN A 21 -10.27 -13.73 12.90
CA GLN A 21 -10.65 -13.93 14.31
C GLN A 21 -10.75 -12.64 15.09
N LEU A 22 -10.22 -11.58 14.52
CA LEU A 22 -10.15 -10.27 15.19
C LEU A 22 -11.26 -9.31 14.79
N THR A 23 -12.14 -9.77 13.94
CA THR A 23 -13.11 -8.88 13.39
C THR A 23 -14.05 -8.25 14.43
N ASP A 24 -14.62 -9.05 15.32
CA ASP A 24 -15.46 -8.47 16.35
C ASP A 24 -14.93 -8.85 17.71
N GLU A 25 -13.83 -9.54 17.68
CA GLU A 25 -13.28 -10.12 18.86
C GLU A 25 -12.22 -9.23 19.49
N PHE A 26 -11.06 -9.17 18.83
CA PHE A 26 -9.89 -8.40 19.30
C PHE A 26 -9.30 -8.97 20.61
N GLU A 27 -10.04 -9.80 21.30
CA GLU A 27 -9.62 -10.27 22.61
C GLU A 27 -9.34 -11.76 22.61
N PHE A 28 -8.15 -12.14 23.10
CA PHE A 28 -7.73 -13.54 23.13
C PHE A 28 -6.81 -13.81 24.32
N PRO A 29 -6.59 -15.10 24.66
CA PRO A 29 -5.62 -15.52 25.69
C PRO A 29 -4.16 -15.29 25.26
N ILE A 30 -3.29 -15.06 26.22
CA ILE A 30 -1.84 -14.89 25.95
C ILE A 30 -1.24 -16.23 25.58
N GLY A 31 -0.47 -16.27 24.49
CA GLY A 31 0.00 -17.54 24.03
C GLY A 31 -0.97 -18.14 23.05
N THR A 32 -1.53 -17.31 22.20
CA THR A 32 -2.47 -17.76 21.23
C THR A 32 -1.99 -17.34 19.85
N TYR A 33 -2.37 -18.10 18.89
CA TYR A 33 -2.01 -17.85 17.53
C TYR A 33 -3.21 -17.40 16.75
N LEU A 34 -3.00 -16.33 16.03
CA LEU A 34 -4.02 -15.72 15.16
C LEU A 34 -3.71 -15.81 13.70
N ASN A 35 -4.76 -15.99 12.94
CA ASN A 35 -4.68 -16.12 11.51
C ASN A 35 -4.83 -14.77 10.85
N TYR A 36 -3.71 -14.26 10.43
CA TYR A 36 -3.62 -13.10 9.59
C TYR A 36 -3.28 -13.48 8.20
N GLU A 37 -4.02 -12.97 7.26
CA GLU A 37 -3.75 -13.25 5.89
C GLU A 37 -3.54 -11.96 5.13
N CYS A 38 -2.42 -11.89 4.42
CA CYS A 38 -2.04 -10.70 3.65
C CYS A 38 -2.48 -10.84 2.23
N ARG A 39 -2.49 -9.73 1.52
CA ARG A 39 -2.79 -9.72 0.11
C ARG A 39 -1.53 -10.17 -0.65
N PRO A 40 -1.69 -10.88 -1.77
CA PRO A 40 -0.55 -11.27 -2.59
C PRO A 40 0.14 -10.04 -3.18
N GLY A 41 1.42 -10.16 -3.43
CA GLY A 41 2.20 -9.02 -3.91
C GLY A 41 3.03 -8.34 -2.79
N TYR A 42 2.83 -8.79 -1.58
CA TYR A 42 3.63 -8.33 -0.45
C TYR A 42 4.90 -9.17 -0.26
N SER A 43 6.00 -8.51 0.15
CA SER A 43 7.33 -9.15 0.32
C SER A 43 7.29 -10.28 1.34
N GLY A 44 6.59 -10.05 2.45
CA GLY A 44 6.48 -11.07 3.48
C GLY A 44 5.34 -12.04 3.19
N ARG A 45 5.26 -13.12 3.98
CA ARG A 45 4.18 -14.08 3.83
C ARG A 45 3.23 -13.92 4.97
N PRO A 46 2.01 -14.45 4.87
CA PRO A 46 1.12 -14.41 6.02
C PRO A 46 1.73 -15.18 7.19
N PHE A 47 1.59 -14.66 8.40
CA PHE A 47 2.07 -15.33 9.58
C PHE A 47 1.20 -15.03 10.79
N SER A 48 1.23 -15.93 11.72
CA SER A 48 0.52 -15.79 12.98
C SER A 48 1.20 -14.79 13.95
N ILE A 49 0.38 -14.20 14.83
CA ILE A 49 0.88 -13.39 15.95
C ILE A 49 0.38 -13.96 17.26
N ILE A 50 1.22 -13.86 18.27
CA ILE A 50 0.97 -14.43 19.58
C ILE A 50 1.20 -13.32 20.67
N CYS A 51 0.28 -13.13 21.66
CA CYS A 51 0.40 -11.99 22.71
C CYS A 51 1.65 -12.15 23.64
N LEU A 52 2.79 -12.41 23.05
CA LEU A 52 3.97 -12.81 23.80
C LEU A 52 4.51 -11.75 24.75
N LYS A 53 4.54 -10.51 24.30
CA LYS A 53 5.13 -9.48 25.10
C LYS A 53 4.27 -8.29 25.33
N ASN A 54 4.01 -8.07 26.63
CA ASN A 54 3.25 -6.92 27.12
C ASN A 54 1.91 -6.88 26.42
N SER A 55 1.37 -8.08 26.12
CA SER A 55 0.13 -8.25 25.35
C SER A 55 0.16 -7.43 24.03
N VAL A 56 1.37 -7.15 23.55
CA VAL A 56 1.60 -6.35 22.34
C VAL A 56 1.71 -7.30 21.16
N TRP A 57 1.85 -8.58 21.53
CA TRP A 57 1.98 -9.67 20.60
C TRP A 57 3.39 -9.73 20.03
N THR A 58 3.61 -10.65 19.14
CA THR A 58 4.91 -10.90 18.57
C THR A 58 5.34 -9.68 17.72
N GLY A 59 4.34 -9.04 17.12
CA GLY A 59 4.59 -7.92 16.23
C GLY A 59 3.99 -8.16 14.86
N ALA A 60 2.68 -7.88 14.73
CA ALA A 60 1.98 -8.06 13.45
C ALA A 60 2.39 -6.96 12.47
N LYS A 61 3.05 -5.98 12.98
CA LYS A 61 3.49 -4.89 12.21
C LYS A 61 4.53 -5.28 11.17
N ASP A 62 4.30 -4.74 9.99
CA ASP A 62 5.20 -4.82 8.83
C ASP A 62 5.51 -6.26 8.47
N ARG A 63 4.54 -7.16 8.73
CA ARG A 63 4.73 -8.56 8.41
C ARG A 63 4.82 -8.70 6.86
N CYS A 64 3.99 -7.94 6.20
CA CYS A 64 3.93 -7.91 4.75
C CYS A 64 4.23 -6.53 4.27
N ARG A 65 4.92 -6.42 3.18
CA ARG A 65 5.47 -5.16 2.81
C ARG A 65 5.14 -4.80 1.37
N ARG A 66 4.81 -3.54 1.15
CA ARG A 66 4.46 -3.01 -0.17
C ARG A 66 5.69 -2.58 -0.97
N LYS A 67 5.61 -2.78 -2.26
CA LYS A 67 6.71 -2.45 -3.20
C LYS A 67 6.83 -1.01 -3.59
N SER A 68 8.07 -0.65 -3.86
CA SER A 68 8.44 0.67 -4.28
C SER A 68 7.99 0.98 -5.73
N CYS A 69 7.47 2.19 -5.92
CA CYS A 69 6.96 2.67 -7.22
C CYS A 69 8.03 3.48 -7.97
N ARG A 70 7.94 3.46 -9.28
CA ARG A 70 8.93 4.13 -10.14
C ARG A 70 8.18 5.03 -11.08
N ASN A 71 8.69 6.23 -11.33
CA ASN A 71 7.93 7.16 -12.12
C ASN A 71 8.54 7.53 -13.52
N PRO A 72 9.06 6.54 -14.34
CA PRO A 72 9.45 6.81 -15.73
C PRO A 72 8.30 7.39 -16.64
N PRO A 73 6.96 7.24 -16.30
CA PRO A 73 5.86 7.87 -17.08
C PRO A 73 5.87 9.42 -16.94
N ASP A 74 6.99 9.95 -16.34
CA ASP A 74 7.23 11.39 -16.18
C ASP A 74 6.78 12.18 -17.42
N PRO A 75 6.42 13.45 -17.23
CA PRO A 75 5.81 14.30 -18.23
C PRO A 75 6.72 14.66 -19.37
N VAL A 76 6.11 14.93 -20.51
CA VAL A 76 6.86 15.33 -21.69
C VAL A 76 7.63 16.63 -21.40
N ASN A 77 6.93 17.59 -20.79
CA ASN A 77 7.56 18.83 -20.36
C ASN A 77 8.27 18.72 -18.99
N GLY A 78 8.01 17.62 -18.28
CA GLY A 78 8.63 17.41 -16.97
C GLY A 78 7.89 18.01 -15.73
N MET A 79 6.56 18.14 -15.79
CA MET A 79 5.82 18.67 -14.63
C MET A 79 4.96 17.56 -13.92
N VAL A 80 5.51 16.96 -12.87
CA VAL A 80 4.80 16.00 -11.99
C VAL A 80 4.74 16.51 -10.57
N HIS A 81 3.55 16.41 -10.03
CA HIS A 81 3.29 16.78 -8.66
C HIS A 81 3.10 15.49 -7.94
N VAL A 82 3.58 15.37 -6.73
CA VAL A 82 3.44 14.12 -6.03
C VAL A 82 2.70 14.36 -4.74
N ILE A 83 1.67 13.53 -4.53
CA ILE A 83 0.82 13.66 -3.37
C ILE A 83 1.38 12.86 -2.18
N LYS A 84 1.08 11.55 -2.17
CA LYS A 84 1.42 10.68 -1.05
C LYS A 84 2.93 10.53 -0.82
N GLY A 85 3.66 10.38 -1.92
CA GLY A 85 5.09 10.10 -1.83
C GLY A 85 5.46 8.82 -2.55
N ILE A 86 5.77 8.97 -3.87
CA ILE A 86 6.09 7.89 -4.85
C ILE A 86 6.35 6.54 -4.19
N GLN A 87 5.28 5.83 -3.95
CA GLN A 87 5.35 4.45 -3.53
C GLN A 87 3.93 3.86 -3.75
N PHE A 88 3.67 2.63 -3.34
CA PHE A 88 2.36 2.03 -3.49
C PHE A 88 1.30 2.82 -2.75
N GLY A 89 0.22 3.12 -3.49
CA GLY A 89 -0.85 3.93 -2.97
C GLY A 89 -0.70 5.39 -3.36
N SER A 90 0.46 5.73 -3.92
CA SER A 90 0.72 7.10 -4.35
C SER A 90 -0.01 7.47 -5.61
N GLN A 91 -0.35 8.75 -5.72
CA GLN A 91 -0.92 9.30 -6.92
C GLN A 91 -0.20 10.60 -7.25
N ILE A 92 0.21 10.76 -8.48
CA ILE A 92 0.93 11.98 -8.88
C ILE A 92 0.29 12.61 -10.08
N LYS A 93 0.59 13.84 -10.30
CA LYS A 93 -0.07 14.55 -11.34
C LYS A 93 0.79 14.83 -12.47
N TYR A 94 0.20 14.89 -13.57
CA TYR A 94 0.88 15.19 -14.75
C TYR A 94 0.39 16.47 -15.31
N SER A 95 1.33 17.30 -15.60
CA SER A 95 1.03 18.55 -16.21
C SER A 95 2.18 18.96 -17.11
N CYS A 96 1.84 19.74 -18.09
CA CYS A 96 2.80 20.26 -19.09
C CYS A 96 3.06 21.75 -18.87
N THR A 97 1.97 22.46 -18.53
CA THR A 97 1.92 23.91 -18.44
C THR A 97 0.64 24.28 -17.63
N LYS A 98 0.48 25.47 -17.09
CA LYS A 98 -0.88 25.87 -16.65
C LYS A 98 -1.94 26.06 -17.72
N GLY A 99 -1.59 26.80 -18.72
CA GLY A 99 -2.54 27.16 -19.74
C GLY A 99 -2.49 26.24 -20.91
N TYR A 100 -2.76 24.96 -20.65
CA TYR A 100 -2.65 23.94 -21.69
C TYR A 100 -3.68 22.84 -21.40
N ARG A 101 -3.91 21.96 -22.34
CA ARG A 101 -4.78 20.88 -22.12
C ARG A 101 -3.99 19.58 -22.14
N LEU A 102 -4.26 18.71 -21.22
CA LEU A 102 -3.63 17.40 -21.25
C LEU A 102 -4.62 16.40 -21.83
N ILE A 103 -4.25 15.73 -22.92
CA ILE A 103 -5.16 14.80 -23.58
C ILE A 103 -5.52 13.58 -22.73
N GLY A 104 -4.51 12.99 -22.09
CA GLY A 104 -4.71 11.76 -21.37
C GLY A 104 -4.73 11.92 -19.88
N SER A 105 -4.15 10.96 -19.18
CA SER A 105 -4.20 10.97 -17.75
C SER A 105 -3.39 12.15 -17.17
N SER A 106 -4.11 12.99 -16.41
CA SER A 106 -3.56 14.13 -15.69
C SER A 106 -3.04 13.71 -14.33
N SER A 107 -3.26 12.47 -14.00
CA SER A 107 -2.77 11.90 -12.79
C SER A 107 -2.60 10.40 -13.01
N ALA A 108 -1.80 9.77 -12.19
CA ALA A 108 -1.57 8.33 -12.26
C ALA A 108 -1.60 7.76 -10.86
N THR A 109 -2.06 6.55 -10.73
CA THR A 109 -2.14 5.91 -9.44
C THR A 109 -1.31 4.62 -9.44
N CYS A 110 -0.41 4.44 -8.45
CA CYS A 110 0.41 3.25 -8.40
C CYS A 110 -0.26 2.14 -7.57
N ILE A 111 -0.46 1.01 -8.22
CA ILE A 111 -1.17 -0.14 -7.66
C ILE A 111 -0.36 -1.41 -7.84
N ILE A 112 -0.72 -2.43 -7.10
CA ILE A 112 -0.01 -3.71 -7.20
C ILE A 112 -0.50 -4.46 -8.44
N SER A 113 0.43 -4.82 -9.31
CA SER A 113 0.12 -5.64 -10.47
C SER A 113 0.29 -7.10 -10.10
N GLY A 114 0.81 -7.30 -8.92
CA GLY A 114 1.12 -8.63 -8.43
C GLY A 114 2.56 -8.70 -8.02
N ASP A 115 3.42 -8.94 -9.01
CA ASP A 115 4.89 -8.99 -8.79
C ASP A 115 5.44 -7.64 -8.32
N THR A 116 4.92 -6.57 -8.92
CA THR A 116 5.48 -5.24 -8.75
C THR A 116 4.38 -4.17 -8.65
N VAL A 117 4.77 -2.94 -8.39
CA VAL A 117 3.84 -1.84 -8.33
C VAL A 117 4.04 -0.98 -9.59
N ILE A 118 2.93 -0.71 -10.28
CA ILE A 118 2.95 0.05 -11.50
C ILE A 118 1.90 1.18 -11.44
N TRP A 119 2.04 2.15 -12.31
CA TRP A 119 1.11 3.28 -12.36
C TRP A 119 0.04 2.99 -13.42
N ASP A 120 -1.17 3.50 -13.20
CA ASP A 120 -2.33 3.24 -14.09
C ASP A 120 -2.33 4.14 -15.34
N GLN A 121 -1.36 5.04 -15.42
CA GLN A 121 -1.28 5.94 -16.60
C GLN A 121 -0.85 5.23 -17.88
N GLU A 122 -1.55 5.55 -18.97
CA GLU A 122 -1.25 5.01 -20.34
C GLU A 122 0.10 5.49 -20.92
N THR A 123 0.40 6.77 -20.80
CA THR A 123 1.64 7.34 -21.38
C THR A 123 1.54 8.88 -21.28
N PRO A 124 2.68 9.61 -21.19
CA PRO A 124 2.66 11.08 -21.15
C PRO A 124 2.12 11.70 -22.43
N ILE A 125 1.38 12.79 -22.27
CA ILE A 125 0.82 13.53 -23.41
C ILE A 125 0.87 15.03 -23.08
N CYS A 126 0.91 15.89 -24.08
CA CYS A 126 0.72 17.32 -23.89
C CYS A 126 -0.05 17.93 -25.08
N ASP A 127 -1.31 18.44 -24.87
CA ASP A 127 -2.04 19.08 -25.97
C ASP A 127 -1.33 20.34 -26.41
N ARG A 128 -0.82 21.08 -25.40
CA ARG A 128 -0.01 22.32 -25.55
C ARG A 128 0.17 22.76 -27.02
N GLN A 7 -7.53 -11.94 27.73
CA GLN A 7 -6.15 -12.37 27.96
C GLN A 7 -5.18 -11.38 27.28
N CYS A 8 -5.17 -11.41 25.95
CA CYS A 8 -4.35 -10.50 25.13
C CYS A 8 -5.00 -9.11 25.10
N ASN A 9 -6.32 -9.09 25.39
CA ASN A 9 -7.10 -7.87 25.45
C ASN A 9 -7.12 -7.07 24.11
N ALA A 10 -7.26 -7.80 22.98
CA ALA A 10 -7.44 -7.21 21.62
C ALA A 10 -6.22 -6.42 21.14
N PRO A 11 -5.50 -6.95 20.12
CA PRO A 11 -4.25 -6.31 19.62
C PRO A 11 -4.42 -4.88 19.15
N GLU A 12 -5.55 -4.67 18.47
CA GLU A 12 -6.00 -3.41 17.83
C GLU A 12 -6.27 -3.72 16.36
N TRP A 13 -6.38 -2.70 15.54
CA TRP A 13 -6.55 -2.89 14.11
C TRP A 13 -5.33 -2.44 13.32
N LEU A 14 -4.86 -3.33 12.47
CA LEU A 14 -3.72 -3.09 11.59
C LEU A 14 -4.27 -2.93 10.17
N PRO A 15 -4.14 -1.73 9.57
CA PRO A 15 -4.78 -1.44 8.26
C PRO A 15 -4.28 -2.36 7.14
N PHE A 16 -3.05 -2.80 7.26
CA PHE A 16 -2.38 -3.59 6.22
C PHE A 16 -3.11 -4.92 6.09
N ALA A 17 -3.46 -5.45 7.27
CA ALA A 17 -3.87 -6.82 7.46
C ALA A 17 -5.35 -6.99 7.79
N ARG A 18 -5.89 -8.14 7.38
CA ARG A 18 -7.30 -8.48 7.63
C ARG A 18 -7.46 -9.89 8.20
N PRO A 19 -7.27 -10.05 9.55
CA PRO A 19 -7.47 -11.34 10.24
C PRO A 19 -8.90 -11.84 10.24
N THR A 20 -9.03 -13.13 10.17
CA THR A 20 -10.32 -13.76 10.04
C THR A 20 -10.99 -14.01 11.39
N GLN A 21 -10.17 -14.06 12.44
CA GLN A 21 -10.64 -14.50 13.75
C GLN A 21 -10.91 -13.32 14.65
N LEU A 22 -10.11 -12.32 14.44
CA LEU A 22 -10.12 -11.06 15.16
C LEU A 22 -11.40 -10.29 15.03
N THR A 23 -12.11 -10.54 13.98
CA THR A 23 -13.24 -9.73 13.61
C THR A 23 -14.27 -9.74 14.73
N ASP A 24 -14.50 -10.90 15.31
CA ASP A 24 -15.45 -11.02 16.35
C ASP A 24 -14.73 -11.49 17.59
N GLU A 25 -13.44 -11.77 17.45
CA GLU A 25 -12.75 -12.41 18.50
C GLU A 25 -11.49 -11.65 18.78
N PHE A 26 -11.62 -10.72 19.62
CA PHE A 26 -10.55 -9.89 20.05
C PHE A 26 -9.95 -10.43 21.34
N GLU A 27 -10.53 -11.51 21.85
CA GLU A 27 -10.01 -12.11 23.07
C GLU A 27 -9.41 -13.47 22.79
N PHE A 28 -8.12 -13.62 23.08
CA PHE A 28 -7.46 -14.90 22.89
C PHE A 28 -6.41 -15.17 23.97
N PRO A 29 -6.21 -16.47 24.28
CA PRO A 29 -5.18 -16.97 25.21
C PRO A 29 -3.76 -16.91 24.61
N ILE A 30 -2.77 -17.03 25.47
CA ILE A 30 -1.38 -16.98 25.04
C ILE A 30 -1.05 -18.20 24.18
N GLY A 31 -0.41 -17.94 23.06
CA GLY A 31 -0.04 -18.99 22.13
C GLY A 31 -0.98 -19.06 20.95
N THR A 32 -2.09 -18.36 21.03
CA THR A 32 -2.98 -18.24 19.92
C THR A 32 -2.36 -17.40 18.83
N TYR A 33 -2.49 -17.87 17.62
CA TYR A 33 -2.00 -17.13 16.48
C TYR A 33 -3.19 -16.50 15.80
N LEU A 34 -3.09 -15.22 15.51
CA LEU A 34 -4.11 -14.58 14.71
C LEU A 34 -3.62 -14.46 13.31
N ASN A 35 -4.44 -14.96 12.45
CA ASN A 35 -4.13 -15.10 11.09
C ASN A 35 -4.30 -13.77 10.44
N TYR A 36 -3.19 -13.17 10.18
CA TYR A 36 -3.12 -11.90 9.55
C TYR A 36 -2.73 -12.04 8.14
N GLU A 37 -3.46 -11.36 7.34
CA GLU A 37 -3.26 -11.38 5.93
C GLU A 37 -2.90 -10.01 5.48
N CYS A 38 -1.80 -9.92 4.79
CA CYS A 38 -1.41 -8.67 4.23
C CYS A 38 -2.18 -8.59 2.95
N ARG A 39 -2.96 -7.51 2.76
CA ARG A 39 -3.78 -7.42 1.55
C ARG A 39 -2.89 -7.55 0.33
N PRO A 40 -3.44 -7.92 -0.83
CA PRO A 40 -2.62 -8.19 -2.00
C PRO A 40 -1.83 -6.97 -2.42
N GLY A 41 -0.62 -7.21 -2.89
CA GLY A 41 0.28 -6.15 -3.24
C GLY A 41 1.23 -5.85 -2.09
N TYR A 42 1.05 -6.58 -1.00
CA TYR A 42 1.92 -6.49 0.16
C TYR A 42 2.73 -7.75 0.40
N SER A 43 3.97 -7.52 0.72
CA SER A 43 4.93 -8.51 1.06
C SER A 43 5.11 -8.49 2.57
N GLY A 44 6.21 -9.03 3.02
CA GLY A 44 6.48 -9.13 4.44
C GLY A 44 6.14 -10.48 4.98
N ARG A 45 5.59 -11.29 4.10
CA ARG A 45 5.17 -12.65 4.39
C ARG A 45 4.12 -12.67 5.51
N PRO A 46 2.92 -13.16 5.20
CA PRO A 46 1.84 -13.14 6.17
C PRO A 46 2.06 -14.16 7.28
N PHE A 47 2.26 -13.62 8.47
CA PHE A 47 2.36 -14.39 9.66
C PHE A 47 1.45 -13.86 10.71
N SER A 48 0.95 -14.74 11.49
CA SER A 48 0.03 -14.45 12.52
C SER A 48 0.70 -13.75 13.72
N ILE A 49 -0.06 -12.86 14.39
CA ILE A 49 0.42 -12.27 15.64
C ILE A 49 0.06 -13.21 16.76
N ILE A 50 1.01 -13.50 17.59
CA ILE A 50 0.84 -14.46 18.67
C ILE A 50 1.08 -13.76 19.98
N CYS A 51 0.16 -13.89 20.94
CA CYS A 51 0.36 -13.36 22.29
C CYS A 51 1.73 -13.80 22.82
N LEU A 52 2.75 -12.97 22.58
CA LEU A 52 4.12 -13.33 22.94
C LEU A 52 4.80 -12.27 23.80
N LYS A 53 5.05 -11.06 23.21
CA LYS A 53 5.76 -10.02 23.94
C LYS A 53 4.86 -9.49 25.05
N ASN A 54 5.37 -9.54 26.27
CA ASN A 54 4.66 -9.08 27.48
C ASN A 54 3.31 -9.78 27.56
N SER A 55 3.30 -11.05 27.12
CA SER A 55 2.08 -11.85 27.05
C SER A 55 0.93 -11.11 26.34
N VAL A 56 1.25 -10.07 25.54
CA VAL A 56 0.23 -9.34 24.80
C VAL A 56 0.19 -9.81 23.32
N TRP A 57 1.14 -9.34 22.52
CA TRP A 57 1.26 -9.71 21.11
C TRP A 57 2.71 -9.65 20.68
N THR A 58 3.00 -10.12 19.49
CA THR A 58 4.38 -10.16 19.00
C THR A 58 4.82 -8.74 18.54
N GLY A 59 3.90 -7.79 18.61
CA GLY A 59 4.19 -6.40 18.28
C GLY A 59 3.70 -5.94 16.93
N ALA A 60 3.39 -6.89 16.04
CA ALA A 60 2.82 -6.60 14.70
C ALA A 60 3.56 -5.48 13.92
N LYS A 61 4.84 -5.27 14.23
CA LYS A 61 5.65 -4.27 13.59
C LYS A 61 6.24 -4.66 12.23
N ASP A 62 6.16 -3.69 11.28
CA ASP A 62 6.80 -3.76 9.93
C ASP A 62 6.37 -5.02 9.21
N ARG A 63 5.16 -5.42 9.51
CA ARG A 63 4.62 -6.68 9.05
C ARG A 63 4.41 -6.81 7.53
N CYS A 64 3.91 -5.77 6.89
CA CYS A 64 3.55 -5.91 5.48
C CYS A 64 4.26 -4.83 4.66
N ARG A 65 4.64 -5.15 3.44
CA ARG A 65 5.36 -4.19 2.63
C ARG A 65 4.69 -4.05 1.27
N ARG A 66 4.54 -2.83 0.83
CA ARG A 66 4.01 -2.53 -0.49
C ARG A 66 5.14 -2.22 -1.46
N LYS A 67 4.89 -2.45 -2.72
CA LYS A 67 5.91 -2.27 -3.73
C LYS A 67 6.03 -0.94 -4.35
N SER A 68 7.24 -0.69 -4.77
CA SER A 68 7.66 0.53 -5.33
C SER A 68 7.14 0.70 -6.77
N CYS A 69 6.92 1.93 -7.14
CA CYS A 69 6.47 2.28 -8.49
C CYS A 69 7.64 2.85 -9.30
N ARG A 70 7.39 3.11 -10.56
CA ARG A 70 8.43 3.55 -11.49
C ARG A 70 8.10 4.84 -12.23
N ASN A 71 9.09 5.69 -12.37
CA ASN A 71 8.91 6.92 -13.12
C ASN A 71 10.20 7.43 -13.84
N PRO A 72 11.16 6.51 -14.28
CA PRO A 72 12.34 6.93 -15.05
C PRO A 72 12.04 7.85 -16.28
N PRO A 73 10.96 7.55 -17.09
CA PRO A 73 10.66 8.31 -18.34
C PRO A 73 10.38 9.80 -18.14
N ASP A 74 9.82 10.16 -16.96
CA ASP A 74 9.38 11.54 -16.63
C ASP A 74 8.56 12.26 -17.78
N PRO A 75 7.79 13.32 -17.44
CA PRO A 75 6.97 14.06 -18.42
C PRO A 75 7.82 14.84 -19.38
N VAL A 76 7.28 15.06 -20.56
CA VAL A 76 8.01 15.78 -21.57
C VAL A 76 8.33 17.23 -21.08
N ASN A 77 7.34 17.94 -20.51
CA ASN A 77 7.60 19.25 -19.87
C ASN A 77 8.50 19.04 -18.63
N GLY A 78 8.20 17.96 -17.89
CA GLY A 78 8.89 17.67 -16.63
C GLY A 78 8.10 18.16 -15.43
N MET A 79 6.77 18.09 -15.56
CA MET A 79 5.84 18.64 -14.56
C MET A 79 5.21 17.61 -13.59
N VAL A 80 5.83 16.44 -13.40
CA VAL A 80 5.29 15.49 -12.40
C VAL A 80 5.48 15.99 -11.00
N HIS A 81 4.39 15.93 -10.24
CA HIS A 81 4.40 16.20 -8.83
C HIS A 81 4.14 14.91 -8.13
N VAL A 82 5.05 14.48 -7.26
CA VAL A 82 4.88 13.19 -6.62
C VAL A 82 4.37 13.37 -5.20
N ILE A 83 3.13 12.99 -4.97
CA ILE A 83 2.51 13.15 -3.66
C ILE A 83 3.18 12.28 -2.56
N LYS A 84 3.47 11.03 -2.89
CA LYS A 84 4.00 10.05 -1.91
C LYS A 84 5.46 9.58 -2.11
N GLY A 85 6.17 10.16 -3.04
CA GLY A 85 7.56 9.71 -3.28
C GLY A 85 7.71 8.50 -4.21
N ILE A 86 6.65 8.15 -4.96
CA ILE A 86 6.69 7.03 -5.95
C ILE A 86 6.59 5.65 -5.25
N GLN A 87 5.39 5.32 -4.79
CA GLN A 87 5.14 4.07 -4.05
C GLN A 87 3.71 3.61 -4.37
N PHE A 88 3.37 2.39 -4.00
CA PHE A 88 1.98 1.93 -4.15
C PHE A 88 1.01 2.78 -3.34
N GLY A 89 -0.05 3.21 -4.02
CA GLY A 89 -1.02 4.08 -3.41
C GLY A 89 -0.69 5.53 -3.68
N SER A 90 0.51 5.77 -4.18
CA SER A 90 0.94 7.09 -4.51
C SER A 90 0.26 7.56 -5.77
N GLN A 91 -0.03 8.83 -5.81
CA GLN A 91 -0.62 9.46 -6.96
C GLN A 91 0.22 10.66 -7.37
N ILE A 92 0.44 10.78 -8.66
CA ILE A 92 1.30 11.82 -9.20
C ILE A 92 0.60 12.60 -10.31
N LYS A 93 1.10 13.80 -10.62
CA LYS A 93 0.43 14.65 -11.62
C LYS A 93 1.27 14.75 -12.91
N TYR A 94 0.57 14.75 -14.03
CA TYR A 94 1.18 14.84 -15.37
C TYR A 94 0.73 16.03 -16.16
N SER A 95 0.71 17.18 -15.55
CA SER A 95 0.28 18.34 -16.26
C SER A 95 1.35 18.84 -17.25
N CYS A 96 0.89 19.39 -18.35
CA CYS A 96 1.75 20.04 -19.38
C CYS A 96 1.78 21.55 -19.18
N THR A 97 0.68 22.09 -18.64
CA THR A 97 0.43 23.53 -18.63
C THR A 97 -0.86 23.85 -17.82
N LYS A 98 -1.07 25.12 -17.45
CA LYS A 98 -2.30 25.56 -16.82
C LYS A 98 -3.54 25.39 -17.71
N GLY A 99 -3.41 25.81 -18.94
CA GLY A 99 -4.52 25.69 -19.85
C GLY A 99 -4.16 24.83 -21.04
N TYR A 100 -4.26 23.52 -20.86
CA TYR A 100 -3.93 22.60 -21.94
C TYR A 100 -4.80 21.35 -21.77
N ARG A 101 -4.91 20.52 -22.79
CA ARG A 101 -5.67 19.30 -22.60
C ARG A 101 -4.65 18.20 -22.46
N LEU A 102 -4.81 17.32 -21.51
CA LEU A 102 -3.95 16.17 -21.49
C LEU A 102 -4.76 15.05 -22.05
N ILE A 103 -4.30 14.47 -23.11
CA ILE A 103 -5.02 13.37 -23.71
C ILE A 103 -5.04 12.17 -22.76
N GLY A 104 -3.87 11.91 -22.18
CA GLY A 104 -3.67 10.79 -21.31
C GLY A 104 -4.02 11.06 -19.88
N SER A 105 -3.66 10.11 -19.04
CA SER A 105 -3.94 10.16 -17.62
C SER A 105 -3.25 11.38 -16.96
N SER A 106 -4.08 12.29 -16.46
CA SER A 106 -3.64 13.49 -15.77
C SER A 106 -2.91 13.18 -14.48
N SER A 107 -3.42 12.24 -13.72
CA SER A 107 -2.79 11.91 -12.48
C SER A 107 -2.65 10.39 -12.38
N ALA A 108 -1.41 9.92 -12.48
CA ALA A 108 -1.13 8.51 -12.39
C ALA A 108 -1.35 8.01 -10.98
N THR A 109 -1.86 6.82 -10.88
CA THR A 109 -2.08 6.19 -9.62
C THR A 109 -1.36 4.85 -9.59
N CYS A 110 -0.58 4.59 -8.56
CA CYS A 110 0.13 3.31 -8.44
C CYS A 110 -0.84 2.24 -7.91
N ILE A 111 -0.99 1.16 -8.69
CA ILE A 111 -1.88 0.07 -8.34
C ILE A 111 -1.14 -1.28 -8.37
N ILE A 112 -1.72 -2.27 -7.73
CA ILE A 112 -1.07 -3.57 -7.61
C ILE A 112 -1.45 -4.49 -8.79
N SER A 113 -0.42 -5.00 -9.47
CA SER A 113 -0.59 -5.98 -10.55
C SER A 113 -0.58 -7.40 -9.96
N GLY A 114 -0.27 -7.46 -8.67
CA GLY A 114 -0.14 -8.70 -7.96
C GLY A 114 1.32 -9.01 -7.71
N ASP A 115 2.03 -9.38 -8.75
CA ASP A 115 3.49 -9.60 -8.69
C ASP A 115 4.26 -8.30 -8.39
N THR A 116 3.81 -7.23 -9.00
CA THR A 116 4.51 -5.95 -8.99
C THR A 116 3.49 -4.81 -9.00
N VAL A 117 3.94 -3.56 -8.83
CA VAL A 117 3.01 -2.44 -8.80
C VAL A 117 3.29 -1.51 -10.01
N ILE A 118 2.23 -1.14 -10.71
CA ILE A 118 2.34 -0.32 -11.92
C ILE A 118 1.43 0.89 -11.85
N TRP A 119 1.67 1.85 -12.71
CA TRP A 119 0.88 3.08 -12.79
C TRP A 119 -0.20 2.92 -13.86
N ASP A 120 -1.33 3.56 -13.66
CA ASP A 120 -2.42 3.50 -14.64
C ASP A 120 -2.16 4.50 -15.78
N GLN A 121 -1.06 5.23 -15.65
CA GLN A 121 -0.62 6.21 -16.63
C GLN A 121 -0.17 5.54 -17.93
N GLU A 122 -0.86 5.87 -19.01
CA GLU A 122 -0.50 5.33 -20.34
C GLU A 122 0.81 5.94 -20.87
N THR A 123 0.91 7.27 -20.73
CA THR A 123 2.03 8.08 -21.24
C THR A 123 1.57 9.55 -21.27
N PRO A 124 2.40 10.53 -20.88
CA PRO A 124 1.97 11.93 -20.94
C PRO A 124 1.67 12.33 -22.39
N ILE A 125 0.58 13.03 -22.61
CA ILE A 125 0.25 13.54 -23.94
C ILE A 125 -0.11 15.01 -23.86
N CYS A 126 0.52 15.89 -24.56
CA CYS A 126 0.19 17.29 -24.32
C CYS A 126 -0.50 17.95 -25.53
N ASP A 127 -1.86 18.12 -25.44
CA ASP A 127 -2.64 18.75 -26.52
C ASP A 127 -2.27 20.22 -26.72
N ARG A 128 -2.11 20.93 -25.58
CA ARG A 128 -1.90 22.39 -25.55
C ARG A 128 -2.61 23.12 -26.73
N GLN A 7 -7.25 -10.05 27.73
CA GLN A 7 -5.80 -10.35 27.70
C GLN A 7 -5.02 -9.52 26.66
N CYS A 8 -5.28 -9.78 25.38
CA CYS A 8 -4.51 -9.21 24.26
C CYS A 8 -4.83 -7.75 24.06
N ASN A 9 -6.05 -7.39 24.44
CA ASN A 9 -6.57 -6.02 24.32
C ASN A 9 -6.55 -5.49 22.92
N ALA A 10 -6.78 -6.39 21.94
CA ALA A 10 -6.88 -6.01 20.53
C ALA A 10 -5.56 -5.47 19.96
N PRO A 11 -4.97 -6.17 18.98
CA PRO A 11 -3.65 -5.78 18.46
C PRO A 11 -3.63 -4.41 17.75
N GLU A 12 -4.45 -4.31 16.69
CA GLU A 12 -4.67 -3.06 15.91
C GLU A 12 -5.15 -3.43 14.52
N TRP A 13 -5.18 -2.46 13.65
CA TRP A 13 -5.51 -2.70 12.27
C TRP A 13 -4.27 -2.65 11.40
N LEU A 14 -4.06 -3.71 10.66
CA LEU A 14 -2.94 -3.84 9.78
C LEU A 14 -3.44 -3.64 8.35
N PRO A 15 -2.99 -2.57 7.67
CA PRO A 15 -3.49 -2.23 6.33
C PRO A 15 -3.27 -3.38 5.35
N PHE A 16 -2.22 -4.08 5.61
CA PHE A 16 -1.73 -5.16 4.77
C PHE A 16 -2.76 -6.28 4.77
N ALA A 17 -3.32 -6.51 5.96
CA ALA A 17 -4.04 -7.71 6.26
C ALA A 17 -5.50 -7.51 6.66
N ARG A 18 -6.33 -8.45 6.23
CA ARG A 18 -7.74 -8.47 6.57
C ARG A 18 -8.07 -9.82 7.23
N PRO A 19 -7.72 -9.96 8.54
CA PRO A 19 -7.90 -11.19 9.30
C PRO A 19 -9.35 -11.59 9.42
N THR A 20 -9.55 -12.88 9.47
CA THR A 20 -10.87 -13.46 9.34
C THR A 20 -11.56 -13.64 10.69
N GLN A 21 -10.85 -13.34 11.76
CA GLN A 21 -11.32 -13.68 13.10
C GLN A 21 -11.54 -12.40 13.88
N LEU A 22 -10.58 -11.54 13.72
CA LEU A 22 -10.35 -10.34 14.50
C LEU A 22 -11.44 -9.33 14.43
N THR A 23 -12.00 -9.14 13.31
CA THR A 23 -12.99 -8.13 13.13
C THR A 23 -14.09 -8.22 14.24
N ASP A 24 -14.57 -9.43 14.58
CA ASP A 24 -15.56 -9.57 15.65
C ASP A 24 -14.92 -9.97 16.96
N GLU A 25 -13.62 -10.19 16.93
CA GLU A 25 -12.90 -10.68 18.05
C GLU A 25 -11.46 -10.24 18.05
N PHE A 26 -11.35 -9.07 18.52
CA PHE A 26 -10.12 -8.39 18.83
C PHE A 26 -9.33 -9.09 19.94
N GLU A 27 -10.03 -9.60 20.96
CA GLU A 27 -9.35 -10.23 22.11
C GLU A 27 -9.39 -11.76 22.10
N PHE A 28 -8.26 -12.36 22.50
CA PHE A 28 -8.11 -13.81 22.57
C PHE A 28 -7.23 -14.20 23.77
N PRO A 29 -7.20 -15.49 24.14
CA PRO A 29 -6.29 -16.05 25.15
C PRO A 29 -4.81 -16.22 24.67
N ILE A 30 -3.90 -16.42 25.64
CA ILE A 30 -2.48 -16.70 25.33
C ILE A 30 -2.33 -18.01 24.61
N GLY A 31 -1.49 -17.97 23.60
CA GLY A 31 -1.25 -19.13 22.79
C GLY A 31 -2.27 -19.33 21.69
N THR A 32 -2.96 -18.27 21.33
CA THR A 32 -3.90 -18.36 20.25
C THR A 32 -3.30 -17.71 19.03
N TYR A 33 -3.33 -18.42 17.95
CA TYR A 33 -2.72 -17.97 16.75
C TYR A 33 -3.80 -17.44 15.80
N LEU A 34 -3.58 -16.21 15.34
CA LEU A 34 -4.50 -15.50 14.44
C LEU A 34 -4.12 -15.58 12.98
N ASN A 35 -5.13 -15.71 12.18
CA ASN A 35 -5.00 -15.83 10.76
C ASN A 35 -5.05 -14.43 10.12
N TYR A 36 -3.89 -13.98 9.71
CA TYR A 36 -3.68 -12.76 8.93
C TYR A 36 -3.30 -13.06 7.49
N GLU A 37 -3.93 -12.35 6.55
CA GLU A 37 -3.60 -12.47 5.15
C GLU A 37 -3.08 -11.13 4.61
N CYS A 38 -1.92 -11.12 3.99
CA CYS A 38 -1.44 -9.91 3.33
C CYS A 38 -1.84 -9.94 1.87
N ARG A 39 -2.12 -8.78 1.32
CA ARG A 39 -2.53 -8.69 -0.07
C ARG A 39 -1.38 -9.07 -0.99
N PRO A 40 -1.67 -9.36 -2.25
CA PRO A 40 -0.65 -9.70 -3.22
C PRO A 40 0.32 -8.55 -3.41
N GLY A 41 1.57 -8.89 -3.63
CA GLY A 41 2.57 -7.88 -3.86
C GLY A 41 3.41 -7.56 -2.67
N TYR A 42 3.04 -8.04 -1.49
CA TYR A 42 3.87 -7.81 -0.36
C TYR A 42 4.98 -8.84 -0.27
N SER A 43 6.18 -8.35 0.02
CA SER A 43 7.38 -9.18 0.11
C SER A 43 7.28 -10.27 1.18
N GLY A 44 6.75 -9.88 2.34
CA GLY A 44 6.74 -10.77 3.47
C GLY A 44 5.54 -11.67 3.53
N ARG A 45 5.58 -12.60 4.47
CA ARG A 45 4.52 -13.55 4.68
C ARG A 45 3.88 -13.34 6.05
N PRO A 46 2.56 -13.21 6.10
CA PRO A 46 1.84 -13.04 7.35
C PRO A 46 1.96 -14.26 8.29
N PHE A 47 2.04 -13.98 9.58
CA PHE A 47 2.08 -15.02 10.62
C PHE A 47 1.21 -14.56 11.77
N SER A 48 0.80 -15.48 12.62
CA SER A 48 -0.08 -15.16 13.71
C SER A 48 0.58 -14.26 14.72
N ILE A 49 -0.24 -13.54 15.48
CA ILE A 49 0.31 -12.54 16.39
C ILE A 49 0.39 -13.00 17.81
N ILE A 50 -0.14 -14.16 18.05
CA ILE A 50 -0.18 -14.90 19.35
C ILE A 50 0.12 -14.02 20.61
N CYS A 51 -0.79 -14.00 21.55
CA CYS A 51 -0.68 -13.16 22.76
C CYS A 51 0.37 -13.71 23.72
N LEU A 52 1.64 -13.62 23.31
CA LEU A 52 2.76 -14.16 24.05
C LEU A 52 3.38 -13.12 25.01
N LYS A 53 3.72 -11.94 24.45
CA LYS A 53 4.45 -10.94 25.21
C LYS A 53 3.52 -10.17 26.10
N ASN A 54 3.73 -10.31 27.41
CA ASN A 54 2.93 -9.60 28.42
C ASN A 54 1.47 -9.90 28.22
N SER A 55 1.19 -11.13 27.79
CA SER A 55 -0.15 -11.59 27.45
C SER A 55 -0.84 -10.67 26.41
N VAL A 56 -0.03 -9.88 25.66
CA VAL A 56 -0.61 -8.98 24.68
C VAL A 56 -0.53 -9.58 23.28
N TRP A 57 0.60 -9.36 22.57
CA TRP A 57 0.83 -9.95 21.22
C TRP A 57 2.31 -10.11 20.95
N THR A 58 2.65 -10.94 19.94
CA THR A 58 4.04 -11.16 19.57
C THR A 58 4.66 -9.87 18.98
N GLY A 59 3.84 -9.11 18.26
CA GLY A 59 4.32 -7.90 17.60
C GLY A 59 4.38 -8.06 16.08
N ALA A 60 3.24 -7.95 15.42
CA ALA A 60 3.19 -8.17 13.99
C ALA A 60 3.04 -6.86 13.23
N LYS A 61 4.07 -6.04 13.31
CA LYS A 61 4.10 -4.81 12.54
C LYS A 61 5.18 -4.90 11.49
N ASP A 62 5.03 -4.08 10.44
CA ASP A 62 5.96 -4.02 9.27
C ASP A 62 6.22 -5.39 8.68
N ARG A 63 5.27 -6.28 8.91
CA ARG A 63 5.38 -7.67 8.51
C ARG A 63 5.44 -7.88 7.01
N CYS A 64 4.64 -7.14 6.29
CA CYS A 64 4.56 -7.29 4.86
C CYS A 64 5.12 -6.06 4.22
N ARG A 65 5.81 -6.19 3.09
CA ARG A 65 6.62 -5.06 2.70
C ARG A 65 6.40 -4.60 1.24
N ARG A 66 6.38 -3.30 1.13
CA ARG A 66 6.27 -2.45 -0.05
C ARG A 66 7.57 -2.34 -0.94
N LYS A 67 7.37 -2.37 -2.29
CA LYS A 67 8.47 -2.09 -3.26
C LYS A 67 8.56 -0.66 -3.76
N SER A 68 9.78 -0.33 -4.19
CA SER A 68 10.14 0.99 -4.67
C SER A 68 9.47 1.35 -6.02
N CYS A 69 8.96 2.60 -6.10
CA CYS A 69 8.30 3.21 -7.29
C CYS A 69 9.31 4.02 -8.10
N ARG A 70 9.14 4.04 -9.42
CA ARG A 70 10.03 4.78 -10.29
C ARG A 70 9.22 5.40 -11.42
N ASN A 71 9.64 6.57 -11.92
CA ASN A 71 8.85 7.28 -12.92
C ASN A 71 9.55 7.52 -14.26
N PRO A 72 9.76 6.46 -15.08
CA PRO A 72 10.18 6.64 -16.47
C PRO A 72 9.00 6.93 -17.50
N PRO A 73 7.64 6.80 -17.11
CA PRO A 73 6.54 7.11 -18.03
C PRO A 73 6.70 8.50 -18.62
N ASP A 74 7.11 9.43 -17.72
CA ASP A 74 7.28 10.88 -17.98
C ASP A 74 6.15 11.57 -18.75
N PRO A 75 5.85 12.82 -18.38
CA PRO A 75 4.88 13.63 -19.11
C PRO A 75 5.39 13.85 -20.51
N VAL A 76 4.51 13.90 -21.50
CA VAL A 76 4.97 14.06 -22.86
C VAL A 76 5.71 15.40 -22.99
N ASN A 77 5.09 16.43 -22.44
CA ASN A 77 5.72 17.75 -22.39
C ASN A 77 6.98 17.72 -21.53
N GLY A 78 6.93 16.99 -20.41
CA GLY A 78 8.10 16.84 -19.54
C GLY A 78 7.90 17.44 -18.16
N MET A 79 6.69 17.83 -17.84
CA MET A 79 6.43 18.44 -16.56
C MET A 79 5.53 17.58 -15.63
N VAL A 80 6.16 17.11 -14.54
CA VAL A 80 5.54 16.24 -13.53
C VAL A 80 5.82 16.74 -12.08
N HIS A 81 4.81 16.66 -11.23
CA HIS A 81 4.94 17.00 -9.79
C HIS A 81 4.66 15.81 -8.92
N VAL A 82 5.28 15.73 -7.75
CA VAL A 82 5.10 14.57 -6.88
C VAL A 82 4.36 14.99 -5.61
N ILE A 83 3.30 14.25 -5.29
CA ILE A 83 2.45 14.55 -4.13
C ILE A 83 2.87 13.78 -2.89
N LYS A 84 2.73 12.46 -2.98
CA LYS A 84 2.90 11.56 -1.85
C LYS A 84 4.35 11.19 -1.67
N GLY A 85 5.15 11.46 -2.68
CA GLY A 85 6.49 11.01 -2.69
C GLY A 85 6.59 9.75 -3.53
N ILE A 86 7.52 9.74 -4.47
CA ILE A 86 7.75 8.60 -5.35
C ILE A 86 8.11 7.33 -4.52
N GLN A 87 7.08 6.69 -4.05
CA GLN A 87 7.12 5.44 -3.29
C GLN A 87 5.73 4.82 -3.38
N PHE A 88 5.55 3.60 -2.98
CA PHE A 88 4.22 2.97 -3.08
C PHE A 88 3.16 3.72 -2.31
N GLY A 89 2.02 3.92 -3.00
CA GLY A 89 0.96 4.76 -2.50
C GLY A 89 1.13 6.18 -2.99
N SER A 90 2.08 6.34 -3.92
CA SER A 90 2.40 7.64 -4.49
C SER A 90 1.39 8.10 -5.52
N GLN A 91 1.40 9.40 -5.76
CA GLN A 91 0.55 10.01 -6.76
C GLN A 91 1.27 11.26 -7.28
N ILE A 92 1.43 11.38 -8.59
CA ILE A 92 2.14 12.53 -9.16
C ILE A 92 1.34 13.19 -10.26
N LYS A 93 1.70 14.42 -10.62
CA LYS A 93 0.94 15.13 -11.65
C LYS A 93 1.69 15.14 -12.94
N TYR A 94 0.94 15.02 -13.98
CA TYR A 94 1.40 15.05 -15.33
C TYR A 94 0.95 16.31 -16.03
N SER A 95 1.15 17.43 -15.35
CA SER A 95 0.73 18.72 -15.84
C SER A 95 1.60 19.15 -17.00
N CYS A 96 1.05 19.08 -18.17
CA CYS A 96 1.74 19.48 -19.38
C CYS A 96 1.80 21.02 -19.45
N THR A 97 0.72 21.65 -18.99
CA THR A 97 0.51 23.09 -19.12
C THR A 97 -0.55 23.60 -18.10
N LYS A 98 -0.48 24.83 -17.66
CA LYS A 98 -1.54 25.37 -16.86
C LYS A 98 -2.91 25.48 -17.62
N GLY A 99 -2.87 26.00 -18.85
CA GLY A 99 -4.10 26.30 -19.62
C GLY A 99 -4.57 25.21 -20.60
N TYR A 100 -4.15 24.00 -20.38
CA TYR A 100 -4.47 22.87 -21.26
C TYR A 100 -5.25 21.86 -20.44
N ARG A 101 -5.69 20.80 -21.04
CA ARG A 101 -6.34 19.77 -20.29
C ARG A 101 -5.72 18.43 -20.63
N LEU A 102 -5.59 17.57 -19.65
CA LEU A 102 -5.06 16.24 -19.87
C LEU A 102 -6.17 15.24 -19.92
N ILE A 103 -6.26 14.55 -21.06
CA ILE A 103 -7.36 13.64 -21.36
C ILE A 103 -7.36 12.42 -20.41
N GLY A 104 -6.18 11.84 -20.20
CA GLY A 104 -6.08 10.65 -19.36
C GLY A 104 -5.97 10.94 -17.89
N SER A 105 -5.01 10.33 -17.25
CA SER A 105 -4.86 10.51 -15.82
C SER A 105 -3.77 11.53 -15.51
N SER A 106 -4.20 12.69 -15.06
CA SER A 106 -3.33 13.75 -14.66
C SER A 106 -2.45 13.31 -13.48
N SER A 107 -3.03 12.61 -12.52
CA SER A 107 -2.26 12.12 -11.42
C SER A 107 -2.27 10.59 -11.36
N ALA A 108 -1.13 10.01 -11.74
CA ALA A 108 -0.92 8.55 -11.70
C ALA A 108 -0.71 8.07 -10.26
N THR A 109 -1.15 6.85 -9.96
CA THR A 109 -0.93 6.31 -8.62
C THR A 109 -0.12 4.99 -8.72
N CYS A 110 0.99 4.89 -7.98
CA CYS A 110 1.84 3.67 -7.98
C CYS A 110 1.42 2.68 -6.93
N ILE A 111 1.04 1.50 -7.39
CA ILE A 111 0.54 0.44 -6.56
C ILE A 111 1.32 -0.86 -6.82
N ILE A 112 1.24 -1.83 -5.91
CA ILE A 112 2.05 -3.04 -6.08
C ILE A 112 1.30 -4.00 -7.03
N SER A 113 1.93 -4.37 -8.14
CA SER A 113 1.38 -5.35 -9.08
C SER A 113 1.33 -6.73 -8.47
N GLY A 114 2.33 -7.03 -7.68
CA GLY A 114 2.50 -8.33 -7.11
C GLY A 114 3.98 -8.68 -7.00
N ASP A 115 4.74 -8.39 -8.06
CA ASP A 115 6.20 -8.59 -8.03
C ASP A 115 6.95 -7.26 -8.13
N THR A 116 6.23 -6.22 -8.45
CA THR A 116 6.82 -4.92 -8.66
C THR A 116 5.79 -3.84 -8.39
N VAL A 117 6.19 -2.60 -8.43
CA VAL A 117 5.24 -1.52 -8.25
C VAL A 117 5.17 -0.69 -9.54
N ILE A 118 3.98 -0.44 -9.99
CA ILE A 118 3.77 0.33 -11.19
C ILE A 118 2.80 1.45 -10.96
N TRP A 119 2.85 2.43 -11.83
CA TRP A 119 1.92 3.54 -11.79
C TRP A 119 0.69 3.15 -12.63
N ASP A 120 -0.49 3.55 -12.20
CA ASP A 120 -1.75 3.09 -12.82
C ASP A 120 -2.23 3.92 -14.00
N GLN A 121 -1.48 4.94 -14.38
CA GLN A 121 -1.84 5.76 -15.54
C GLN A 121 -1.77 4.97 -16.84
N GLU A 122 -2.80 5.13 -17.67
CA GLU A 122 -2.88 4.43 -18.94
C GLU A 122 -1.76 4.91 -19.88
N THR A 123 -1.55 6.23 -19.85
CA THR A 123 -0.56 6.92 -20.66
C THR A 123 -0.78 8.42 -20.51
N PRO A 124 0.27 9.22 -20.26
CA PRO A 124 0.08 10.67 -20.15
C PRO A 124 -0.44 11.22 -21.47
N ILE A 125 -1.35 12.16 -21.40
CA ILE A 125 -1.92 12.72 -22.60
C ILE A 125 -1.86 14.25 -22.52
N CYS A 126 -1.36 14.91 -23.51
CA CYS A 126 -1.36 16.37 -23.43
C CYS A 126 -2.25 16.91 -24.56
N ASP A 127 -3.53 17.25 -24.23
CA ASP A 127 -4.49 17.66 -25.27
C ASP A 127 -4.04 18.94 -25.97
N ARG A 128 -3.68 19.95 -25.14
CA ARG A 128 -3.21 21.25 -25.65
C ARG A 128 -3.92 21.67 -26.94
N GLN A 7 -7.28 -9.32 27.48
CA GLN A 7 -6.14 -10.17 27.54
C GLN A 7 -5.04 -9.69 26.61
N CYS A 8 -5.14 -9.96 25.29
CA CYS A 8 -4.11 -9.43 24.41
C CYS A 8 -4.43 -7.92 24.27
N ASN A 9 -5.70 -7.57 24.59
CA ASN A 9 -6.30 -6.22 24.42
C ASN A 9 -6.31 -5.76 22.96
N ALA A 10 -6.52 -6.72 22.06
CA ALA A 10 -6.65 -6.51 20.60
C ALA A 10 -5.33 -6.11 19.95
N PRO A 11 -4.91 -6.89 18.93
CA PRO A 11 -3.60 -6.66 18.28
C PRO A 11 -3.50 -5.24 17.74
N GLU A 12 -4.55 -4.88 17.03
CA GLU A 12 -4.81 -3.59 16.39
C GLU A 12 -5.42 -3.85 15.04
N TRP A 13 -5.52 -2.85 14.20
CA TRP A 13 -5.99 -3.06 12.87
C TRP A 13 -4.82 -2.97 11.92
N LEU A 14 -4.66 -4.00 11.13
CA LEU A 14 -3.58 -4.06 10.22
C LEU A 14 -4.15 -3.83 8.83
N PRO A 15 -3.79 -2.72 8.18
CA PRO A 15 -4.36 -2.35 6.88
C PRO A 15 -3.98 -3.32 5.74
N PHE A 16 -2.91 -4.06 5.89
CA PHE A 16 -2.49 -4.97 4.83
C PHE A 16 -2.87 -6.44 5.12
N ALA A 17 -3.68 -6.66 6.16
CA ALA A 17 -4.09 -7.99 6.52
C ALA A 17 -5.56 -8.04 7.01
N ARG A 18 -6.25 -9.17 6.76
CA ARG A 18 -7.66 -9.36 7.19
C ARG A 18 -7.86 -10.70 7.94
N PRO A 19 -7.55 -10.76 9.27
CA PRO A 19 -7.78 -11.96 10.06
C PRO A 19 -9.24 -12.24 10.30
N THR A 20 -9.54 -13.51 10.53
CA THR A 20 -10.91 -14.00 10.48
C THR A 20 -11.55 -14.18 11.87
N GLN A 21 -10.82 -13.90 12.92
CA GLN A 21 -11.27 -14.32 14.29
C GLN A 21 -11.39 -13.12 15.22
N LEU A 22 -10.53 -12.16 14.98
CA LEU A 22 -10.43 -10.92 15.74
C LEU A 22 -11.65 -10.11 15.70
N THR A 23 -12.25 -10.03 14.56
CA THR A 23 -13.44 -9.22 14.37
C THR A 23 -14.49 -9.56 15.47
N ASP A 24 -14.61 -10.84 15.83
CA ASP A 24 -15.55 -11.26 16.86
C ASP A 24 -14.89 -11.31 18.24
N GLU A 25 -13.57 -11.49 18.24
CA GLU A 25 -12.79 -11.65 19.42
C GLU A 25 -11.41 -11.04 19.29
N PHE A 26 -11.40 -9.81 19.56
CA PHE A 26 -10.25 -8.95 19.61
C PHE A 26 -9.28 -9.42 20.69
N GLU A 27 -9.82 -9.84 21.81
CA GLU A 27 -9.03 -10.19 23.00
C GLU A 27 -8.97 -11.71 23.23
N PHE A 28 -7.75 -12.24 23.36
CA PHE A 28 -7.52 -13.68 23.55
C PHE A 28 -6.56 -13.93 24.73
N PRO A 29 -6.65 -15.13 25.33
CA PRO A 29 -5.69 -15.62 26.32
C PRO A 29 -4.33 -15.94 25.68
N ILE A 30 -3.28 -16.05 26.47
CA ILE A 30 -1.95 -16.20 25.92
C ILE A 30 -1.87 -17.58 25.27
N GLY A 31 -1.34 -17.59 24.05
CA GLY A 31 -1.26 -18.86 23.33
C GLY A 31 -2.33 -19.03 22.26
N THR A 32 -2.90 -17.91 21.79
CA THR A 32 -3.91 -17.99 20.76
C THR A 32 -3.37 -17.41 19.47
N TYR A 33 -3.54 -18.16 18.42
CA TYR A 33 -3.02 -17.81 17.12
C TYR A 33 -4.11 -17.21 16.22
N LEU A 34 -3.78 -16.12 15.58
CA LEU A 34 -4.70 -15.47 14.64
C LEU A 34 -4.29 -15.65 13.20
N ASN A 35 -5.31 -15.75 12.35
CA ASN A 35 -5.13 -16.05 10.97
C ASN A 35 -5.09 -14.74 10.20
N TYR A 36 -3.90 -14.29 9.99
CA TYR A 36 -3.63 -13.08 9.24
C TYR A 36 -3.07 -13.39 7.87
N GLU A 37 -3.62 -12.75 6.86
CA GLU A 37 -3.18 -12.93 5.48
C GLU A 37 -2.78 -11.59 4.85
N CYS A 38 -1.73 -11.60 4.02
CA CYS A 38 -1.33 -10.38 3.34
C CYS A 38 -2.08 -10.21 2.03
N ARG A 39 -2.34 -8.98 1.65
CA ARG A 39 -2.93 -8.70 0.37
C ARG A 39 -1.81 -8.63 -0.72
N PRO A 40 -2.14 -8.51 -2.05
CA PRO A 40 -1.12 -8.63 -3.10
C PRO A 40 -0.12 -7.48 -3.18
N GLY A 41 1.07 -7.79 -3.70
CA GLY A 41 2.11 -6.81 -3.88
C GLY A 41 2.92 -6.57 -2.63
N TYR A 42 2.79 -7.45 -1.67
CA TYR A 42 3.57 -7.37 -0.45
C TYR A 42 4.64 -8.45 -0.38
N SER A 43 5.86 -8.00 -0.09
CA SER A 43 7.05 -8.86 -0.09
C SER A 43 6.95 -9.97 0.95
N GLY A 44 6.48 -9.60 2.14
CA GLY A 44 6.39 -10.53 3.24
C GLY A 44 5.26 -11.52 3.08
N ARG A 45 5.47 -12.71 3.65
CA ARG A 45 4.46 -13.74 3.71
C ARG A 45 3.91 -13.79 5.13
N PRO A 46 2.62 -14.02 5.28
CA PRO A 46 1.95 -13.90 6.57
C PRO A 46 2.31 -15.00 7.60
N PHE A 47 2.25 -14.60 8.87
CA PHE A 47 2.46 -15.49 10.01
C PHE A 47 1.36 -15.28 11.05
N SER A 48 1.08 -16.26 11.83
CA SER A 48 0.08 -16.12 12.86
C SER A 48 0.61 -15.23 14.01
N ILE A 49 -0.30 -14.58 14.74
CA ILE A 49 0.10 -13.83 15.92
C ILE A 49 -0.55 -14.37 17.19
N ILE A 50 0.24 -14.31 18.26
CA ILE A 50 -0.07 -14.93 19.55
C ILE A 50 0.26 -13.94 20.69
N CYS A 51 -0.55 -13.83 21.81
CA CYS A 51 -0.23 -12.82 22.89
C CYS A 51 1.07 -13.21 23.68
N LEU A 52 2.12 -13.55 22.98
CA LEU A 52 3.35 -14.06 23.58
C LEU A 52 4.03 -13.04 24.50
N LYS A 53 4.07 -11.79 24.05
CA LYS A 53 4.75 -10.77 24.81
C LYS A 53 3.85 -9.87 25.59
N ASN A 54 4.07 -9.86 26.92
CA ASN A 54 3.25 -9.07 27.84
C ASN A 54 1.79 -9.40 27.66
N SER A 55 1.51 -10.67 27.36
CA SER A 55 0.16 -11.10 27.08
C SER A 55 -0.47 -10.23 25.99
N VAL A 56 0.37 -9.58 25.16
CA VAL A 56 -0.13 -8.75 24.09
C VAL A 56 -0.06 -9.49 22.76
N TRP A 57 1.13 -9.46 22.12
CA TRP A 57 1.33 -10.14 20.83
C TRP A 57 2.80 -10.47 20.59
N THR A 58 3.02 -11.24 19.55
CA THR A 58 4.37 -11.58 19.16
C THR A 58 5.08 -10.30 18.66
N GLY A 59 4.28 -9.42 18.08
CA GLY A 59 4.73 -8.10 17.62
C GLY A 59 4.09 -7.70 16.30
N ALA A 60 3.69 -8.71 15.50
CA ALA A 60 2.97 -8.47 14.22
C ALA A 60 3.64 -7.40 13.31
N LYS A 61 4.95 -7.33 13.36
CA LYS A 61 5.71 -6.36 12.60
C LYS A 61 6.27 -6.90 11.28
N ASP A 62 6.38 -6.00 10.29
CA ASP A 62 6.95 -6.26 8.94
C ASP A 62 6.34 -7.45 8.31
N ARG A 63 5.08 -7.62 8.61
CA ARG A 63 4.32 -8.73 8.12
C ARG A 63 4.18 -8.70 6.61
N CYS A 64 3.94 -7.51 6.08
CA CYS A 64 3.81 -7.36 4.64
C CYS A 64 4.59 -6.10 4.26
N ARG A 65 5.13 -6.06 3.07
CA ARG A 65 5.92 -4.91 2.71
C ARG A 65 5.52 -4.38 1.32
N ARG A 66 5.49 -3.05 1.16
CA ARG A 66 5.15 -2.40 -0.11
C ARG A 66 6.41 -1.97 -0.85
N LYS A 67 6.39 -2.11 -2.17
CA LYS A 67 7.51 -1.77 -3.05
C LYS A 67 7.52 -0.30 -3.45
N SER A 68 8.70 0.27 -3.61
CA SER A 68 8.83 1.63 -4.03
C SER A 68 8.47 1.80 -5.53
N CYS A 69 7.93 2.96 -5.84
CA CYS A 69 7.56 3.34 -7.22
C CYS A 69 8.69 4.01 -7.94
N ARG A 70 8.57 4.16 -9.25
CA ARG A 70 9.59 4.82 -10.04
C ARG A 70 8.94 5.81 -10.97
N ASN A 71 9.58 6.95 -11.14
CA ASN A 71 9.11 7.96 -12.11
C ASN A 71 10.17 8.43 -13.14
N PRO A 72 11.49 7.92 -13.12
CA PRO A 72 12.50 8.24 -14.15
C PRO A 72 11.98 8.34 -15.62
N PRO A 73 10.92 7.56 -16.05
CA PRO A 73 10.38 7.68 -17.41
C PRO A 73 9.88 9.09 -17.70
N ASP A 74 9.40 9.78 -16.63
CA ASP A 74 8.90 11.20 -16.68
C ASP A 74 7.94 11.49 -17.85
N PRO A 75 7.18 12.61 -17.76
CA PRO A 75 6.42 13.11 -18.86
C PRO A 75 7.36 13.53 -19.96
N VAL A 76 6.96 13.41 -21.21
CA VAL A 76 7.84 13.77 -22.32
C VAL A 76 8.21 15.27 -22.30
N ASN A 77 7.26 16.07 -21.84
CA ASN A 77 7.46 17.52 -21.71
C ASN A 77 8.03 17.90 -20.32
N GLY A 78 8.21 16.90 -19.46
CA GLY A 78 8.81 17.09 -18.15
C GLY A 78 7.86 17.70 -17.14
N MET A 79 6.58 17.67 -17.44
CA MET A 79 5.62 18.27 -16.57
C MET A 79 4.93 17.25 -15.67
N VAL A 80 5.58 16.94 -14.58
CA VAL A 80 5.02 16.10 -13.54
C VAL A 80 5.39 16.65 -12.19
N HIS A 81 4.47 16.61 -11.29
CA HIS A 81 4.68 16.98 -9.92
C HIS A 81 4.53 15.76 -9.05
N VAL A 82 5.32 15.67 -7.99
CA VAL A 82 5.21 14.56 -7.11
C VAL A 82 4.89 15.07 -5.68
N ILE A 83 3.85 14.48 -5.09
CA ILE A 83 3.38 14.87 -3.77
C ILE A 83 4.11 14.16 -2.59
N LYS A 84 4.16 12.83 -2.65
CA LYS A 84 4.69 11.98 -1.55
C LYS A 84 6.15 11.56 -1.69
N GLY A 85 6.75 11.85 -2.82
CA GLY A 85 8.11 11.42 -3.02
C GLY A 85 8.24 10.04 -3.64
N ILE A 86 7.24 9.67 -4.45
CA ILE A 86 7.22 8.41 -5.23
C ILE A 86 7.16 7.12 -4.35
N GLN A 87 5.95 6.74 -3.96
CA GLN A 87 5.72 5.52 -3.17
C GLN A 87 4.34 4.93 -3.41
N PHE A 88 4.13 3.68 -3.05
CA PHE A 88 2.84 3.10 -3.17
C PHE A 88 1.83 3.88 -2.34
N GLY A 89 0.74 4.23 -3.01
CA GLY A 89 -0.30 5.03 -2.42
C GLY A 89 -0.12 6.53 -2.71
N SER A 90 0.99 6.89 -3.29
CA SER A 90 1.24 8.27 -3.66
C SER A 90 0.52 8.66 -4.92
N GLN A 91 0.41 9.96 -5.14
CA GLN A 91 -0.17 10.50 -6.33
C GLN A 91 0.74 11.56 -6.88
N ILE A 92 0.76 11.64 -8.18
CA ILE A 92 1.57 12.61 -8.93
C ILE A 92 0.70 13.31 -9.94
N LYS A 93 1.16 14.44 -10.42
CA LYS A 93 0.39 15.21 -11.38
C LYS A 93 1.14 15.28 -12.71
N TYR A 94 0.40 15.12 -13.79
CA TYR A 94 0.88 15.07 -15.19
C TYR A 94 0.55 16.25 -16.01
N SER A 95 0.25 17.34 -15.37
CA SER A 95 -0.31 18.47 -16.08
C SER A 95 0.67 18.99 -17.09
N CYS A 96 0.14 19.21 -18.24
CA CYS A 96 0.86 19.70 -19.37
C CYS A 96 0.83 21.26 -19.36
N THR A 97 0.39 21.78 -20.45
CA THR A 97 0.30 23.20 -20.76
C THR A 97 -0.83 23.90 -19.96
N LYS A 98 -0.74 25.23 -19.79
CA LYS A 98 -1.85 25.98 -19.21
C LYS A 98 -3.14 25.92 -20.04
N GLY A 99 -3.05 26.12 -21.35
CA GLY A 99 -4.22 26.13 -22.18
C GLY A 99 -4.27 24.93 -23.07
N TYR A 100 -4.83 23.86 -22.57
CA TYR A 100 -4.90 22.60 -23.30
C TYR A 100 -5.87 21.68 -22.55
N ARG A 101 -5.90 20.41 -22.93
CA ARG A 101 -6.56 19.39 -22.14
C ARG A 101 -5.76 18.11 -22.21
N LEU A 102 -5.81 17.33 -21.19
CA LEU A 102 -5.07 16.09 -21.23
C LEU A 102 -6.09 14.96 -21.40
N ILE A 103 -5.92 14.19 -22.48
CA ILE A 103 -6.90 13.16 -22.84
C ILE A 103 -7.00 12.03 -21.82
N GLY A 104 -5.84 11.54 -21.35
CA GLY A 104 -5.82 10.47 -20.36
C GLY A 104 -5.82 10.99 -18.94
N SER A 105 -4.84 10.55 -18.16
CA SER A 105 -4.76 10.88 -16.77
C SER A 105 -3.86 12.11 -16.51
N SER A 106 -4.42 13.11 -15.88
CA SER A 106 -3.71 14.32 -15.49
C SER A 106 -2.99 14.11 -14.17
N SER A 107 -3.23 12.98 -13.59
CA SER A 107 -2.60 12.59 -12.37
C SER A 107 -2.54 11.08 -12.31
N ALA A 108 -1.68 10.53 -11.46
CA ALA A 108 -1.50 9.10 -11.36
C ALA A 108 -1.31 8.70 -9.93
N THR A 109 -1.74 7.51 -9.62
CA THR A 109 -1.62 7.01 -8.28
C THR A 109 -0.82 5.68 -8.28
N CYS A 110 0.19 5.57 -7.42
CA CYS A 110 0.97 4.33 -7.36
C CYS A 110 0.17 3.22 -6.71
N ILE A 111 -0.13 2.20 -7.52
CA ILE A 111 -0.90 1.05 -7.08
C ILE A 111 -0.16 -0.25 -7.36
N ILE A 112 -0.58 -1.31 -6.70
CA ILE A 112 0.06 -2.59 -6.85
C ILE A 112 -0.44 -3.28 -8.11
N SER A 113 0.48 -3.68 -8.99
CA SER A 113 0.11 -4.46 -10.17
C SER A 113 0.13 -5.95 -9.84
N GLY A 114 0.72 -6.25 -8.70
CA GLY A 114 0.87 -7.58 -8.23
C GLY A 114 2.33 -7.89 -8.00
N ASP A 115 3.07 -8.06 -9.09
CA ASP A 115 4.52 -8.29 -9.02
C ASP A 115 5.26 -7.08 -8.44
N THR A 116 4.81 -5.89 -8.84
CA THR A 116 5.51 -4.67 -8.53
C THR A 116 4.51 -3.54 -8.30
N VAL A 117 5.02 -2.31 -8.16
CA VAL A 117 4.18 -1.16 -7.94
C VAL A 117 4.27 -0.23 -9.17
N ILE A 118 3.12 0.12 -9.70
CA ILE A 118 3.03 0.95 -10.88
C ILE A 118 2.07 2.13 -10.73
N TRP A 119 2.19 3.09 -11.61
CA TRP A 119 1.33 4.27 -11.60
C TRP A 119 0.07 4.01 -12.46
N ASP A 120 -1.06 4.60 -12.04
CA ASP A 120 -2.36 4.46 -12.77
C ASP A 120 -2.26 5.03 -14.16
N GLN A 121 -1.51 6.12 -14.29
CA GLN A 121 -1.25 6.83 -15.57
C GLN A 121 -1.17 5.89 -16.77
N GLU A 122 -1.99 6.19 -17.76
CA GLU A 122 -2.03 5.39 -19.00
C GLU A 122 -0.71 5.53 -19.79
N THR A 123 -0.19 6.75 -19.85
CA THR A 123 1.00 7.09 -20.61
C THR A 123 1.01 8.61 -20.74
N PRO A 124 2.14 9.24 -21.12
CA PRO A 124 2.17 10.70 -21.30
C PRO A 124 1.25 11.17 -22.44
N ILE A 125 0.23 11.89 -22.07
CA ILE A 125 -0.73 12.39 -23.02
C ILE A 125 -0.86 13.94 -22.88
N CYS A 126 -0.72 14.67 -23.98
CA CYS A 126 -0.97 16.11 -23.96
C CYS A 126 -1.70 16.52 -25.28
N ASP A 127 -3.00 16.85 -25.19
CA ASP A 127 -3.80 17.13 -26.41
C ASP A 127 -3.33 18.35 -27.21
N ARG A 128 -3.12 19.49 -26.49
CA ARG A 128 -2.84 20.81 -27.14
C ARG A 128 -2.68 20.77 -28.66
N GLN A 7 -8.74 -11.19 27.08
CA GLN A 7 -7.66 -12.18 27.20
C GLN A 7 -6.31 -11.57 26.78
N CYS A 8 -6.01 -11.51 25.44
CA CYS A 8 -4.84 -10.73 25.02
C CYS A 8 -5.22 -9.26 25.17
N ASN A 9 -6.55 -9.05 25.18
CA ASN A 9 -7.19 -7.74 25.18
C ASN A 9 -6.89 -6.93 23.88
N ALA A 10 -6.92 -7.65 22.75
CA ALA A 10 -6.79 -7.11 21.38
C ALA A 10 -5.41 -6.64 21.03
N PRO A 11 -4.95 -6.95 19.81
CA PRO A 11 -3.65 -6.51 19.35
C PRO A 11 -3.60 -5.05 18.92
N GLU A 12 -3.67 -4.84 17.64
CA GLU A 12 -3.48 -3.54 17.06
C GLU A 12 -4.10 -3.46 15.68
N TRP A 13 -4.34 -2.28 15.19
CA TRP A 13 -4.87 -2.08 13.88
C TRP A 13 -3.74 -2.12 12.84
N LEU A 14 -3.83 -3.08 11.95
CA LEU A 14 -2.81 -3.31 10.98
C LEU A 14 -3.38 -3.07 9.58
N PRO A 15 -2.96 -1.99 8.95
CA PRO A 15 -3.49 -1.60 7.63
C PRO A 15 -3.16 -2.62 6.54
N PHE A 16 -2.11 -3.38 6.77
CA PHE A 16 -1.63 -4.41 5.82
C PHE A 16 -2.69 -5.50 5.66
N ALA A 17 -3.25 -5.85 6.81
CA ALA A 17 -3.95 -7.11 7.00
C ALA A 17 -5.39 -6.97 7.41
N ARG A 18 -6.15 -7.98 7.10
CA ARG A 18 -7.53 -8.09 7.49
C ARG A 18 -7.83 -9.55 7.95
N PRO A 19 -7.65 -9.82 9.27
CA PRO A 19 -7.87 -11.14 9.86
C PRO A 19 -9.31 -11.51 9.88
N THR A 20 -9.53 -12.78 9.82
CA THR A 20 -10.84 -13.32 9.65
C THR A 20 -11.49 -13.56 11.00
N GLN A 21 -10.73 -13.37 12.06
CA GLN A 21 -11.19 -13.72 13.40
C GLN A 21 -11.21 -12.49 14.27
N LEU A 22 -10.19 -11.68 14.10
CA LEU A 22 -9.98 -10.46 14.85
C LEU A 22 -11.03 -9.41 14.71
N THR A 23 -11.52 -9.21 13.53
CA THR A 23 -12.46 -8.13 13.24
C THR A 23 -13.61 -8.05 14.27
N ASP A 24 -14.16 -9.18 14.71
CA ASP A 24 -15.20 -9.16 15.74
C ASP A 24 -14.66 -9.81 17.02
N GLU A 25 -13.46 -10.37 16.94
CA GLU A 25 -12.88 -11.16 18.03
C GLU A 25 -11.47 -10.69 18.23
N PHE A 26 -11.39 -9.58 18.77
CA PHE A 26 -10.16 -8.95 19.15
C PHE A 26 -9.46 -9.74 20.25
N GLU A 27 -10.24 -10.29 21.14
CA GLU A 27 -9.69 -10.86 22.32
C GLU A 27 -9.56 -12.36 22.22
N PHE A 28 -8.30 -12.83 22.32
CA PHE A 28 -7.99 -14.26 22.25
C PHE A 28 -7.13 -14.69 23.44
N PRO A 29 -7.19 -15.99 23.78
CA PRO A 29 -6.38 -16.59 24.85
C PRO A 29 -4.87 -16.57 24.54
N ILE A 30 -4.06 -16.57 25.57
CA ILE A 30 -2.62 -16.59 25.40
C ILE A 30 -2.21 -17.91 24.79
N GLY A 31 -1.37 -17.83 23.75
CA GLY A 31 -1.01 -19.03 23.03
C GLY A 31 -2.04 -19.39 21.97
N THR A 32 -2.78 -18.38 21.51
CA THR A 32 -3.77 -18.57 20.46
C THR A 32 -3.36 -17.80 19.22
N TYR A 33 -3.42 -18.46 18.11
CA TYR A 33 -2.91 -17.94 16.87
C TYR A 33 -4.03 -17.40 15.99
N LEU A 34 -3.81 -16.19 15.48
CA LEU A 34 -4.74 -15.50 14.55
C LEU A 34 -4.32 -15.58 13.10
N ASN A 35 -5.32 -15.78 12.27
CA ASN A 35 -5.18 -15.88 10.83
C ASN A 35 -5.19 -14.47 10.20
N TYR A 36 -4.03 -14.07 9.77
CA TYR A 36 -3.81 -12.80 9.06
C TYR A 36 -3.45 -12.95 7.57
N GLU A 37 -4.05 -12.08 6.74
CA GLU A 37 -3.70 -11.94 5.33
C GLU A 37 -3.29 -10.50 5.01
N CYS A 38 -2.19 -10.36 4.29
CA CYS A 38 -1.70 -9.06 3.83
C CYS A 38 -2.12 -8.80 2.41
N ARG A 39 -2.03 -7.56 1.99
CA ARG A 39 -2.35 -7.21 0.62
C ARG A 39 -1.22 -7.72 -0.30
N PRO A 40 -1.45 -7.73 -1.62
CA PRO A 40 -0.43 -8.12 -2.59
C PRO A 40 0.70 -7.11 -2.66
N GLY A 41 1.90 -7.54 -3.05
CA GLY A 41 3.00 -6.61 -3.18
C GLY A 41 3.78 -6.35 -1.92
N TYR A 42 3.68 -7.28 -0.98
CA TYR A 42 4.42 -7.15 0.25
C TYR A 42 5.59 -8.11 0.34
N SER A 43 6.70 -7.60 0.83
CA SER A 43 7.95 -8.37 0.99
C SER A 43 7.77 -9.52 1.94
N GLY A 44 7.07 -9.25 3.01
CA GLY A 44 6.86 -10.23 4.00
C GLY A 44 5.55 -10.95 3.81
N ARG A 45 5.33 -11.95 4.61
CA ARG A 45 4.11 -12.75 4.60
C ARG A 45 3.62 -12.92 6.00
N PRO A 46 2.34 -12.65 6.25
CA PRO A 46 1.78 -12.77 7.58
C PRO A 46 1.84 -14.17 8.09
N PHE A 47 2.07 -14.25 9.35
CA PHE A 47 2.01 -15.46 10.08
C PHE A 47 1.24 -15.17 11.33
N SER A 48 0.65 -16.14 11.94
CA SER A 48 -0.24 -15.87 13.03
C SER A 48 0.45 -15.16 14.21
N ILE A 49 -0.31 -14.23 14.77
CA ILE A 49 0.12 -13.46 15.93
C ILE A 49 -0.44 -14.13 17.19
N ILE A 50 0.38 -14.22 18.19
CA ILE A 50 0.07 -14.94 19.42
C ILE A 50 0.41 -14.00 20.65
N CYS A 51 -0.39 -14.00 21.78
CA CYS A 51 -0.14 -13.01 22.93
C CYS A 51 1.28 -13.25 23.64
N LEU A 52 2.26 -13.70 22.89
CA LEU A 52 3.53 -14.17 23.44
C LEU A 52 4.34 -13.06 24.16
N LYS A 53 4.38 -11.86 23.57
CA LYS A 53 5.35 -10.89 24.01
C LYS A 53 4.67 -9.96 25.03
N ASN A 54 5.07 -10.12 26.31
CA ASN A 54 4.48 -9.35 27.41
C ASN A 54 2.94 -9.51 27.42
N SER A 55 2.47 -10.73 27.14
CA SER A 55 1.03 -11.03 27.04
C SER A 55 0.39 -10.14 25.95
N VAL A 56 1.21 -9.77 25.00
CA VAL A 56 0.85 -8.97 23.87
C VAL A 56 1.36 -9.75 22.68
N TRP A 57 0.86 -9.44 21.57
CA TRP A 57 1.11 -10.19 20.37
C TRP A 57 2.56 -10.10 19.93
N THR A 58 2.95 -11.12 19.21
CA THR A 58 4.33 -11.44 18.89
C THR A 58 5.01 -10.37 18.05
N GLY A 59 4.25 -9.74 17.21
CA GLY A 59 4.78 -8.70 16.37
C GLY A 59 4.02 -8.62 15.10
N ALA A 60 2.84 -8.04 15.19
CA ALA A 60 1.98 -7.85 14.02
C ALA A 60 2.53 -6.70 13.16
N LYS A 61 3.45 -5.94 13.71
CA LYS A 61 4.03 -4.80 13.08
C LYS A 61 5.11 -5.14 12.03
N ASP A 62 5.07 -4.35 10.92
CA ASP A 62 6.06 -4.34 9.81
C ASP A 62 6.30 -5.70 9.22
N ARG A 63 5.28 -6.51 9.31
CA ARG A 63 5.29 -7.86 8.76
C ARG A 63 5.38 -7.82 7.25
N CYS A 64 4.66 -6.92 6.66
CA CYS A 64 4.57 -6.82 5.26
C CYS A 64 5.03 -5.46 4.82
N ARG A 65 5.85 -5.42 3.79
CA ARG A 65 6.46 -4.16 3.37
C ARG A 65 6.25 -4.03 1.86
N ARG A 66 5.86 -2.86 1.39
CA ARG A 66 5.57 -2.70 -0.04
C ARG A 66 6.78 -2.14 -0.81
N LYS A 67 6.77 -2.30 -2.14
CA LYS A 67 7.89 -1.91 -3.02
C LYS A 67 7.75 -0.45 -3.52
N SER A 68 8.88 0.15 -3.87
CA SER A 68 8.94 1.51 -4.42
C SER A 68 8.44 1.60 -5.91
N CYS A 69 7.72 2.68 -6.22
CA CYS A 69 7.24 3.01 -7.60
C CYS A 69 8.27 3.87 -8.35
N ARG A 70 8.20 3.87 -9.68
CA ARG A 70 9.12 4.69 -10.50
C ARG A 70 8.30 5.24 -11.65
N ASN A 71 8.71 6.35 -12.24
CA ASN A 71 7.93 6.84 -13.36
C ASN A 71 8.80 7.41 -14.51
N PRO A 72 9.40 6.51 -15.30
CA PRO A 72 10.16 6.90 -16.51
C PRO A 72 9.28 7.51 -17.67
N PRO A 73 7.92 7.26 -17.71
CA PRO A 73 7.03 7.87 -18.72
C PRO A 73 7.05 9.40 -18.64
N ASP A 74 7.41 9.93 -17.43
CA ASP A 74 7.63 11.39 -17.15
C ASP A 74 7.46 12.29 -18.38
N PRO A 75 6.65 13.33 -18.28
CA PRO A 75 6.32 14.16 -19.42
C PRO A 75 7.56 14.82 -20.02
N VAL A 76 7.52 15.01 -21.32
CA VAL A 76 8.66 15.52 -22.07
C VAL A 76 9.01 16.93 -21.58
N ASN A 77 8.03 17.61 -21.01
CA ASN A 77 8.23 18.96 -20.50
C ASN A 77 8.61 18.97 -18.99
N GLY A 78 8.82 17.78 -18.38
CA GLY A 78 9.19 17.74 -16.95
C GLY A 78 8.06 18.22 -16.06
N MET A 79 6.86 17.86 -16.44
CA MET A 79 5.64 18.40 -15.84
C MET A 79 4.88 17.47 -14.88
N VAL A 80 5.52 16.45 -14.37
CA VAL A 80 4.86 15.59 -13.42
C VAL A 80 5.14 16.07 -11.98
N HIS A 81 4.07 16.23 -11.23
CA HIS A 81 4.13 16.61 -9.84
C HIS A 81 3.85 15.45 -8.95
N VAL A 82 4.73 15.22 -8.01
CA VAL A 82 4.55 14.12 -7.12
C VAL A 82 4.16 14.58 -5.71
N ILE A 83 2.91 14.29 -5.35
CA ILE A 83 2.36 14.64 -4.04
C ILE A 83 3.05 13.87 -2.88
N LYS A 84 3.20 12.57 -3.07
CA LYS A 84 3.60 11.62 -2.00
C LYS A 84 5.06 11.15 -1.94
N GLY A 85 5.89 11.60 -2.87
CA GLY A 85 7.30 11.18 -2.86
C GLY A 85 7.61 9.91 -3.69
N ILE A 86 6.69 9.53 -4.60
CA ILE A 86 6.88 8.40 -5.52
C ILE A 86 6.96 7.05 -4.80
N GLN A 87 5.80 6.44 -4.54
CA GLN A 87 5.82 5.07 -4.06
C GLN A 87 4.35 4.51 -4.14
N PHE A 88 4.10 3.36 -3.52
CA PHE A 88 2.75 2.75 -3.49
C PHE A 88 1.80 3.61 -2.68
N GLY A 89 0.66 3.90 -3.28
CA GLY A 89 -0.34 4.73 -2.67
C GLY A 89 -0.17 6.21 -3.01
N SER A 90 0.96 6.54 -3.64
CA SER A 90 1.22 7.88 -4.07
C SER A 90 0.38 8.24 -5.30
N GLN A 91 0.02 9.49 -5.39
CA GLN A 91 -0.64 9.98 -6.57
C GLN A 91 0.16 11.15 -7.10
N ILE A 92 0.39 11.13 -8.38
CA ILE A 92 1.21 12.11 -9.04
C ILE A 92 0.48 12.71 -10.20
N LYS A 93 0.90 13.86 -10.69
CA LYS A 93 0.20 14.46 -11.77
C LYS A 93 1.08 14.49 -13.00
N TYR A 94 0.48 14.23 -14.10
CA TYR A 94 1.08 14.20 -15.43
C TYR A 94 0.73 15.40 -16.23
N SER A 95 0.25 16.40 -15.51
CA SER A 95 -0.25 17.60 -16.12
C SER A 95 0.87 18.29 -16.86
N CYS A 96 0.57 18.84 -18.00
CA CYS A 96 1.55 19.50 -18.79
C CYS A 96 1.47 21.03 -18.47
N THR A 97 0.73 21.73 -19.27
CA THR A 97 0.58 23.17 -19.21
C THR A 97 -0.69 23.57 -18.44
N LYS A 98 -0.80 24.81 -17.96
CA LYS A 98 -2.04 25.21 -17.33
C LYS A 98 -3.22 25.17 -18.34
N GLY A 99 -2.97 25.77 -19.51
CA GLY A 99 -4.01 25.95 -20.54
C GLY A 99 -3.90 24.93 -21.64
N TYR A 100 -4.17 23.71 -21.28
CA TYR A 100 -3.99 22.57 -22.19
C TYR A 100 -4.97 21.48 -21.79
N ARG A 101 -5.03 20.41 -22.56
CA ARG A 101 -5.80 19.26 -22.13
C ARG A 101 -4.89 18.08 -22.08
N LEU A 102 -5.08 17.21 -21.17
CA LEU A 102 -4.28 16.04 -21.17
C LEU A 102 -5.24 14.93 -21.64
N ILE A 103 -4.87 14.25 -22.70
CA ILE A 103 -5.73 13.21 -23.27
C ILE A 103 -5.93 12.04 -22.32
N GLY A 104 -4.85 11.60 -21.71
CA GLY A 104 -4.94 10.46 -20.82
C GLY A 104 -4.92 10.83 -19.34
N SER A 105 -4.30 9.98 -18.53
CA SER A 105 -4.31 10.14 -17.07
C SER A 105 -3.56 11.38 -16.58
N SER A 106 -4.34 12.37 -16.12
CA SER A 106 -3.87 13.60 -15.51
C SER A 106 -3.07 13.31 -14.26
N SER A 107 -3.53 12.34 -13.51
CA SER A 107 -2.86 11.94 -12.33
C SER A 107 -2.70 10.45 -12.39
N ALA A 108 -1.66 9.95 -11.76
CA ALA A 108 -1.37 8.57 -11.73
C ALA A 108 -1.33 8.10 -10.30
N THR A 109 -1.80 6.94 -10.08
CA THR A 109 -1.86 6.39 -8.76
C THR A 109 -1.08 5.06 -8.72
N CYS A 110 -0.18 4.91 -7.74
CA CYS A 110 0.62 3.67 -7.65
C CYS A 110 -0.12 2.59 -6.86
N ILE A 111 -0.32 1.46 -7.52
CA ILE A 111 -1.04 0.30 -6.98
C ILE A 111 -0.22 -0.95 -7.16
N ILE A 112 -0.54 -2.01 -6.44
CA ILE A 112 0.26 -3.21 -6.57
C ILE A 112 -0.25 -4.03 -7.77
N SER A 113 0.63 -4.29 -8.71
CA SER A 113 0.35 -5.19 -9.81
C SER A 113 0.11 -6.59 -9.23
N GLY A 114 0.97 -6.92 -8.31
CA GLY A 114 1.01 -8.21 -7.69
C GLY A 114 2.43 -8.49 -7.30
N ASP A 115 3.23 -8.81 -8.30
CA ASP A 115 4.67 -8.98 -8.13
C ASP A 115 5.39 -7.65 -7.78
N THR A 116 4.90 -6.55 -8.36
CA THR A 116 5.55 -5.27 -8.27
C THR A 116 4.52 -4.14 -8.13
N VAL A 117 4.98 -2.88 -8.10
CA VAL A 117 4.12 -1.73 -7.92
C VAL A 117 4.15 -0.88 -9.21
N ILE A 118 2.94 -0.55 -9.70
CA ILE A 118 2.81 0.19 -10.95
C ILE A 118 1.89 1.39 -10.78
N TRP A 119 1.97 2.30 -11.72
CA TRP A 119 1.09 3.45 -11.75
C TRP A 119 -0.07 3.11 -12.70
N ASP A 120 -1.25 3.65 -12.44
CA ASP A 120 -2.43 3.35 -13.28
C ASP A 120 -2.41 4.21 -14.55
N GLN A 121 -1.39 5.05 -14.65
CA GLN A 121 -1.17 5.92 -15.78
C GLN A 121 -0.94 5.10 -17.05
N GLU A 122 -1.76 5.33 -18.08
CA GLU A 122 -1.56 4.67 -19.37
C GLU A 122 -0.27 5.16 -20.06
N THR A 123 -0.09 6.47 -20.02
CA THR A 123 1.04 7.17 -20.62
C THR A 123 0.68 8.68 -20.62
N PRO A 124 1.64 9.60 -20.61
CA PRO A 124 1.36 11.04 -20.59
C PRO A 124 1.10 11.62 -21.99
N ILE A 125 -0.12 12.08 -22.23
CA ILE A 125 -0.47 12.66 -23.53
C ILE A 125 -0.86 14.13 -23.36
N CYS A 126 -0.15 15.03 -24.00
CA CYS A 126 -0.45 16.48 -23.84
C CYS A 126 -1.19 17.00 -25.09
N ASP A 127 -2.47 17.46 -24.93
CA ASP A 127 -3.28 17.98 -26.08
C ASP A 127 -2.62 19.21 -26.69
N ARG A 128 -2.28 20.15 -25.82
CA ARG A 128 -1.63 21.40 -26.19
C ARG A 128 -2.14 21.95 -27.53
N GLN A 7 -8.62 -10.09 26.79
CA GLN A 7 -7.48 -10.95 27.12
C GLN A 7 -6.15 -10.33 26.59
N CYS A 8 -5.87 -10.42 25.25
CA CYS A 8 -4.69 -9.71 24.71
C CYS A 8 -4.96 -8.23 24.70
N ASN A 9 -6.26 -7.87 24.77
CA ASN A 9 -6.70 -6.48 24.64
C ASN A 9 -6.71 -6.04 23.15
N ALA A 10 -6.84 -7.07 22.26
CA ALA A 10 -6.94 -6.89 20.80
C ALA A 10 -5.63 -6.46 20.19
N PRO A 11 -5.31 -6.93 18.97
CA PRO A 11 -4.12 -6.46 18.30
C PRO A 11 -4.41 -5.05 17.74
N GLU A 12 -5.34 -5.02 16.75
CA GLU A 12 -5.92 -3.78 16.14
C GLU A 12 -6.32 -4.04 14.70
N TRP A 13 -6.78 -3.01 14.03
CA TRP A 13 -7.00 -3.07 12.62
C TRP A 13 -5.70 -3.00 11.91
N LEU A 14 -5.43 -4.02 11.16
CA LEU A 14 -4.19 -4.12 10.48
C LEU A 14 -4.42 -4.02 9.00
N PRO A 15 -3.84 -3.00 8.36
CA PRO A 15 -4.06 -2.75 6.93
C PRO A 15 -3.60 -3.90 6.04
N PHE A 16 -2.59 -4.59 6.50
CA PHE A 16 -2.01 -5.71 5.76
C PHE A 16 -2.98 -6.85 5.67
N ALA A 17 -3.68 -7.05 6.76
CA ALA A 17 -4.32 -8.30 7.02
C ALA A 17 -5.80 -8.23 7.27
N ARG A 18 -6.48 -9.28 6.84
CA ARG A 18 -7.89 -9.47 7.13
C ARG A 18 -8.04 -10.84 7.80
N PRO A 19 -7.73 -10.91 9.12
CA PRO A 19 -7.78 -12.16 9.88
C PRO A 19 -9.20 -12.68 9.99
N THR A 20 -9.30 -13.96 10.08
CA THR A 20 -10.56 -14.63 9.94
C THR A 20 -11.30 -14.70 11.27
N GLN A 21 -10.59 -14.43 12.34
CA GLN A 21 -11.12 -14.66 13.66
C GLN A 21 -11.34 -13.30 14.34
N LEU A 22 -10.57 -12.34 13.90
CA LEU A 22 -10.46 -11.02 14.51
C LEU A 22 -11.74 -10.23 14.49
N THR A 23 -12.38 -10.30 13.40
CA THR A 23 -13.53 -9.48 13.08
C THR A 23 -14.62 -9.61 14.14
N ASP A 24 -14.83 -10.80 14.65
CA ASP A 24 -15.92 -11.06 15.58
C ASP A 24 -15.38 -11.36 16.98
N GLU A 25 -14.10 -11.11 17.18
CA GLU A 25 -13.42 -11.53 18.40
C GLU A 25 -12.61 -10.41 19.02
N PHE A 26 -11.46 -10.13 18.42
CA PHE A 26 -10.52 -9.08 18.87
C PHE A 26 -9.83 -9.48 20.18
N GLU A 27 -10.51 -10.24 20.99
CA GLU A 27 -10.01 -10.60 22.30
C GLU A 27 -9.65 -12.10 22.37
N PHE A 28 -8.37 -12.38 22.60
CA PHE A 28 -7.87 -13.77 22.68
C PHE A 28 -6.93 -13.91 23.86
N PRO A 29 -6.91 -15.08 24.48
CA PRO A 29 -6.07 -15.37 25.66
C PRO A 29 -4.58 -15.43 25.35
N ILE A 30 -3.76 -15.23 26.37
CA ILE A 30 -2.31 -15.16 26.20
C ILE A 30 -1.78 -16.52 25.84
N GLY A 31 -0.92 -16.57 24.82
CA GLY A 31 -0.45 -17.84 24.33
C GLY A 31 -1.39 -18.43 23.28
N THR A 32 -2.15 -17.56 22.60
CA THR A 32 -3.08 -18.02 21.57
C THR A 32 -2.70 -17.47 20.18
N TYR A 33 -2.59 -18.38 19.25
CA TYR A 33 -2.16 -18.11 17.90
C TYR A 33 -3.35 -17.67 17.00
N LEU A 34 -3.12 -16.64 16.20
CA LEU A 34 -4.13 -16.07 15.24
C LEU A 34 -3.77 -16.19 13.77
N ASN A 35 -4.78 -16.38 12.96
CA ASN A 35 -4.65 -16.50 11.52
C ASN A 35 -4.78 -15.16 10.82
N TYR A 36 -3.65 -14.67 10.38
CA TYR A 36 -3.49 -13.42 9.60
C TYR A 36 -3.08 -13.65 8.16
N GLU A 37 -3.66 -12.86 7.24
CA GLU A 37 -3.30 -12.88 5.82
C GLU A 37 -2.66 -11.55 5.43
N CYS A 38 -2.17 -11.45 4.21
CA CYS A 38 -1.55 -10.23 3.70
C CYS A 38 -2.19 -9.74 2.42
N ARG A 39 -2.11 -8.45 2.20
CA ARG A 39 -2.60 -7.85 0.97
C ARG A 39 -1.59 -8.14 -0.14
N PRO A 40 -1.98 -8.03 -1.41
CA PRO A 40 -1.11 -8.32 -2.53
C PRO A 40 0.05 -7.33 -2.67
N GLY A 41 1.13 -7.81 -3.25
CA GLY A 41 2.30 -6.97 -3.46
C GLY A 41 3.23 -6.90 -2.27
N TYR A 42 3.08 -7.80 -1.32
CA TYR A 42 3.93 -7.81 -0.17
C TYR A 42 4.95 -8.97 -0.17
N SER A 43 6.19 -8.62 0.16
CA SER A 43 7.33 -9.56 0.24
C SER A 43 7.09 -10.64 1.29
N GLY A 44 6.56 -10.22 2.43
CA GLY A 44 6.41 -11.09 3.57
C GLY A 44 5.33 -12.15 3.42
N ARG A 45 5.40 -13.17 4.27
CA ARG A 45 4.40 -14.24 4.29
C ARG A 45 3.66 -14.21 5.62
N PRO A 46 2.39 -14.69 5.65
CA PRO A 46 1.61 -14.70 6.88
C PRO A 46 2.23 -15.58 7.97
N PHE A 47 2.12 -15.12 9.19
CA PHE A 47 2.47 -15.88 10.35
C PHE A 47 1.49 -15.61 11.45
N SER A 48 1.31 -16.56 12.35
CA SER A 48 0.39 -16.40 13.45
C SER A 48 0.93 -15.42 14.51
N ILE A 49 0.04 -14.75 15.22
CA ILE A 49 0.43 -13.85 16.29
C ILE A 49 -0.17 -14.30 17.60
N ILE A 50 0.59 -14.09 18.66
CA ILE A 50 0.31 -14.60 20.01
C ILE A 50 0.58 -13.47 21.05
N CYS A 51 -0.23 -13.34 22.17
CA CYS A 51 -0.07 -12.16 23.12
C CYS A 51 1.31 -12.21 23.89
N LEU A 52 2.34 -12.64 23.25
CA LEU A 52 3.60 -12.96 23.90
C LEU A 52 4.30 -11.76 24.54
N LYS A 53 4.31 -10.65 23.83
CA LYS A 53 5.05 -9.49 24.30
C LYS A 53 4.16 -8.39 24.74
N ASN A 54 4.36 -7.97 25.99
CA ASN A 54 3.62 -6.89 26.64
C ASN A 54 2.13 -7.22 26.59
N SER A 55 1.82 -8.51 26.66
CA SER A 55 0.43 -8.99 26.61
C SER A 55 -0.25 -8.50 25.32
N VAL A 56 0.56 -8.16 24.32
CA VAL A 56 0.04 -7.67 23.07
C VAL A 56 0.14 -8.76 22.04
N TRP A 57 1.13 -8.69 21.12
CA TRP A 57 1.28 -9.73 20.09
C TRP A 57 2.75 -9.94 19.67
N THR A 58 3.04 -11.10 19.12
CA THR A 58 4.39 -11.52 18.73
C THR A 58 5.00 -10.66 17.63
N GLY A 59 4.21 -10.34 16.65
CA GLY A 59 4.72 -9.60 15.52
C GLY A 59 3.65 -9.18 14.59
N ALA A 60 2.68 -8.41 15.10
CA ALA A 60 1.63 -7.86 14.24
C ALA A 60 2.23 -6.74 13.38
N LYS A 61 3.42 -6.32 13.79
CA LYS A 61 4.18 -5.28 13.17
C LYS A 61 5.03 -5.74 11.98
N ASP A 62 5.02 -4.93 10.91
CA ASP A 62 5.92 -5.15 9.76
C ASP A 62 5.64 -6.49 9.13
N ARG A 63 4.39 -6.82 9.13
CA ARG A 63 3.92 -8.11 8.63
C ARG A 63 4.24 -8.33 7.16
N CYS A 64 4.03 -7.33 6.38
CA CYS A 64 4.25 -7.44 4.98
C CYS A 64 4.87 -6.18 4.43
N ARG A 65 5.58 -6.29 3.32
CA ARG A 65 6.42 -5.20 2.85
C ARG A 65 6.13 -4.90 1.38
N ARG A 66 6.08 -3.63 1.04
CA ARG A 66 5.73 -3.13 -0.30
C ARG A 66 6.99 -2.75 -1.11
N LYS A 67 6.80 -2.55 -2.41
CA LYS A 67 7.87 -2.14 -3.28
C LYS A 67 7.84 -0.63 -3.46
N SER A 68 8.72 -0.12 -4.27
CA SER A 68 8.96 1.26 -4.43
C SER A 68 8.85 1.64 -5.90
N CYS A 69 8.47 2.85 -6.11
CA CYS A 69 8.10 3.37 -7.41
C CYS A 69 9.20 4.16 -8.09
N ARG A 70 9.04 4.34 -9.39
CA ARG A 70 10.00 5.09 -10.19
C ARG A 70 9.23 5.91 -11.22
N ASN A 71 9.80 7.02 -11.68
CA ASN A 71 9.12 7.80 -12.70
C ASN A 71 10.04 8.30 -13.84
N PRO A 72 11.23 7.66 -14.14
CA PRO A 72 12.05 8.05 -15.28
C PRO A 72 11.29 8.14 -16.64
N PRO A 73 10.16 7.36 -16.90
CA PRO A 73 9.44 7.51 -18.17
C PRO A 73 8.91 8.93 -18.34
N ASP A 74 8.60 9.58 -17.18
CA ASP A 74 8.20 11.00 -17.09
C ASP A 74 7.07 11.44 -18.08
N PRO A 75 6.43 12.61 -17.81
CA PRO A 75 5.48 13.18 -18.73
C PRO A 75 6.18 13.53 -20.03
N VAL A 76 5.51 13.41 -21.14
CA VAL A 76 6.17 13.65 -22.40
C VAL A 76 6.66 15.10 -22.46
N ASN A 77 5.81 16.04 -22.07
CA ASN A 77 6.23 17.44 -21.98
C ASN A 77 7.30 17.61 -20.90
N GLY A 78 7.13 16.91 -19.77
CA GLY A 78 8.09 16.99 -18.69
C GLY A 78 7.59 17.75 -17.46
N MET A 79 6.34 17.52 -17.08
CA MET A 79 5.76 18.19 -15.88
C MET A 79 5.03 17.19 -14.94
N VAL A 80 5.75 16.64 -13.99
CA VAL A 80 5.16 15.77 -12.98
C VAL A 80 5.55 16.22 -11.56
N HIS A 81 4.57 16.22 -10.66
CA HIS A 81 4.76 16.63 -9.24
C HIS A 81 4.65 15.40 -8.36
N VAL A 82 5.58 15.23 -7.40
CA VAL A 82 5.54 14.05 -6.53
C VAL A 82 5.03 14.42 -5.12
N ILE A 83 3.80 14.05 -4.81
CA ILE A 83 3.25 14.32 -3.47
C ILE A 83 3.99 13.55 -2.37
N LYS A 84 4.24 12.28 -2.66
CA LYS A 84 4.83 11.35 -1.66
C LYS A 84 6.32 11.11 -1.83
N GLY A 85 6.87 11.61 -2.93
CA GLY A 85 8.26 11.39 -3.24
C GLY A 85 8.51 10.11 -4.06
N ILE A 86 7.43 9.48 -4.56
CA ILE A 86 7.55 8.30 -5.46
C ILE A 86 7.58 6.95 -4.70
N GLN A 87 6.40 6.48 -4.31
CA GLN A 87 6.28 5.21 -3.53
C GLN A 87 4.94 4.51 -3.82
N PHE A 88 4.79 3.25 -3.39
CA PHE A 88 3.50 2.55 -3.53
C PHE A 88 2.43 3.26 -2.70
N GLY A 89 1.31 3.53 -3.35
CA GLY A 89 0.23 4.23 -2.69
C GLY A 89 0.32 5.74 -2.90
N SER A 90 1.40 6.20 -3.55
CA SER A 90 1.58 7.61 -3.83
C SER A 90 0.79 8.08 -5.01
N GLN A 91 0.62 9.37 -5.09
CA GLN A 91 -0.05 9.99 -6.19
C GLN A 91 0.78 11.16 -6.71
N ILE A 92 0.84 11.28 -8.01
CA ILE A 92 1.59 12.31 -8.68
C ILE A 92 0.76 13.06 -9.70
N LYS A 93 1.20 14.26 -10.09
CA LYS A 93 0.41 15.05 -11.06
C LYS A 93 1.13 15.15 -12.37
N TYR A 94 0.37 15.11 -13.42
CA TYR A 94 0.84 15.21 -14.78
C TYR A 94 0.31 16.44 -15.49
N SER A 95 0.96 17.55 -15.26
CA SER A 95 0.69 18.73 -16.04
C SER A 95 1.45 18.69 -17.39
N CYS A 96 0.98 19.42 -18.37
CA CYS A 96 1.70 19.51 -19.67
C CYS A 96 2.16 20.92 -20.00
N THR A 97 1.26 21.85 -19.86
CA THR A 97 1.45 23.22 -20.28
C THR A 97 0.68 24.18 -19.35
N LYS A 98 0.91 25.48 -19.44
CA LYS A 98 0.10 26.40 -18.78
C LYS A 98 -0.81 27.00 -19.83
N GLY A 99 -1.96 26.51 -19.86
CA GLY A 99 -2.94 26.93 -20.84
C GLY A 99 -3.21 25.84 -21.87
N TYR A 100 -3.52 24.65 -21.38
CA TYR A 100 -3.70 23.43 -22.20
C TYR A 100 -4.69 22.59 -21.45
N ARG A 101 -5.18 21.53 -22.02
CA ARG A 101 -6.06 20.69 -21.28
C ARG A 101 -5.63 19.25 -21.36
N LEU A 102 -5.70 18.53 -20.25
CA LEU A 102 -5.23 17.18 -20.27
C LEU A 102 -6.41 16.28 -20.41
N ILE A 103 -6.37 15.56 -21.47
CA ILE A 103 -7.45 14.73 -21.93
C ILE A 103 -7.80 13.55 -20.97
N GLY A 104 -6.76 12.87 -20.45
CA GLY A 104 -6.97 11.69 -19.60
C GLY A 104 -6.68 11.94 -18.14
N SER A 105 -5.68 11.23 -17.55
CA SER A 105 -5.47 11.38 -16.13
C SER A 105 -4.35 12.39 -15.83
N SER A 106 -4.72 13.43 -15.09
CA SER A 106 -3.83 14.45 -14.61
C SER A 106 -3.03 13.97 -13.42
N SER A 107 -3.45 12.88 -12.83
CA SER A 107 -2.71 12.31 -11.74
C SER A 107 -2.57 10.78 -11.93
N ALA A 108 -1.52 10.20 -11.43
CA ALA A 108 -1.36 8.75 -11.48
C ALA A 108 -1.05 8.24 -10.09
N THR A 109 -1.50 7.06 -9.80
CA THR A 109 -1.36 6.49 -8.51
C THR A 109 -0.59 5.17 -8.60
N CYS A 110 0.42 5.01 -7.76
CA CYS A 110 1.20 3.77 -7.74
C CYS A 110 0.47 2.63 -7.03
N ILE A 111 0.31 1.55 -7.81
CA ILE A 111 -0.36 0.33 -7.41
C ILE A 111 0.54 -0.87 -7.71
N ILE A 112 0.23 -2.04 -7.13
CA ILE A 112 1.10 -3.21 -7.35
C ILE A 112 0.74 -3.90 -8.69
N SER A 113 1.71 -3.96 -9.58
CA SER A 113 1.62 -4.67 -10.85
C SER A 113 1.55 -6.16 -10.64
N GLY A 114 2.33 -6.59 -9.69
CA GLY A 114 2.49 -7.96 -9.37
C GLY A 114 3.84 -8.18 -8.72
N ASP A 115 4.91 -8.14 -9.51
CA ASP A 115 6.28 -8.25 -8.95
C ASP A 115 6.86 -6.87 -8.72
N THR A 116 6.10 -5.86 -9.10
CA THR A 116 6.58 -4.49 -9.06
C THR A 116 5.42 -3.51 -8.84
N VAL A 117 5.75 -2.25 -8.61
CA VAL A 117 4.74 -1.23 -8.42
C VAL A 117 4.82 -0.16 -9.56
N ILE A 118 3.68 0.14 -10.19
CA ILE A 118 3.63 1.10 -11.33
C ILE A 118 2.49 2.10 -11.16
N TRP A 119 2.53 3.12 -11.97
CA TRP A 119 1.56 4.20 -11.97
C TRP A 119 0.32 3.82 -12.84
N ASP A 120 -0.90 4.27 -12.41
CA ASP A 120 -2.17 3.80 -13.02
C ASP A 120 -2.62 4.59 -14.24
N GLN A 121 -1.87 5.59 -14.66
CA GLN A 121 -2.30 6.40 -15.80
C GLN A 121 -2.48 5.55 -17.06
N GLU A 122 -3.54 5.85 -17.79
CA GLU A 122 -3.95 5.04 -18.94
C GLU A 122 -2.91 5.07 -20.06
N THR A 123 -2.35 6.23 -20.29
CA THR A 123 -1.38 6.44 -21.34
C THR A 123 -0.88 7.87 -21.21
N PRO A 124 0.37 8.23 -21.62
CA PRO A 124 0.79 9.63 -21.51
C PRO A 124 -0.13 10.51 -22.38
N ILE A 125 -0.57 11.65 -21.85
CA ILE A 125 -1.52 12.48 -22.57
C ILE A 125 -1.13 13.94 -22.51
N CYS A 126 -1.15 14.65 -23.62
CA CYS A 126 -1.06 16.13 -23.58
C CYS A 126 -1.76 16.78 -24.79
N ASP A 127 -2.89 17.49 -24.55
CA ASP A 127 -3.57 18.21 -25.65
C ASP A 127 -2.70 19.30 -26.25
N ARG A 128 -2.11 20.13 -25.35
CA ARG A 128 -1.24 21.27 -25.73
C ARG A 128 -1.71 22.00 -27.02
N GLN A 7 -7.24 -9.86 26.70
CA GLN A 7 -5.94 -9.55 27.32
C GLN A 7 -5.08 -8.64 26.42
N CYS A 8 -4.80 -9.08 25.19
CA CYS A 8 -3.94 -8.34 24.22
C CYS A 8 -4.46 -6.95 23.85
N ASN A 9 -5.72 -6.69 24.14
CA ASN A 9 -6.39 -5.39 23.83
C ASN A 9 -6.39 -5.10 22.33
N ALA A 10 -6.47 -6.21 21.56
CA ALA A 10 -6.49 -6.20 20.12
C ALA A 10 -5.22 -5.66 19.52
N PRO A 11 -4.62 -6.40 18.61
CA PRO A 11 -3.31 -6.02 18.04
C PRO A 11 -3.31 -4.63 17.43
N GLU A 12 -4.33 -4.38 16.62
CA GLU A 12 -4.63 -3.07 16.02
C GLU A 12 -5.41 -3.29 14.74
N TRP A 13 -5.91 -2.24 14.17
CA TRP A 13 -6.56 -2.35 12.89
C TRP A 13 -5.52 -2.33 11.81
N LEU A 14 -5.46 -3.41 11.06
CA LEU A 14 -4.50 -3.58 10.03
C LEU A 14 -5.21 -3.76 8.70
N PRO A 15 -5.13 -2.77 7.81
CA PRO A 15 -5.78 -2.82 6.48
C PRO A 15 -5.19 -3.93 5.61
N PHE A 16 -3.97 -4.32 5.93
CA PHE A 16 -3.24 -5.35 5.19
C PHE A 16 -3.96 -6.68 5.29
N ALA A 17 -4.41 -6.92 6.51
CA ALA A 17 -4.81 -8.22 6.94
C ALA A 17 -6.28 -8.35 7.28
N ARG A 18 -6.79 -9.53 7.03
CA ARG A 18 -8.15 -9.88 7.35
C ARG A 18 -8.17 -11.22 8.06
N PRO A 19 -7.87 -11.25 9.38
CA PRO A 19 -7.87 -12.49 10.15
C PRO A 19 -9.26 -13.03 10.34
N THR A 20 -9.33 -14.32 10.53
CA THR A 20 -10.55 -15.05 10.49
C THR A 20 -11.13 -15.27 11.90
N GLN A 21 -10.41 -14.79 12.91
CA GLN A 21 -10.75 -15.12 14.28
C GLN A 21 -11.12 -13.87 15.06
N LEU A 22 -10.42 -12.83 14.72
CA LEU A 22 -10.40 -11.56 15.42
C LEU A 22 -11.71 -10.80 15.48
N THR A 23 -12.46 -10.79 14.43
CA THR A 23 -13.71 -10.05 14.36
C THR A 23 -14.54 -10.08 15.70
N ASP A 24 -14.69 -11.26 16.32
CA ASP A 24 -15.43 -11.38 17.59
C ASP A 24 -14.44 -11.35 18.76
N GLU A 25 -13.19 -11.75 18.44
CA GLU A 25 -12.17 -11.97 19.41
C GLU A 25 -10.84 -11.40 18.98
N PHE A 26 -10.75 -10.17 19.25
CA PHE A 26 -9.60 -9.35 19.07
C PHE A 26 -8.47 -9.80 19.98
N GLU A 27 -8.81 -10.22 21.19
CA GLU A 27 -7.81 -10.45 22.22
C GLU A 27 -7.70 -11.96 22.54
N PHE A 28 -6.46 -12.43 22.76
CA PHE A 28 -6.20 -13.85 23.02
C PHE A 28 -5.18 -14.03 24.16
N PRO A 29 -5.09 -15.24 24.73
CA PRO A 29 -4.07 -15.63 25.73
C PRO A 29 -2.66 -15.84 25.10
N ILE A 30 -1.62 -15.80 25.96
CA ILE A 30 -0.23 -16.01 25.53
C ILE A 30 -0.04 -17.43 25.11
N GLY A 31 0.63 -17.59 24.00
CA GLY A 31 0.84 -18.90 23.45
C GLY A 31 -0.26 -19.35 22.51
N THR A 32 -1.02 -18.40 21.99
CA THR A 32 -2.05 -18.68 21.02
C THR A 32 -1.72 -17.94 19.72
N TYR A 33 -1.74 -18.67 18.63
CA TYR A 33 -1.30 -18.13 17.35
C TYR A 33 -2.52 -17.79 16.46
N LEU A 34 -2.54 -16.55 15.98
CA LEU A 34 -3.61 -16.02 15.10
C LEU A 34 -3.39 -16.22 13.61
N ASN A 35 -4.49 -16.47 12.90
CA ASN A 35 -4.45 -16.65 11.49
C ASN A 35 -4.60 -15.29 10.79
N TYR A 36 -3.51 -14.84 10.25
CA TYR A 36 -3.41 -13.60 9.46
C TYR A 36 -3.01 -13.86 8.02
N GLU A 37 -3.64 -13.12 7.15
CA GLU A 37 -3.38 -13.17 5.72
C GLU A 37 -3.15 -11.77 5.20
N CYS A 38 -2.24 -11.64 4.26
CA CYS A 38 -2.00 -10.34 3.65
C CYS A 38 -2.85 -10.23 2.38
N ARG A 39 -3.40 -9.05 2.14
CA ARG A 39 -4.13 -8.80 0.91
C ARG A 39 -3.16 -8.98 -0.25
N PRO A 40 -3.65 -9.15 -1.49
CA PRO A 40 -2.77 -9.29 -2.63
C PRO A 40 -1.91 -8.06 -2.84
N GLY A 41 -0.71 -8.27 -3.31
CA GLY A 41 0.21 -7.19 -3.48
C GLY A 41 1.12 -7.00 -2.31
N TYR A 42 1.02 -7.86 -1.30
CA TYR A 42 1.91 -7.69 -0.17
C TYR A 42 2.99 -8.77 -0.13
N SER A 43 4.20 -8.29 -0.03
CA SER A 43 5.42 -9.09 -0.01
C SER A 43 5.54 -10.04 1.17
N GLY A 44 5.17 -9.56 2.35
CA GLY A 44 5.50 -10.25 3.56
C GLY A 44 4.93 -11.62 3.68
N ARG A 45 5.72 -12.49 4.31
CA ARG A 45 5.35 -13.86 4.55
C ARG A 45 4.49 -13.89 5.77
N PRO A 46 3.20 -14.18 5.63
CA PRO A 46 2.32 -14.15 6.75
C PRO A 46 2.70 -15.18 7.81
N PHE A 47 2.57 -14.78 9.04
CA PHE A 47 2.81 -15.65 10.18
C PHE A 47 1.83 -15.29 11.27
N SER A 48 1.59 -16.21 12.16
CA SER A 48 0.67 -16.00 13.26
C SER A 48 1.22 -15.01 14.31
N ILE A 49 0.31 -14.26 14.96
CA ILE A 49 0.67 -13.35 16.03
C ILE A 49 0.29 -13.95 17.39
N ILE A 50 1.25 -13.97 18.29
CA ILE A 50 1.12 -14.58 19.61
C ILE A 50 1.35 -13.50 20.72
N CYS A 51 0.44 -13.39 21.70
CA CYS A 51 0.57 -12.43 22.86
C CYS A 51 1.89 -12.62 23.72
N LEU A 52 3.02 -12.79 23.05
CA LEU A 52 4.31 -13.14 23.67
C LEU A 52 4.85 -12.08 24.62
N LYS A 53 4.75 -10.82 24.22
CA LYS A 53 5.30 -9.76 25.05
C LYS A 53 4.31 -8.99 25.79
N ASN A 54 4.38 -9.13 27.09
CA ASN A 54 3.55 -8.38 28.02
C ASN A 54 2.08 -8.53 27.66
N SER A 55 1.71 -9.73 27.16
CA SER A 55 0.36 -9.94 26.64
C SER A 55 -0.04 -8.83 25.62
N VAL A 56 0.97 -8.23 24.95
CA VAL A 56 0.71 -7.15 23.99
C VAL A 56 0.53 -7.69 22.58
N TRP A 57 1.54 -8.47 22.10
CA TRP A 57 1.64 -9.26 20.82
C TRP A 57 3.10 -9.42 20.39
N THR A 58 3.33 -10.30 19.43
CA THR A 58 4.67 -10.54 18.86
C THR A 58 5.20 -9.33 18.09
N GLY A 59 4.29 -8.65 17.43
CA GLY A 59 4.69 -7.55 16.58
C GLY A 59 4.01 -7.63 15.23
N ALA A 60 2.69 -7.47 15.25
CA ALA A 60 1.85 -7.54 14.05
C ALA A 60 1.98 -6.32 13.13
N LYS A 61 3.13 -5.65 13.17
CA LYS A 61 3.31 -4.44 12.37
C LYS A 61 4.33 -4.70 11.26
N ASP A 62 4.24 -3.90 10.18
CA ASP A 62 5.17 -3.94 9.00
C ASP A 62 5.21 -5.37 8.44
N ARG A 63 4.18 -6.11 8.81
CA ARG A 63 4.07 -7.49 8.47
C ARG A 63 3.88 -7.72 6.97
N CYS A 64 3.11 -6.86 6.34
CA CYS A 64 2.82 -7.03 4.92
C CYS A 64 3.40 -5.82 4.26
N ARG A 65 4.00 -5.99 3.12
CA ARG A 65 4.67 -4.89 2.52
C ARG A 65 4.30 -4.69 1.07
N ARG A 66 4.10 -3.43 0.73
CA ARG A 66 3.86 -2.94 -0.61
C ARG A 66 5.16 -2.82 -1.36
N LYS A 67 5.05 -2.66 -2.63
CA LYS A 67 6.18 -2.41 -3.45
C LYS A 67 6.38 -0.91 -3.59
N SER A 68 7.60 -0.46 -3.55
CA SER A 68 7.87 0.94 -3.75
C SER A 68 7.62 1.32 -5.21
N CYS A 69 7.05 2.50 -5.41
CA CYS A 69 6.82 3.06 -6.75
C CYS A 69 8.04 3.88 -7.17
N ARG A 70 8.27 3.99 -8.47
CA ARG A 70 9.41 4.74 -8.97
C ARG A 70 8.95 5.66 -10.05
N ASN A 71 9.61 6.79 -10.22
CA ASN A 71 9.09 7.79 -11.13
C ASN A 71 10.07 8.27 -12.23
N PRO A 72 10.56 7.35 -13.11
CA PRO A 72 11.23 7.74 -14.34
C PRO A 72 10.27 7.74 -15.63
N PRO A 73 8.86 7.65 -15.50
CA PRO A 73 7.93 7.73 -16.65
C PRO A 73 7.57 9.16 -16.99
N ASP A 74 8.29 10.08 -16.34
CA ASP A 74 8.10 11.54 -16.44
C ASP A 74 7.70 12.02 -17.85
N PRO A 75 6.98 13.17 -17.90
CA PRO A 75 6.50 13.76 -19.13
C PRO A 75 7.62 14.37 -19.91
N VAL A 76 7.28 14.94 -21.05
CA VAL A 76 8.27 15.48 -21.94
C VAL A 76 9.07 16.61 -21.27
N ASN A 77 8.42 17.57 -20.57
CA ASN A 77 9.25 18.61 -19.95
C ASN A 77 9.63 18.21 -18.49
N GLY A 78 9.13 17.06 -18.02
CA GLY A 78 9.49 16.56 -16.68
C GLY A 78 8.84 17.25 -15.45
N MET A 79 7.64 17.85 -15.60
CA MET A 79 7.00 18.59 -14.45
C MET A 79 6.59 17.72 -13.27
N VAL A 80 6.09 16.51 -13.55
CA VAL A 80 5.43 15.60 -12.55
C VAL A 80 5.30 16.20 -11.14
N HIS A 81 4.10 16.56 -10.80
CA HIS A 81 3.82 17.05 -9.46
C HIS A 81 3.50 15.84 -8.65
N VAL A 82 4.28 15.58 -7.65
CA VAL A 82 4.08 14.38 -6.87
C VAL A 82 3.42 14.71 -5.53
N ILE A 83 2.11 14.42 -5.45
CA ILE A 83 1.30 14.73 -4.26
C ILE A 83 1.75 13.97 -2.98
N LYS A 84 1.94 12.65 -3.14
CA LYS A 84 2.20 11.75 -1.99
C LYS A 84 3.67 11.38 -1.76
N GLY A 85 4.54 11.72 -2.68
CA GLY A 85 5.95 11.36 -2.55
C GLY A 85 6.40 10.10 -3.31
N ILE A 86 5.48 9.49 -4.09
CA ILE A 86 5.82 8.33 -4.97
C ILE A 86 5.66 6.98 -4.28
N GLN A 87 4.45 6.52 -4.20
CA GLN A 87 4.16 5.25 -3.55
C GLN A 87 2.92 4.55 -4.18
N PHE A 88 2.71 3.28 -3.80
CA PHE A 88 1.48 2.61 -4.09
C PHE A 88 0.35 3.37 -3.45
N GLY A 89 -0.65 3.68 -4.28
CA GLY A 89 -1.78 4.45 -3.85
C GLY A 89 -1.58 5.95 -4.06
N SER A 90 -0.35 6.35 -4.37
CA SER A 90 -0.03 7.75 -4.63
C SER A 90 -0.55 8.18 -6.01
N GLN A 91 -0.89 9.45 -6.11
CA GLN A 91 -1.31 10.01 -7.36
C GLN A 91 -0.43 11.22 -7.70
N ILE A 92 -0.03 11.29 -8.93
CA ILE A 92 0.88 12.33 -9.42
C ILE A 92 0.32 13.00 -10.64
N LYS A 93 0.82 14.17 -10.96
CA LYS A 93 0.32 14.90 -12.12
C LYS A 93 1.35 14.91 -13.23
N TYR A 94 0.86 14.79 -14.42
CA TYR A 94 1.66 14.76 -15.62
C TYR A 94 1.53 16.02 -16.42
N SER A 95 1.57 17.15 -15.73
CA SER A 95 1.43 18.39 -16.44
C SER A 95 2.63 18.61 -17.38
N CYS A 96 2.28 18.92 -18.61
CA CYS A 96 3.21 19.30 -19.68
C CYS A 96 3.53 20.78 -19.55
N THR A 97 2.54 21.48 -19.12
CA THR A 97 2.54 22.91 -18.96
C THR A 97 1.63 23.30 -17.78
N LYS A 98 1.88 24.44 -17.16
CA LYS A 98 1.02 24.91 -16.10
C LYS A 98 -0.40 25.17 -16.60
N GLY A 99 -0.51 25.85 -17.73
CA GLY A 99 -1.81 26.16 -18.27
C GLY A 99 -2.14 25.40 -19.56
N TYR A 100 -2.38 24.11 -19.43
CA TYR A 100 -2.67 23.22 -20.57
C TYR A 100 -3.56 22.13 -20.00
N ARG A 101 -4.12 21.30 -20.83
CA ARG A 101 -4.81 20.17 -20.31
C ARG A 101 -4.30 18.93 -20.97
N LEU A 102 -4.34 17.85 -20.26
CA LEU A 102 -3.86 16.60 -20.78
C LEU A 102 -5.04 15.70 -21.07
N ILE A 103 -5.11 15.23 -22.29
CA ILE A 103 -6.24 14.47 -22.78
C ILE A 103 -6.45 13.12 -22.07
N GLY A 104 -5.36 12.37 -21.89
CA GLY A 104 -5.44 11.07 -21.26
C GLY A 104 -5.16 11.12 -19.79
N SER A 105 -4.19 10.34 -19.35
CA SER A 105 -3.85 10.32 -17.94
C SER A 105 -3.06 11.58 -17.56
N SER A 106 -3.79 12.61 -17.19
CA SER A 106 -3.28 13.82 -16.61
C SER A 106 -2.57 13.48 -15.33
N SER A 107 -3.14 12.55 -14.61
CA SER A 107 -2.53 12.09 -13.43
C SER A 107 -2.53 10.58 -13.44
N ALA A 108 -1.48 10.00 -12.87
CA ALA A 108 -1.32 8.56 -12.83
C ALA A 108 -1.44 8.10 -11.41
N THR A 109 -1.96 6.93 -11.23
CA THR A 109 -2.18 6.38 -9.92
C THR A 109 -1.43 5.05 -9.79
N CYS A 110 -0.67 4.88 -8.72
CA CYS A 110 0.05 3.63 -8.50
C CYS A 110 -0.83 2.55 -7.91
N ILE A 111 -0.86 1.40 -8.61
CA ILE A 111 -1.67 0.26 -8.22
C ILE A 111 -0.85 -1.04 -8.20
N ILE A 112 -1.36 -2.05 -7.54
CA ILE A 112 -0.68 -3.34 -7.43
C ILE A 112 -0.95 -4.22 -8.65
N SER A 113 0.13 -4.71 -9.27
CA SER A 113 0.03 -5.67 -10.36
C SER A 113 0.02 -7.10 -9.78
N GLY A 114 0.40 -7.16 -8.53
CA GLY A 114 0.54 -8.41 -7.81
C GLY A 114 1.94 -8.51 -7.25
N ASP A 115 2.90 -8.76 -8.13
CA ASP A 115 4.33 -8.77 -7.77
C ASP A 115 4.83 -7.38 -7.33
N THR A 116 4.36 -6.36 -8.04
CA THR A 116 4.89 -5.02 -7.91
C THR A 116 3.78 -3.93 -8.02
N VAL A 117 4.22 -2.68 -7.97
CA VAL A 117 3.33 -1.52 -8.06
C VAL A 117 3.64 -0.73 -9.36
N ILE A 118 2.61 -0.40 -10.13
CA ILE A 118 2.79 0.34 -11.37
C ILE A 118 1.87 1.54 -11.41
N TRP A 119 2.17 2.46 -12.28
CA TRP A 119 1.33 3.62 -12.51
C TRP A 119 0.37 3.28 -13.67
N ASP A 120 -0.88 3.76 -13.62
CA ASP A 120 -1.94 3.35 -14.59
C ASP A 120 -1.98 4.21 -15.85
N GLN A 121 -1.05 5.14 -15.97
CA GLN A 121 -1.02 6.06 -17.14
C GLN A 121 -0.98 5.29 -18.48
N GLU A 122 -1.93 5.61 -19.39
CA GLU A 122 -1.95 4.99 -20.72
C GLU A 122 -0.73 5.42 -21.55
N THR A 123 -0.40 6.70 -21.44
CA THR A 123 0.70 7.32 -22.17
C THR A 123 0.57 8.84 -22.01
N PRO A 124 1.68 9.59 -21.85
CA PRO A 124 1.58 11.05 -21.75
C PRO A 124 0.96 11.67 -23.02
N ILE A 125 0.10 12.64 -22.82
CA ILE A 125 -0.55 13.38 -23.90
C ILE A 125 -0.47 14.88 -23.62
N CYS A 126 -0.05 15.69 -24.53
CA CYS A 126 0.01 17.10 -24.19
C CYS A 126 -0.88 17.94 -25.14
N ASP A 127 -2.12 18.30 -24.67
CA ASP A 127 -3.07 19.08 -25.51
C ASP A 127 -2.49 20.44 -25.80
N ARG A 128 -1.90 21.07 -24.77
CA ARG A 128 -1.25 22.36 -24.91
C ARG A 128 -2.10 23.37 -25.72
N GLN A 7 -6.59 -10.28 27.69
CA GLN A 7 -5.22 -10.69 27.95
C GLN A 7 -4.26 -9.96 27.01
N CYS A 8 -4.40 -10.28 25.71
CA CYS A 8 -3.57 -9.69 24.65
C CYS A 8 -4.00 -8.26 24.41
N ASN A 9 -5.24 -7.94 24.85
CA ASN A 9 -5.78 -6.59 24.77
C ASN A 9 -5.84 -6.03 23.35
N ALA A 10 -6.19 -6.91 22.39
CA ALA A 10 -6.38 -6.56 20.96
C ALA A 10 -5.12 -5.93 20.35
N PRO A 11 -4.59 -6.52 19.29
CA PRO A 11 -3.38 -5.97 18.68
C PRO A 11 -3.67 -4.62 18.02
N GLU A 12 -4.58 -4.66 17.04
CA GLU A 12 -5.13 -3.50 16.35
C GLU A 12 -5.67 -3.98 15.03
N TRP A 13 -6.41 -3.15 14.37
CA TRP A 13 -6.74 -3.43 13.01
C TRP A 13 -5.59 -2.99 12.17
N LEU A 14 -4.98 -3.94 11.49
CA LEU A 14 -3.83 -3.67 10.72
C LEU A 14 -4.29 -3.39 9.29
N PRO A 15 -4.11 -2.17 8.81
CA PRO A 15 -4.67 -1.77 7.51
C PRO A 15 -4.10 -2.57 6.33
N PHE A 16 -2.89 -3.07 6.47
CA PHE A 16 -2.27 -3.86 5.43
C PHE A 16 -3.11 -5.12 5.25
N ALA A 17 -3.50 -5.68 6.39
CA ALA A 17 -4.06 -7.00 6.45
C ALA A 17 -5.27 -7.11 7.41
N ARG A 18 -6.29 -7.83 7.02
CA ARG A 18 -7.43 -8.00 7.90
C ARG A 18 -7.68 -9.47 8.25
N PRO A 19 -7.37 -9.85 9.49
CA PRO A 19 -7.63 -11.19 10.01
C PRO A 19 -9.09 -11.48 10.06
N THR A 20 -9.38 -12.68 9.84
CA THR A 20 -10.73 -13.15 9.74
C THR A 20 -11.41 -13.09 11.13
N GLN A 21 -10.59 -13.29 12.17
CA GLN A 21 -11.05 -13.55 13.54
C GLN A 21 -11.04 -12.29 14.39
N LEU A 22 -10.11 -11.48 14.13
CA LEU A 22 -9.77 -10.29 14.92
C LEU A 22 -10.84 -9.30 14.98
N THR A 23 -11.45 -9.08 13.90
CA THR A 23 -12.40 -8.04 13.78
C THR A 23 -13.57 -8.19 14.77
N ASP A 24 -14.10 -9.38 14.95
CA ASP A 24 -15.26 -9.55 15.87
C ASP A 24 -14.88 -10.09 17.26
N GLU A 25 -13.60 -10.37 17.47
CA GLU A 25 -13.17 -11.08 18.67
C GLU A 25 -12.32 -10.16 19.56
N PHE A 26 -11.09 -9.89 19.07
CA PHE A 26 -10.09 -9.00 19.70
C PHE A 26 -9.35 -9.62 20.90
N GLU A 27 -10.02 -10.40 21.70
CA GLU A 27 -9.39 -10.92 22.90
C GLU A 27 -9.10 -12.43 22.82
N PHE A 28 -7.83 -12.82 23.08
CA PHE A 28 -7.41 -14.23 22.99
C PHE A 28 -6.40 -14.62 24.12
N PRO A 29 -6.30 -15.94 24.43
CA PRO A 29 -5.29 -16.51 25.35
C PRO A 29 -3.86 -16.57 24.73
N ILE A 30 -2.84 -16.71 25.58
CA ILE A 30 -1.43 -16.79 25.13
C ILE A 30 -1.15 -18.11 24.40
N GLY A 31 -0.48 -17.96 23.24
CA GLY A 31 -0.17 -19.09 22.38
C GLY A 31 -1.13 -19.23 21.21
N THR A 32 -2.16 -18.40 21.20
CA THR A 32 -3.12 -18.36 20.11
C THR A 32 -2.48 -17.81 18.86
N TYR A 33 -2.73 -18.45 17.76
CA TYR A 33 -2.26 -17.96 16.50
C TYR A 33 -3.44 -17.38 15.73
N LEU A 34 -3.26 -16.19 15.20
CA LEU A 34 -4.31 -15.50 14.45
C LEU A 34 -4.05 -15.40 12.99
N ASN A 35 -5.07 -15.62 12.24
CA ASN A 35 -4.97 -15.75 10.85
C ASN A 35 -5.11 -14.37 10.19
N TYR A 36 -3.99 -13.89 9.70
CA TYR A 36 -3.85 -12.62 8.98
C TYR A 36 -3.68 -12.84 7.51
N GLU A 37 -4.37 -12.01 6.74
CA GLU A 37 -4.28 -12.04 5.29
C GLU A 37 -3.79 -10.69 4.78
N CYS A 38 -2.79 -10.65 3.93
CA CYS A 38 -2.32 -9.37 3.38
C CYS A 38 -3.14 -9.01 2.14
N ARG A 39 -3.35 -7.71 1.92
CA ARG A 39 -4.01 -7.25 0.69
C ARG A 39 -3.19 -7.74 -0.52
N PRO A 40 -3.79 -7.83 -1.72
CA PRO A 40 -3.06 -8.35 -2.86
C PRO A 40 -1.85 -7.47 -3.17
N GLY A 41 -0.77 -8.11 -3.59
CA GLY A 41 0.43 -7.40 -3.97
C GLY A 41 1.45 -7.24 -2.83
N TYR A 42 1.08 -7.62 -1.61
CA TYR A 42 2.02 -7.55 -0.52
C TYR A 42 2.96 -8.73 -0.46
N SER A 43 4.21 -8.42 -0.19
CA SER A 43 5.31 -9.41 -0.17
C SER A 43 5.46 -10.13 1.17
N GLY A 44 4.73 -9.70 2.16
CA GLY A 44 4.88 -10.27 3.49
C GLY A 44 4.19 -11.60 3.65
N ARG A 45 4.44 -12.24 4.79
CA ARG A 45 3.84 -13.53 5.10
C ARG A 45 2.59 -13.27 5.86
N PRO A 46 1.44 -13.75 5.37
CA PRO A 46 0.17 -13.48 6.03
C PRO A 46 0.19 -14.02 7.46
N PHE A 47 0.94 -15.11 7.62
CA PHE A 47 1.23 -15.82 8.88
C PHE A 47 0.17 -15.57 10.02
N SER A 48 0.61 -15.71 11.27
CA SER A 48 -0.23 -15.50 12.41
C SER A 48 0.42 -14.61 13.48
N ILE A 49 -0.39 -13.92 14.24
CA ILE A 49 0.08 -13.22 15.41
C ILE A 49 -0.22 -14.05 16.63
N ILE A 50 0.78 -14.24 17.43
CA ILE A 50 0.70 -15.07 18.56
C ILE A 50 0.96 -14.21 19.79
N CYS A 51 0.08 -14.26 20.78
CA CYS A 51 0.32 -13.51 22.00
C CYS A 51 1.63 -13.96 22.65
N LEU A 52 2.71 -13.19 22.40
CA LEU A 52 4.03 -13.54 22.92
C LEU A 52 4.66 -12.37 23.71
N LYS A 53 4.77 -11.20 23.06
CA LYS A 53 5.43 -10.04 23.61
C LYS A 53 4.57 -9.43 24.67
N ASN A 54 5.08 -9.42 25.90
CA ASN A 54 4.35 -8.90 27.06
C ASN A 54 3.01 -9.63 27.16
N SER A 55 3.04 -10.89 26.75
CA SER A 55 1.82 -11.71 26.65
C SER A 55 0.74 -11.02 25.78
N VAL A 56 1.16 -10.03 24.99
CA VAL A 56 0.26 -9.31 24.13
C VAL A 56 0.19 -9.96 22.74
N TRP A 57 1.21 -9.71 21.90
CA TRP A 57 1.26 -10.27 20.54
C TRP A 57 2.68 -10.40 20.09
N THR A 58 2.90 -10.55 18.81
CA THR A 58 4.27 -10.65 18.31
C THR A 58 4.73 -9.27 17.90
N GLY A 59 3.81 -8.34 17.97
CA GLY A 59 4.09 -6.98 17.62
C GLY A 59 3.59 -6.66 16.23
N ALA A 60 3.22 -7.72 15.47
CA ALA A 60 2.63 -7.60 14.12
C ALA A 60 3.35 -6.56 13.24
N LYS A 61 4.67 -6.49 13.38
CA LYS A 61 5.48 -5.49 12.68
C LYS A 61 5.61 -5.85 11.20
N ASP A 62 5.52 -4.83 10.34
CA ASP A 62 5.94 -4.94 8.90
C ASP A 62 5.46 -6.22 8.26
N ARG A 63 4.26 -6.65 8.60
CA ARG A 63 3.81 -7.95 8.20
C ARG A 63 3.69 -8.06 6.69
N CYS A 64 3.20 -7.01 6.09
CA CYS A 64 2.97 -7.01 4.67
C CYS A 64 3.83 -5.93 4.11
N ARG A 65 4.32 -6.08 2.91
CA ARG A 65 5.26 -5.11 2.41
C ARG A 65 4.83 -4.52 1.07
N ARG A 66 5.13 -3.25 0.97
CA ARG A 66 4.84 -2.38 -0.16
C ARG A 66 6.14 -1.75 -0.60
N LYS A 67 6.29 -1.56 -1.85
CA LYS A 67 7.56 -1.10 -2.39
C LYS A 67 7.44 0.30 -2.93
N SER A 68 8.57 0.97 -2.99
CA SER A 68 8.66 2.26 -3.56
C SER A 68 8.45 2.12 -5.07
N CYS A 69 7.72 3.07 -5.72
CA CYS A 69 7.56 2.94 -7.13
C CYS A 69 8.48 3.89 -7.86
N ARG A 70 8.34 4.05 -9.16
CA ARG A 70 9.34 4.84 -9.89
C ARG A 70 8.72 5.71 -11.00
N ASN A 71 9.40 6.81 -11.35
CA ASN A 71 8.93 7.72 -12.42
C ASN A 71 10.03 8.09 -13.45
N PRO A 72 10.73 7.09 -14.07
CA PRO A 72 11.74 7.38 -15.11
C PRO A 72 11.17 7.96 -16.47
N PRO A 73 9.91 7.62 -16.93
CA PRO A 73 9.38 8.16 -18.21
C PRO A 73 9.32 9.69 -18.28
N ASP A 74 9.01 10.32 -17.13
CA ASP A 74 8.90 11.82 -16.92
C ASP A 74 8.26 12.66 -18.09
N PRO A 75 7.49 13.69 -17.73
CA PRO A 75 6.89 14.64 -18.67
C PRO A 75 7.93 15.57 -19.28
N VAL A 76 7.59 16.11 -20.45
CA VAL A 76 8.50 16.95 -21.23
C VAL A 76 8.95 18.24 -20.49
N ASN A 77 8.02 18.97 -19.85
CA ASN A 77 8.40 20.26 -19.27
C ASN A 77 8.63 20.23 -17.73
N GLY A 78 8.71 19.04 -17.13
CA GLY A 78 8.77 19.00 -15.64
C GLY A 78 7.38 19.08 -15.02
N MET A 79 6.45 18.53 -15.77
CA MET A 79 5.03 18.61 -15.52
C MET A 79 4.59 17.91 -14.19
N VAL A 80 5.22 16.78 -13.88
CA VAL A 80 4.82 15.97 -12.71
C VAL A 80 5.09 16.63 -11.37
N HIS A 81 4.06 16.58 -10.54
CA HIS A 81 4.13 16.99 -9.15
C HIS A 81 3.93 15.78 -8.30
N VAL A 82 4.88 15.53 -7.43
CA VAL A 82 4.82 14.37 -6.57
C VAL A 82 4.29 14.75 -5.19
N ILE A 83 3.04 14.31 -4.92
CA ILE A 83 2.36 14.64 -3.66
C ILE A 83 3.05 14.04 -2.43
N LYS A 84 3.41 12.76 -2.53
CA LYS A 84 3.94 12.04 -1.36
C LYS A 84 5.46 11.77 -1.41
N GLY A 85 5.92 11.22 -2.53
CA GLY A 85 7.32 10.91 -2.65
C GLY A 85 7.62 9.61 -3.40
N ILE A 86 6.71 9.19 -4.32
CA ILE A 86 6.91 7.99 -5.16
C ILE A 86 7.05 6.70 -4.27
N GLN A 87 5.91 6.03 -4.02
CA GLN A 87 5.84 4.90 -3.06
C GLN A 87 4.45 4.28 -3.18
N PHE A 88 4.23 3.09 -2.64
CA PHE A 88 2.91 2.50 -2.72
C PHE A 88 1.95 3.36 -1.95
N GLY A 89 0.83 3.70 -2.58
CA GLY A 89 -0.11 4.63 -1.99
C GLY A 89 0.27 6.10 -2.27
N SER A 90 1.14 6.33 -3.25
CA SER A 90 1.53 7.71 -3.64
C SER A 90 0.97 8.04 -4.99
N GLN A 91 0.45 9.24 -5.10
CA GLN A 91 -0.19 9.76 -6.29
C GLN A 91 0.54 11.03 -6.78
N ILE A 92 0.79 11.14 -8.09
CA ILE A 92 1.43 12.33 -8.64
C ILE A 92 0.59 12.87 -9.81
N LYS A 93 0.84 14.12 -10.20
CA LYS A 93 0.04 14.73 -11.26
C LYS A 93 0.77 14.80 -12.60
N TYR A 94 -0.03 14.64 -13.63
CA TYR A 94 0.40 14.68 -15.01
C TYR A 94 -0.24 15.81 -15.78
N SER A 95 0.00 17.02 -15.35
CA SER A 95 -0.40 18.12 -16.14
C SER A 95 0.59 18.20 -17.27
N CYS A 96 0.20 18.79 -18.33
CA CYS A 96 1.09 18.91 -19.45
C CYS A 96 1.45 20.39 -19.68
N THR A 97 1.10 20.81 -20.84
CA THR A 97 1.29 22.13 -21.36
C THR A 97 0.17 23.06 -20.83
N LYS A 98 0.33 24.36 -20.89
CA LYS A 98 -0.81 25.22 -20.54
C LYS A 98 -2.03 25.09 -21.48
N GLY A 99 -1.78 25.16 -22.76
CA GLY A 99 -2.86 25.21 -23.70
C GLY A 99 -3.14 23.88 -24.25
N TYR A 100 -3.58 23.02 -23.40
CA TYR A 100 -3.72 21.62 -23.78
C TYR A 100 -4.85 20.99 -22.97
N ARG A 101 -5.23 19.80 -23.36
CA ARG A 101 -6.16 19.01 -22.58
C ARG A 101 -5.48 17.68 -22.32
N LEU A 102 -5.74 17.04 -21.21
CA LEU A 102 -5.08 15.76 -21.03
C LEU A 102 -6.12 14.70 -21.36
N ILE A 103 -5.81 13.90 -22.38
CA ILE A 103 -6.70 12.85 -22.85
C ILE A 103 -6.89 11.71 -21.81
N GLY A 104 -5.77 11.29 -21.20
CA GLY A 104 -5.80 10.17 -20.29
C GLY A 104 -5.76 10.54 -18.82
N SER A 105 -5.04 9.74 -18.04
CA SER A 105 -5.00 9.90 -16.60
C SER A 105 -4.20 11.15 -16.17
N SER A 106 -4.91 12.10 -15.55
CA SER A 106 -4.35 13.31 -14.96
C SER A 106 -3.40 13.00 -13.83
N SER A 107 -3.77 12.06 -12.99
CA SER A 107 -2.95 11.72 -11.88
C SER A 107 -2.77 10.20 -11.84
N ALA A 108 -1.66 9.76 -11.29
CA ALA A 108 -1.33 8.34 -11.24
C ALA A 108 -1.02 7.92 -9.81
N THR A 109 -1.35 6.71 -9.47
CA THR A 109 -1.16 6.22 -8.14
C THR A 109 -0.32 4.93 -8.14
N CYS A 110 0.71 4.85 -7.25
CA CYS A 110 1.53 3.63 -7.18
C CYS A 110 0.66 2.48 -6.58
N ILE A 111 0.52 1.41 -7.32
CA ILE A 111 -0.18 0.20 -6.88
C ILE A 111 0.71 -1.01 -7.13
N ILE A 112 0.42 -2.12 -6.50
CA ILE A 112 1.33 -3.24 -6.63
C ILE A 112 1.05 -4.01 -7.95
N SER A 113 2.06 -4.14 -8.81
CA SER A 113 1.98 -5.03 -9.98
C SER A 113 1.81 -6.46 -9.50
N GLY A 114 2.60 -6.75 -8.47
CA GLY A 114 2.67 -8.07 -7.87
C GLY A 114 4.04 -8.24 -7.21
N ASP A 115 5.07 -8.34 -8.01
CA ASP A 115 6.45 -8.42 -7.51
C ASP A 115 7.09 -7.04 -7.47
N THR A 116 6.35 -6.05 -7.94
CA THR A 116 6.84 -4.68 -8.02
C THR A 116 5.68 -3.71 -7.92
N VAL A 117 5.97 -2.42 -7.82
CA VAL A 117 4.92 -1.42 -7.71
C VAL A 117 4.94 -0.49 -8.92
N ILE A 118 3.78 -0.30 -9.49
CA ILE A 118 3.59 0.44 -10.73
C ILE A 118 2.50 1.48 -10.57
N TRP A 119 2.42 2.37 -11.51
CA TRP A 119 1.44 3.44 -11.49
C TRP A 119 0.19 3.04 -12.27
N ASP A 120 -0.96 3.53 -11.82
CA ASP A 120 -2.28 3.29 -12.47
C ASP A 120 -2.32 3.96 -13.85
N GLN A 121 -1.40 4.88 -14.08
CA GLN A 121 -1.37 5.65 -15.32
C GLN A 121 -1.15 4.73 -16.51
N GLU A 122 -2.03 4.86 -17.47
CA GLU A 122 -1.96 4.11 -18.74
C GLU A 122 -0.74 4.54 -19.53
N THR A 123 -0.54 5.83 -19.53
CA THR A 123 0.56 6.52 -20.16
C THR A 123 0.14 7.97 -20.27
N PRO A 124 1.03 8.94 -20.06
CA PRO A 124 0.63 10.35 -20.17
C PRO A 124 0.18 10.66 -21.59
N ILE A 125 -0.87 11.45 -21.74
CA ILE A 125 -1.29 11.85 -23.07
C ILE A 125 -1.50 13.32 -23.06
N CYS A 126 -0.91 14.05 -23.93
CA CYS A 126 -1.15 15.46 -23.88
C CYS A 126 -1.89 15.82 -25.18
N ASP A 127 -3.07 16.49 -25.09
CA ASP A 127 -3.87 16.82 -26.28
C ASP A 127 -3.10 17.74 -27.16
N ARG A 128 -2.42 18.66 -26.48
CA ARG A 128 -1.50 19.63 -27.07
C ARG A 128 -1.94 20.07 -28.47
N GLN A 7 -7.04 -11.06 27.84
CA GLN A 7 -5.66 -11.52 27.95
C GLN A 7 -4.70 -10.61 27.17
N CYS A 8 -4.77 -10.71 25.84
CA CYS A 8 -3.92 -9.93 24.95
C CYS A 8 -4.42 -8.51 24.91
N ASN A 9 -5.72 -8.37 25.27
CA ASN A 9 -6.39 -7.11 25.26
C ASN A 9 -6.38 -6.52 23.83
N ALA A 10 -6.57 -7.40 22.85
CA ALA A 10 -6.60 -7.05 21.40
C ALA A 10 -5.26 -6.49 20.90
N PRO A 11 -4.71 -7.05 19.80
CA PRO A 11 -3.42 -6.57 19.27
C PRO A 11 -3.41 -5.13 18.89
N GLU A 12 -4.31 -4.79 17.97
CA GLU A 12 -4.37 -3.52 17.33
C GLU A 12 -5.19 -3.69 16.03
N TRP A 13 -5.61 -2.59 15.42
CA TRP A 13 -6.24 -2.65 14.13
C TRP A 13 -5.20 -2.53 13.03
N LEU A 14 -5.18 -3.49 12.12
CA LEU A 14 -4.13 -3.56 11.12
C LEU A 14 -4.69 -3.44 9.69
N PRO A 15 -4.44 -2.27 9.06
CA PRO A 15 -4.98 -1.94 7.73
C PRO A 15 -4.43 -2.79 6.56
N PHE A 16 -3.25 -3.40 6.73
CA PHE A 16 -2.65 -4.20 5.65
C PHE A 16 -2.97 -5.68 5.77
N ALA A 17 -3.86 -6.02 6.72
CA ALA A 17 -4.26 -7.41 6.88
C ALA A 17 -5.77 -7.55 6.94
N ARG A 18 -6.27 -8.69 6.47
CA ARG A 18 -7.70 -9.00 6.53
C ARG A 18 -7.90 -10.31 7.33
N PRO A 19 -7.54 -10.30 8.64
CA PRO A 19 -7.63 -11.46 9.50
C PRO A 19 -9.03 -11.96 9.66
N THR A 20 -9.15 -13.23 9.78
CA THR A 20 -10.41 -13.89 9.75
C THR A 20 -10.99 -14.06 11.14
N GLN A 21 -10.19 -13.75 12.13
CA GLN A 21 -10.54 -14.02 13.52
C GLN A 21 -10.59 -12.74 14.34
N LEU A 22 -9.74 -11.84 13.98
CA LEU A 22 -9.51 -10.60 14.66
C LEU A 22 -10.71 -9.73 14.70
N THR A 23 -11.40 -9.73 13.64
CA THR A 23 -12.41 -8.80 13.36
C THR A 23 -13.42 -8.72 14.52
N ASP A 24 -13.80 -9.84 15.09
CA ASP A 24 -14.70 -9.77 16.22
C ASP A 24 -14.10 -10.58 17.39
N GLU A 25 -12.83 -11.02 17.22
CA GLU A 25 -12.23 -11.92 18.19
C GLU A 25 -10.87 -11.38 18.50
N PHE A 26 -10.90 -10.33 19.15
CA PHE A 26 -9.76 -9.54 19.49
C PHE A 26 -8.78 -10.28 20.42
N GLU A 27 -9.34 -11.06 21.33
CA GLU A 27 -8.56 -11.64 22.44
C GLU A 27 -8.49 -13.15 22.45
N PHE A 28 -7.29 -13.67 22.77
CA PHE A 28 -7.03 -15.10 22.87
C PHE A 28 -5.93 -15.37 23.93
N PRO A 29 -5.85 -16.61 24.45
CA PRO A 29 -4.80 -17.06 25.38
C PRO A 29 -3.42 -17.24 24.69
N ILE A 30 -2.33 -17.26 25.50
CA ILE A 30 -0.97 -17.43 24.95
C ILE A 30 -0.83 -18.80 24.34
N GLY A 31 -0.22 -18.83 23.18
CA GLY A 31 -0.07 -20.06 22.43
C GLY A 31 -1.21 -20.26 21.46
N THR A 32 -1.99 -19.22 21.25
CA THR A 32 -3.04 -19.24 20.30
C THR A 32 -2.60 -18.44 19.10
N TYR A 33 -2.72 -19.02 17.94
CA TYR A 33 -2.24 -18.38 16.73
C TYR A 33 -3.43 -17.77 16.00
N LEU A 34 -3.27 -16.54 15.62
CA LEU A 34 -4.29 -15.78 14.92
C LEU A 34 -4.02 -15.68 13.46
N ASN A 35 -5.07 -15.86 12.69
CA ASN A 35 -4.93 -15.98 11.25
C ASN A 35 -5.06 -14.61 10.58
N TYR A 36 -3.92 -14.12 10.16
CA TYR A 36 -3.81 -12.91 9.40
C TYR A 36 -3.43 -13.20 7.97
N GLU A 37 -4.14 -12.58 7.07
CA GLU A 37 -3.83 -12.62 5.66
C GLU A 37 -3.62 -11.19 5.21
N CYS A 38 -2.52 -10.94 4.56
CA CYS A 38 -2.22 -9.59 4.09
C CYS A 38 -2.78 -9.36 2.72
N ARG A 39 -3.14 -8.11 2.44
CA ARG A 39 -3.61 -7.72 1.13
C ARG A 39 -2.58 -8.14 0.08
N PRO A 40 -3.02 -8.51 -1.13
CA PRO A 40 -2.11 -8.91 -2.18
C PRO A 40 -1.19 -7.79 -2.58
N GLY A 41 0.02 -8.14 -2.95
CA GLY A 41 1.00 -7.14 -3.34
C GLY A 41 1.78 -6.52 -2.18
N TYR A 42 1.78 -7.18 -1.04
CA TYR A 42 2.59 -6.73 0.09
C TYR A 42 3.82 -7.60 0.28
N SER A 43 4.95 -6.93 0.44
CA SER A 43 6.29 -7.54 0.47
C SER A 43 6.47 -8.52 1.62
N GLY A 44 5.98 -8.14 2.79
CA GLY A 44 6.10 -9.00 3.92
C GLY A 44 5.20 -10.20 3.85
N ARG A 45 5.68 -11.33 4.30
CA ARG A 45 4.88 -12.53 4.36
C ARG A 45 4.11 -12.52 5.66
N PRO A 46 2.78 -12.66 5.60
CA PRO A 46 1.96 -12.64 6.80
C PRO A 46 2.29 -13.79 7.74
N PHE A 47 2.26 -13.49 9.02
CA PHE A 47 2.46 -14.50 10.04
C PHE A 47 1.40 -14.37 11.07
N SER A 48 1.05 -15.48 11.70
CA SER A 48 0.10 -15.45 12.73
C SER A 48 0.67 -14.77 13.95
N ILE A 49 -0.14 -14.06 14.68
CA ILE A 49 0.31 -13.40 15.89
C ILE A 49 -0.08 -14.25 17.08
N ILE A 50 0.90 -14.53 17.93
CA ILE A 50 0.73 -15.37 19.09
C ILE A 50 1.08 -14.52 20.33
N CYS A 51 0.18 -14.51 21.32
CA CYS A 51 0.30 -13.68 22.57
C CYS A 51 1.58 -14.00 23.42
N LEU A 52 2.60 -14.40 22.72
CA LEU A 52 3.86 -14.87 23.26
C LEU A 52 4.63 -13.78 24.00
N LYS A 53 4.61 -12.57 23.43
CA LYS A 53 5.45 -11.50 23.91
C LYS A 53 4.75 -10.68 24.93
N ASN A 54 5.18 -10.83 26.16
CA ASN A 54 4.66 -10.05 27.30
C ASN A 54 3.16 -10.18 27.39
N SER A 55 2.65 -11.38 27.05
CA SER A 55 1.21 -11.65 27.03
C SER A 55 0.49 -10.67 26.08
N VAL A 56 1.22 -10.22 25.06
CA VAL A 56 0.63 -9.36 24.09
C VAL A 56 0.65 -10.10 22.74
N TRP A 57 1.62 -9.83 21.89
CA TRP A 57 1.73 -10.52 20.62
C TRP A 57 3.16 -10.62 20.21
N THR A 58 3.47 -11.59 19.36
CA THR A 58 4.83 -11.82 18.88
C THR A 58 5.31 -10.58 18.10
N GLY A 59 4.41 -10.06 17.27
CA GLY A 59 4.69 -8.88 16.51
C GLY A 59 3.57 -8.55 15.59
N ALA A 60 2.69 -7.67 16.01
CA ALA A 60 1.57 -7.25 15.20
C ALA A 60 1.76 -5.81 14.67
N LYS A 61 2.88 -5.55 14.05
CA LYS A 61 3.18 -4.23 13.52
C LYS A 61 3.20 -4.26 11.99
N ASP A 62 4.11 -3.49 11.41
CA ASP A 62 4.35 -3.42 9.95
C ASP A 62 4.86 -4.76 9.43
N ARG A 63 4.05 -5.78 9.61
CA ARG A 63 4.43 -7.11 9.17
C ARG A 63 4.50 -7.13 7.64
N CYS A 64 3.55 -6.44 7.02
CA CYS A 64 3.44 -6.37 5.58
C CYS A 64 3.65 -4.99 5.11
N ARG A 65 4.24 -4.89 3.97
CA ARG A 65 4.83 -3.67 3.52
C ARG A 65 4.40 -3.32 2.09
N ARG A 66 4.18 -2.04 1.86
CA ARG A 66 3.84 -1.49 0.57
C ARG A 66 5.07 -0.84 -0.04
N LYS A 67 5.18 -0.88 -1.35
CA LYS A 67 6.39 -0.37 -2.00
C LYS A 67 6.38 1.03 -2.48
N SER A 68 7.59 1.55 -2.52
CA SER A 68 7.89 2.86 -3.01
C SER A 68 7.61 2.89 -4.49
N CYS A 69 7.00 3.95 -4.93
CA CYS A 69 6.56 4.10 -6.31
C CYS A 69 7.64 4.72 -7.15
N ARG A 70 7.58 4.48 -8.44
CA ARG A 70 8.59 5.02 -9.31
C ARG A 70 7.89 5.52 -10.54
N ASN A 71 8.43 6.50 -11.16
CA ASN A 71 7.90 6.92 -12.41
C ASN A 71 8.99 7.51 -13.35
N PRO A 72 10.21 6.83 -13.43
CA PRO A 72 11.30 7.25 -14.32
C PRO A 72 10.88 7.39 -15.80
N PRO A 73 9.76 6.72 -16.26
CA PRO A 73 9.27 6.93 -17.60
C PRO A 73 9.11 8.43 -17.86
N ASP A 74 8.58 9.14 -16.83
CA ASP A 74 8.38 10.59 -16.85
C ASP A 74 7.56 11.09 -18.06
N PRO A 75 6.83 12.18 -17.88
CA PRO A 75 6.12 12.83 -18.98
C PRO A 75 7.12 13.34 -20.00
N VAL A 76 6.72 13.46 -21.24
CA VAL A 76 7.67 13.72 -22.30
C VAL A 76 8.41 15.05 -22.08
N ASN A 77 7.70 16.10 -21.73
CA ASN A 77 8.40 17.36 -21.41
C ASN A 77 9.27 17.15 -20.17
N GLY A 78 8.73 16.41 -19.18
CA GLY A 78 9.42 16.24 -17.90
C GLY A 78 8.69 16.98 -16.80
N MET A 79 7.37 16.98 -16.90
CA MET A 79 6.51 17.74 -16.00
C MET A 79 5.49 16.82 -15.27
N VAL A 80 5.88 16.27 -14.14
CA VAL A 80 4.95 15.51 -13.32
C VAL A 80 5.11 16.00 -11.86
N HIS A 81 4.01 16.16 -11.15
CA HIS A 81 4.03 16.62 -9.76
C HIS A 81 3.55 15.54 -8.87
N VAL A 82 4.14 15.43 -7.68
CA VAL A 82 3.68 14.39 -6.80
C VAL A 82 3.20 14.97 -5.50
N ILE A 83 1.96 14.66 -5.19
CA ILE A 83 1.33 15.09 -3.97
C ILE A 83 1.96 14.47 -2.69
N LYS A 84 2.22 13.16 -2.77
CA LYS A 84 2.58 12.36 -1.58
C LYS A 84 4.05 11.90 -1.47
N GLY A 85 4.91 12.36 -2.35
CA GLY A 85 6.31 11.95 -2.25
C GLY A 85 6.60 10.60 -2.92
N ILE A 86 5.69 10.17 -3.80
CA ILE A 86 5.86 8.93 -4.60
C ILE A 86 5.89 7.63 -3.74
N GLN A 87 4.71 7.20 -3.35
CA GLN A 87 4.49 5.96 -2.56
C GLN A 87 3.18 5.28 -2.97
N PHE A 88 3.00 4.02 -2.52
CA PHE A 88 1.76 3.32 -2.82
C PHE A 88 0.59 4.05 -2.21
N GLY A 89 -0.42 4.28 -3.03
CA GLY A 89 -1.58 5.04 -2.65
C GLY A 89 -1.42 6.53 -2.97
N SER A 90 -0.24 6.88 -3.49
CA SER A 90 0.04 8.24 -3.90
C SER A 90 -0.65 8.62 -5.20
N GLN A 91 -0.98 9.87 -5.34
CA GLN A 91 -1.55 10.40 -6.54
C GLN A 91 -0.73 11.59 -7.05
N ILE A 92 -0.49 11.60 -8.34
CA ILE A 92 0.38 12.57 -9.00
C ILE A 92 -0.29 13.25 -10.17
N LYS A 93 0.29 14.36 -10.64
CA LYS A 93 -0.26 15.10 -11.77
C LYS A 93 0.61 14.94 -13.00
N TYR A 94 -0.01 14.79 -14.14
CA TYR A 94 0.71 14.69 -15.37
C TYR A 94 0.49 15.82 -16.29
N SER A 95 1.23 16.85 -16.07
CA SER A 95 1.26 17.91 -17.01
C SER A 95 2.20 17.52 -18.16
N CYS A 96 2.04 18.15 -19.29
CA CYS A 96 2.98 17.95 -20.37
C CYS A 96 3.55 19.26 -20.84
N THR A 97 2.74 20.26 -20.78
CA THR A 97 3.10 21.59 -21.18
C THR A 97 2.38 22.57 -20.26
N LYS A 98 2.93 23.73 -20.03
CA LYS A 98 2.27 24.68 -19.21
C LYS A 98 0.95 25.11 -19.83
N GLY A 99 0.97 25.39 -21.10
CA GLY A 99 -0.23 25.77 -21.77
C GLY A 99 -0.67 24.74 -22.82
N TYR A 100 -1.24 23.62 -22.37
CA TYR A 100 -1.70 22.57 -23.30
C TYR A 100 -2.89 21.85 -22.64
N ARG A 101 -3.62 21.09 -23.39
CA ARG A 101 -4.70 20.31 -22.82
C ARG A 101 -4.26 18.86 -22.70
N LEU A 102 -4.54 18.21 -21.59
CA LEU A 102 -4.28 16.79 -21.52
C LEU A 102 -5.55 16.04 -21.80
N ILE A 103 -5.50 15.28 -22.89
CA ILE A 103 -6.63 14.52 -23.34
C ILE A 103 -7.01 13.39 -22.35
N GLY A 104 -5.98 12.65 -21.87
CA GLY A 104 -6.20 11.49 -20.98
C GLY A 104 -6.19 11.79 -19.50
N SER A 105 -5.35 11.05 -18.76
CA SER A 105 -5.34 11.20 -17.32
C SER A 105 -4.30 12.23 -16.88
N SER A 106 -4.81 13.25 -16.22
CA SER A 106 -4.07 14.37 -15.64
C SER A 106 -3.51 13.98 -14.30
N SER A 107 -3.86 12.79 -13.89
CA SER A 107 -3.36 12.24 -12.68
C SER A 107 -3.31 10.73 -12.80
N ALA A 108 -2.48 10.16 -11.99
CA ALA A 108 -2.25 8.74 -11.96
C ALA A 108 -2.21 8.30 -10.52
N THR A 109 -2.64 7.11 -10.27
CA THR A 109 -2.68 6.59 -8.94
C THR A 109 -1.80 5.33 -8.86
N CYS A 110 -0.90 5.26 -7.87
CA CYS A 110 0.02 4.10 -7.76
C CYS A 110 -0.57 2.93 -6.98
N ILE A 111 -0.60 1.78 -7.65
CA ILE A 111 -1.12 0.54 -7.14
C ILE A 111 -0.09 -0.61 -7.32
N ILE A 112 -0.26 -1.70 -6.60
CA ILE A 112 0.79 -2.74 -6.62
C ILE A 112 0.66 -3.64 -7.88
N SER A 113 1.73 -3.74 -8.69
CA SER A 113 1.83 -4.75 -9.74
C SER A 113 1.90 -6.13 -9.12
N GLY A 114 2.65 -6.18 -8.04
CA GLY A 114 2.98 -7.41 -7.33
C GLY A 114 4.43 -7.35 -6.92
N ASP A 115 5.34 -7.47 -7.88
CA ASP A 115 6.78 -7.30 -7.63
C ASP A 115 7.09 -5.84 -7.26
N THR A 116 6.33 -4.92 -7.86
CA THR A 116 6.58 -3.51 -7.74
C THR A 116 5.28 -2.72 -7.72
N VAL A 117 5.38 -1.42 -7.55
CA VAL A 117 4.24 -0.57 -7.55
C VAL A 117 4.25 0.33 -8.81
N ILE A 118 3.13 0.37 -9.51
CA ILE A 118 2.99 1.13 -10.75
C ILE A 118 1.77 2.06 -10.71
N TRP A 119 1.73 3.00 -11.62
CA TRP A 119 0.65 3.97 -11.72
C TRP A 119 -0.38 3.54 -12.80
N ASP A 120 -1.67 3.85 -12.57
CA ASP A 120 -2.78 3.33 -13.40
C ASP A 120 -3.05 4.13 -14.67
N GLN A 121 -2.29 5.19 -14.92
CA GLN A 121 -2.50 6.00 -16.11
C GLN A 121 -2.31 5.23 -17.41
N GLU A 122 -3.21 5.53 -18.36
CA GLU A 122 -3.24 4.87 -19.68
C GLU A 122 -2.00 5.17 -20.50
N THR A 123 -1.55 6.42 -20.46
CA THR A 123 -0.35 6.85 -21.21
C THR A 123 -0.30 8.39 -21.25
N PRO A 124 0.91 9.00 -21.23
CA PRO A 124 1.07 10.46 -21.34
C PRO A 124 0.52 11.00 -22.68
N ILE A 125 -0.08 12.20 -22.64
CA ILE A 125 -0.75 12.79 -23.83
C ILE A 125 -0.47 14.32 -23.87
N CYS A 126 -0.39 14.90 -25.05
CA CYS A 126 -0.20 16.36 -25.14
C CYS A 126 -1.10 16.96 -26.26
N ASP A 127 -2.13 17.78 -25.90
CA ASP A 127 -2.96 18.44 -26.94
C ASP A 127 -2.13 19.41 -27.77
N ARG A 128 -1.29 20.17 -27.06
CA ARG A 128 -0.41 21.21 -27.64
C ARG A 128 -0.94 21.81 -28.97
N GLN A 7 -8.67 -9.53 26.61
CA GLN A 7 -7.33 -9.95 27.03
C GLN A 7 -6.24 -9.17 26.25
N CYS A 8 -6.14 -9.44 24.96
CA CYS A 8 -5.18 -8.76 24.06
C CYS A 8 -5.58 -7.32 23.79
N ASN A 9 -6.87 -7.02 24.00
CA ASN A 9 -7.40 -5.70 23.75
C ASN A 9 -7.21 -5.33 22.26
N ALA A 10 -7.43 -6.35 21.39
CA ALA A 10 -7.34 -6.23 19.93
C ALA A 10 -5.95 -5.77 19.49
N PRO A 11 -5.29 -6.56 18.63
CA PRO A 11 -3.88 -6.33 18.26
C PRO A 11 -3.65 -4.93 17.76
N GLU A 12 -4.58 -4.52 16.89
CA GLU A 12 -4.71 -3.19 16.28
C GLU A 12 -5.09 -3.36 14.81
N TRP A 13 -5.15 -2.26 14.06
CA TRP A 13 -5.42 -2.33 12.65
C TRP A 13 -4.15 -2.13 11.87
N LEU A 14 -3.92 -3.02 10.93
CA LEU A 14 -2.75 -2.98 10.10
C LEU A 14 -3.19 -2.67 8.67
N PRO A 15 -2.70 -1.57 8.09
CA PRO A 15 -3.10 -1.16 6.74
C PRO A 15 -2.89 -2.28 5.72
N PHE A 16 -1.81 -2.99 5.92
CA PHE A 16 -1.33 -4.01 4.99
C PHE A 16 -2.35 -5.12 4.89
N ALA A 17 -2.85 -5.48 6.07
CA ALA A 17 -3.54 -6.72 6.25
C ALA A 17 -4.93 -6.57 6.86
N ARG A 18 -5.81 -7.45 6.42
CA ARG A 18 -7.19 -7.49 6.91
C ARG A 18 -7.53 -8.89 7.46
N PRO A 19 -7.30 -9.13 8.77
CA PRO A 19 -7.60 -10.41 9.39
C PRO A 19 -9.08 -10.69 9.47
N THR A 20 -9.44 -11.95 9.45
CA THR A 20 -10.85 -12.32 9.36
C THR A 20 -11.42 -12.69 10.74
N GLN A 21 -10.56 -12.73 11.75
CA GLN A 21 -10.97 -13.17 13.12
C GLN A 21 -11.23 -11.92 13.94
N LEU A 22 -10.41 -10.96 13.69
CA LEU A 22 -10.31 -9.73 14.42
C LEU A 22 -11.55 -8.90 14.37
N THR A 23 -12.14 -8.87 13.24
CA THR A 23 -13.20 -7.94 12.97
C THR A 23 -14.38 -8.16 13.94
N ASP A 24 -14.75 -9.39 14.18
CA ASP A 24 -15.87 -9.65 15.05
C ASP A 24 -15.47 -10.39 16.32
N GLU A 25 -14.17 -10.62 16.53
CA GLU A 25 -13.75 -11.40 17.70
C GLU A 25 -12.93 -10.51 18.65
N PHE A 26 -11.87 -9.91 18.10
CA PHE A 26 -10.96 -8.90 18.76
C PHE A 26 -10.11 -9.47 19.92
N GLU A 27 -10.70 -10.33 20.69
CA GLU A 27 -10.07 -10.78 21.94
C GLU A 27 -9.66 -12.22 21.90
N PHE A 28 -8.43 -12.48 22.33
CA PHE A 28 -7.91 -13.82 22.27
C PHE A 28 -7.31 -14.32 23.60
N PRO A 29 -7.48 -15.63 23.86
CA PRO A 29 -7.02 -16.33 25.10
C PRO A 29 -5.53 -16.17 25.41
N ILE A 30 -4.69 -16.08 24.35
CA ILE A 30 -3.20 -15.98 24.43
C ILE A 30 -2.58 -17.27 23.89
N GLY A 31 -1.41 -17.18 23.26
CA GLY A 31 -0.84 -18.39 22.68
C GLY A 31 -1.59 -18.81 21.43
N THR A 32 -2.13 -17.84 20.71
CA THR A 32 -2.97 -18.11 19.59
C THR A 32 -2.39 -17.49 18.35
N TYR A 33 -2.59 -18.15 17.24
CA TYR A 33 -2.05 -17.67 16.00
C TYR A 33 -3.18 -17.08 15.14
N LEU A 34 -2.95 -15.86 14.67
CA LEU A 34 -3.94 -15.09 13.89
C LEU A 34 -3.75 -15.08 12.39
N ASN A 35 -4.86 -15.21 11.71
CA ASN A 35 -4.94 -15.26 10.29
C ASN A 35 -5.04 -13.84 9.74
N TYR A 36 -3.96 -13.39 9.16
CA TYR A 36 -3.89 -12.10 8.46
C TYR A 36 -3.73 -12.25 6.96
N GLU A 37 -4.44 -11.41 6.22
CA GLU A 37 -4.34 -11.39 4.79
C GLU A 37 -3.77 -10.06 4.34
N CYS A 38 -2.76 -10.09 3.51
CA CYS A 38 -2.22 -8.87 2.97
C CYS A 38 -2.98 -8.54 1.72
N ARG A 39 -3.25 -7.29 1.51
CA ARG A 39 -4.22 -6.91 0.48
C ARG A 39 -3.67 -6.01 -0.66
N PRO A 40 -2.99 -4.90 -0.36
CA PRO A 40 -2.49 -4.00 -1.40
C PRO A 40 -1.37 -4.58 -2.29
N GLY A 41 -1.22 -5.90 -2.31
CA GLY A 41 -0.22 -6.50 -3.15
C GLY A 41 1.14 -6.63 -2.53
N TYR A 42 1.22 -6.60 -1.21
CA TYR A 42 2.52 -6.73 -0.58
C TYR A 42 3.12 -8.12 -0.80
N SER A 43 4.44 -8.12 -1.02
CA SER A 43 5.22 -9.29 -1.41
C SER A 43 5.18 -10.39 -0.38
N GLY A 44 5.31 -10.01 0.86
CA GLY A 44 5.47 -10.98 1.90
C GLY A 44 4.29 -11.86 2.11
N ARG A 45 4.56 -13.07 2.55
CA ARG A 45 3.53 -13.98 2.90
C ARG A 45 3.14 -13.65 4.31
N PRO A 46 1.88 -13.29 4.54
CA PRO A 46 1.46 -12.78 5.85
C PRO A 46 1.69 -13.78 6.96
N PHE A 47 2.03 -13.25 8.13
CA PHE A 47 2.38 -14.10 9.24
C PHE A 47 1.48 -13.87 10.42
N SER A 48 1.20 -14.94 11.12
CA SER A 48 0.33 -14.91 12.24
C SER A 48 0.99 -14.18 13.43
N ILE A 49 0.18 -13.54 14.23
CA ILE A 49 0.62 -12.86 15.45
C ILE A 49 0.13 -13.63 16.65
N ILE A 50 1.02 -13.87 17.60
CA ILE A 50 0.65 -14.68 18.75
C ILE A 50 0.76 -13.84 20.03
N CYS A 51 -0.30 -13.81 20.85
CA CYS A 51 -0.27 -13.03 22.12
C CYS A 51 0.67 -13.70 23.13
N LEU A 52 2.00 -13.52 22.91
CA LEU A 52 3.03 -14.17 23.76
C LEU A 52 3.51 -13.31 24.89
N LYS A 53 3.92 -12.10 24.58
CA LYS A 53 4.53 -11.24 25.57
C LYS A 53 3.63 -10.13 25.94
N ASN A 54 3.23 -10.16 27.22
CA ASN A 54 2.40 -9.15 27.87
C ASN A 54 1.13 -8.95 27.09
N SER A 55 0.64 -10.04 26.46
CA SER A 55 -0.55 -10.00 25.59
C SER A 55 -0.42 -8.88 24.49
N VAL A 56 0.77 -8.31 24.38
CA VAL A 56 1.03 -7.22 23.44
C VAL A 56 0.87 -7.71 22.00
N TRP A 57 1.44 -8.91 21.78
CA TRP A 57 1.48 -9.70 20.52
C TRP A 57 2.95 -9.94 20.12
N THR A 58 3.20 -11.02 19.41
CA THR A 58 4.57 -11.43 19.07
C THR A 58 5.35 -10.40 18.21
N GLY A 59 4.72 -9.89 17.19
CA GLY A 59 5.35 -8.95 16.31
C GLY A 59 4.54 -8.78 15.08
N ALA A 60 3.83 -7.73 15.03
CA ALA A 60 2.99 -7.42 13.92
C ALA A 60 3.78 -6.67 12.83
N LYS A 61 5.04 -6.48 13.12
CA LYS A 61 5.97 -5.74 12.33
C LYS A 61 6.59 -6.48 11.11
N ASP A 62 6.70 -5.70 10.01
CA ASP A 62 7.45 -6.05 8.74
C ASP A 62 6.94 -7.31 8.14
N ARG A 63 5.71 -7.54 8.36
CA ARG A 63 5.07 -8.72 7.87
C ARG A 63 4.95 -8.82 6.33
N CYS A 64 4.63 -7.69 5.69
CA CYS A 64 4.44 -7.63 4.25
C CYS A 64 5.31 -6.54 3.66
N ARG A 65 5.80 -6.75 2.45
CA ARG A 65 6.88 -5.92 1.99
C ARG A 65 6.60 -5.22 0.65
N ARG A 66 7.02 -3.95 0.64
CA ARG A 66 6.91 -2.99 -0.43
C ARG A 66 8.19 -2.92 -1.29
N LYS A 67 8.04 -2.64 -2.59
CA LYS A 67 9.16 -2.33 -3.46
C LYS A 67 9.06 -0.87 -3.89
N SER A 68 10.19 -0.21 -4.03
CA SER A 68 10.19 1.20 -4.42
C SER A 68 9.73 1.40 -5.91
N CYS A 69 8.95 2.48 -6.14
CA CYS A 69 8.42 2.84 -7.50
C CYS A 69 9.41 3.62 -8.33
N ARG A 70 9.17 3.63 -9.66
CA ARG A 70 10.04 4.32 -10.60
C ARG A 70 9.19 4.93 -11.69
N ASN A 71 9.61 6.07 -12.20
CA ASN A 71 8.89 6.76 -13.27
C ASN A 71 9.87 7.43 -14.28
N PRO A 72 10.38 6.62 -15.22
CA PRO A 72 11.21 7.12 -16.31
C PRO A 72 10.44 7.79 -17.52
N PRO A 73 9.11 7.50 -17.78
CA PRO A 73 8.41 8.18 -18.90
C PRO A 73 8.36 9.71 -18.72
N ASP A 74 8.34 10.15 -17.43
CA ASP A 74 8.24 11.58 -17.04
C ASP A 74 7.09 12.32 -17.76
N PRO A 75 6.78 13.57 -17.35
CA PRO A 75 5.82 14.40 -18.06
C PRO A 75 6.39 14.85 -19.40
N VAL A 76 5.52 15.15 -20.34
CA VAL A 76 5.97 15.64 -21.62
C VAL A 76 6.69 16.98 -21.43
N ASN A 77 6.12 17.86 -20.63
CA ASN A 77 6.73 19.17 -20.33
C ASN A 77 7.29 19.28 -18.88
N GLY A 78 7.42 18.14 -18.19
CA GLY A 78 8.08 18.14 -16.85
C GLY A 78 7.21 18.66 -15.69
N MET A 79 5.89 18.50 -15.79
CA MET A 79 4.99 19.10 -14.81
C MET A 79 4.63 18.13 -13.64
N VAL A 80 5.31 16.97 -13.51
CA VAL A 80 4.97 16.01 -12.43
C VAL A 80 5.32 16.52 -11.05
N HIS A 81 4.35 16.35 -10.17
CA HIS A 81 4.50 16.70 -8.79
C HIS A 81 4.45 15.44 -8.00
N VAL A 82 5.21 15.40 -6.96
CA VAL A 82 5.29 14.19 -6.19
C VAL A 82 4.93 14.43 -4.74
N ILE A 83 4.01 13.60 -4.24
CA ILE A 83 3.55 13.74 -2.84
C ILE A 83 4.42 13.00 -1.81
N LYS A 84 4.66 11.72 -2.05
CA LYS A 84 5.35 10.86 -1.07
C LYS A 84 6.85 10.67 -1.35
N GLY A 85 7.33 11.23 -2.44
CA GLY A 85 8.73 11.03 -2.80
C GLY A 85 8.97 9.85 -3.75
N ILE A 86 7.90 9.43 -4.43
CA ILE A 86 7.97 8.32 -5.41
C ILE A 86 8.27 6.98 -4.78
N GLN A 87 7.21 6.30 -4.38
CA GLN A 87 7.34 4.91 -4.00
C GLN A 87 5.91 4.33 -3.92
N PHE A 88 5.76 3.14 -3.39
CA PHE A 88 4.46 2.58 -3.16
C PHE A 88 3.69 3.42 -2.15
N GLY A 89 2.47 3.72 -2.52
CA GLY A 89 1.61 4.58 -1.74
C GLY A 89 1.67 6.01 -2.23
N SER A 90 2.64 6.29 -3.09
CA SER A 90 2.77 7.61 -3.68
C SER A 90 1.74 7.88 -4.73
N GLN A 91 1.33 9.11 -4.80
CA GLN A 91 0.49 9.57 -5.85
C GLN A 91 1.12 10.83 -6.42
N ILE A 92 1.16 10.91 -7.72
CA ILE A 92 1.79 12.02 -8.39
C ILE A 92 0.87 12.65 -9.39
N LYS A 93 1.15 13.89 -9.76
CA LYS A 93 0.30 14.61 -10.71
C LYS A 93 0.93 14.76 -12.03
N TYR A 94 0.13 14.62 -13.03
CA TYR A 94 0.47 14.88 -14.37
C TYR A 94 -0.31 16.02 -14.92
N SER A 95 0.40 16.94 -15.46
CA SER A 95 -0.19 17.99 -16.21
C SER A 95 0.66 18.25 -17.45
N CYS A 96 0.01 18.51 -18.55
CA CYS A 96 0.69 18.82 -19.84
C CYS A 96 0.77 20.31 -20.16
N THR A 97 -0.24 21.01 -19.82
CA THR A 97 -0.41 22.39 -20.25
C THR A 97 -1.31 23.16 -19.26
N LYS A 98 -1.27 24.50 -19.32
CA LYS A 98 -2.21 25.31 -18.57
C LYS A 98 -3.66 25.10 -18.99
N GLY A 99 -3.90 25.10 -20.29
CA GLY A 99 -5.24 24.92 -20.80
C GLY A 99 -5.32 23.75 -21.75
N TYR A 100 -5.46 22.55 -21.21
CA TYR A 100 -5.52 21.33 -22.04
C TYR A 100 -6.34 20.28 -21.28
N ARG A 101 -6.75 19.22 -21.94
CA ARG A 101 -7.46 18.16 -21.25
C ARG A 101 -6.52 17.01 -21.05
N LEU A 102 -6.54 16.41 -19.93
CA LEU A 102 -5.85 15.16 -19.86
C LEU A 102 -6.89 14.04 -19.99
N ILE A 103 -6.78 13.30 -21.08
CA ILE A 103 -7.71 12.22 -21.39
C ILE A 103 -7.62 11.08 -20.37
N GLY A 104 -6.39 10.70 -20.03
CA GLY A 104 -6.22 9.64 -19.08
C GLY A 104 -6.21 10.09 -17.65
N SER A 105 -5.29 9.53 -16.88
CA SER A 105 -5.26 9.76 -15.46
C SER A 105 -4.17 10.78 -15.09
N SER A 106 -4.62 11.92 -14.55
CA SER A 106 -3.76 12.98 -14.08
C SER A 106 -2.86 12.54 -12.95
N SER A 107 -3.38 11.82 -11.99
CA SER A 107 -2.54 11.47 -10.89
C SER A 107 -2.33 9.97 -10.86
N ALA A 108 -1.11 9.56 -11.14
CA ALA A 108 -0.71 8.16 -11.09
C ALA A 108 -0.58 7.72 -9.65
N THR A 109 -0.96 6.50 -9.36
CA THR A 109 -0.83 5.97 -8.03
C THR A 109 0.02 4.69 -8.02
N CYS A 110 1.00 4.63 -7.13
CA CYS A 110 1.85 3.43 -7.04
C CYS A 110 1.20 2.34 -6.21
N ILE A 111 1.10 1.16 -6.83
CA ILE A 111 0.53 -0.02 -6.21
C ILE A 111 1.51 -1.20 -6.37
N ILE A 112 1.34 -2.26 -5.61
CA ILE A 112 2.28 -3.35 -5.74
C ILE A 112 1.65 -4.38 -6.69
N SER A 113 2.33 -4.69 -7.79
CA SER A 113 1.84 -5.71 -8.72
C SER A 113 1.88 -7.06 -8.07
N GLY A 114 2.88 -7.22 -7.22
CA GLY A 114 3.10 -8.43 -6.50
C GLY A 114 4.50 -8.45 -5.93
N ASP A 115 5.47 -8.68 -6.78
CA ASP A 115 6.87 -8.68 -6.32
C ASP A 115 7.57 -7.37 -6.74
N THR A 116 6.84 -6.49 -7.40
CA THR A 116 7.37 -5.23 -7.88
C THR A 116 6.26 -4.17 -7.87
N VAL A 117 6.62 -2.90 -7.99
CA VAL A 117 5.63 -1.83 -7.91
C VAL A 117 5.56 -1.01 -9.19
N ILE A 118 4.36 -0.81 -9.64
CA ILE A 118 4.08 -0.08 -10.86
C ILE A 118 3.04 1.00 -10.59
N TRP A 119 2.95 1.97 -11.49
CA TRP A 119 1.98 3.04 -11.35
C TRP A 119 0.64 2.64 -11.99
N ASP A 120 -0.44 3.14 -11.41
CA ASP A 120 -1.82 2.88 -11.89
C ASP A 120 -2.06 3.43 -13.29
N GLN A 121 -1.45 4.57 -13.60
CA GLN A 121 -1.74 5.27 -14.84
C GLN A 121 -1.50 4.42 -16.08
N GLU A 122 -2.44 4.56 -17.00
CA GLU A 122 -2.49 3.79 -18.25
C GLU A 122 -1.29 4.05 -19.15
N THR A 123 -0.91 5.31 -19.25
CA THR A 123 0.16 5.75 -20.13
C THR A 123 0.13 7.30 -20.14
N PRO A 124 1.27 7.99 -20.41
CA PRO A 124 1.23 9.45 -20.50
C PRO A 124 0.30 9.89 -21.63
N ILE A 125 -0.46 10.96 -21.40
CA ILE A 125 -1.43 11.44 -22.40
C ILE A 125 -1.46 12.96 -22.37
N CYS A 126 -1.77 13.62 -23.49
CA CYS A 126 -2.00 15.07 -23.46
C CYS A 126 -3.01 15.48 -24.57
N ASP A 127 -4.28 15.88 -24.20
CA ASP A 127 -5.30 16.31 -25.20
C ASP A 127 -4.87 17.54 -25.97
N ARG A 128 -4.31 18.52 -25.24
CA ARG A 128 -3.94 19.78 -25.84
C ARG A 128 -5.11 20.37 -26.63
N GLN A 7 -7.69 -10.44 27.74
CA GLN A 7 -6.33 -10.93 27.85
C GLN A 7 -5.39 -10.15 26.92
N CYS A 8 -5.51 -10.41 25.62
CA CYS A 8 -4.69 -9.70 24.61
C CYS A 8 -5.22 -8.29 24.48
N ASN A 9 -6.49 -8.15 24.90
CA ASN A 9 -7.21 -6.89 24.88
C ASN A 9 -7.29 -6.33 23.42
N ALA A 10 -7.49 -7.27 22.45
CA ALA A 10 -7.59 -6.95 21.03
C ALA A 10 -6.31 -6.31 20.51
N PRO A 11 -5.67 -6.92 19.48
CA PRO A 11 -4.36 -6.48 19.01
C PRO A 11 -4.28 -5.00 18.68
N GLU A 12 -5.02 -4.61 17.64
CA GLU A 12 -5.13 -3.21 17.19
C GLU A 12 -5.50 -3.18 15.71
N TRP A 13 -5.24 -2.06 15.09
CA TRP A 13 -5.48 -1.86 13.68
C TRP A 13 -4.16 -1.88 12.90
N LEU A 14 -4.12 -2.69 11.84
CA LEU A 14 -2.92 -2.86 11.03
C LEU A 14 -3.25 -2.57 9.55
N PRO A 15 -2.66 -1.52 8.97
CA PRO A 15 -2.95 -1.06 7.59
C PRO A 15 -2.54 -2.10 6.50
N PHE A 16 -1.59 -2.98 6.83
CA PHE A 16 -1.12 -3.99 5.90
C PHE A 16 -1.79 -5.34 6.15
N ALA A 17 -2.83 -5.35 6.99
CA ALA A 17 -3.50 -6.60 7.37
C ALA A 17 -5.01 -6.43 7.61
N ARG A 18 -5.79 -7.50 7.33
CA ARG A 18 -7.23 -7.55 7.59
C ARG A 18 -7.59 -8.89 8.22
N PRO A 19 -7.53 -8.96 9.58
CA PRO A 19 -7.79 -10.21 10.34
C PRO A 19 -9.26 -10.67 10.33
N THR A 20 -9.45 -11.99 10.43
CA THR A 20 -10.76 -12.60 10.29
C THR A 20 -11.33 -13.18 11.61
N GLN A 21 -10.49 -13.25 12.62
CA GLN A 21 -10.79 -14.01 13.87
C GLN A 21 -11.01 -13.09 15.08
N LEU A 22 -10.53 -11.95 14.90
CA LEU A 22 -10.64 -10.79 15.76
C LEU A 22 -12.06 -10.26 15.94
N THR A 23 -12.77 -10.29 14.88
CA THR A 23 -13.98 -9.50 14.67
C THR A 23 -15.00 -9.57 15.83
N ASP A 24 -15.19 -10.72 16.40
CA ASP A 24 -16.23 -10.86 17.45
C ASP A 24 -15.59 -11.39 18.72
N GLU A 25 -14.34 -11.73 18.59
CA GLU A 25 -13.62 -12.44 19.58
C GLU A 25 -12.79 -11.46 20.44
N PHE A 26 -11.83 -10.81 19.77
CA PHE A 26 -10.97 -9.73 20.31
C PHE A 26 -10.00 -10.22 21.42
N GLU A 27 -10.42 -11.15 22.20
CA GLU A 27 -9.67 -11.54 23.36
C GLU A 27 -9.16 -12.97 23.21
N PHE A 28 -7.85 -13.15 23.36
CA PHE A 28 -7.26 -14.46 23.19
C PHE A 28 -6.26 -14.86 24.29
N PRO A 29 -6.19 -16.15 24.56
CA PRO A 29 -5.22 -16.80 25.43
C PRO A 29 -3.82 -16.93 24.79
N ILE A 30 -2.81 -17.21 25.62
CA ILE A 30 -1.45 -17.41 25.15
C ILE A 30 -1.31 -18.71 24.37
N GLY A 31 -0.66 -18.62 23.23
CA GLY A 31 -0.50 -19.77 22.37
C GLY A 31 -1.63 -19.98 21.39
N THR A 32 -2.40 -18.92 21.11
CA THR A 32 -3.44 -19.02 20.11
C THR A 32 -3.16 -18.04 18.96
N TYR A 33 -3.23 -18.57 17.76
CA TYR A 33 -2.85 -17.86 16.55
C TYR A 33 -4.08 -17.23 15.87
N LEU A 34 -3.94 -15.96 15.50
CA LEU A 34 -4.95 -15.26 14.72
C LEU A 34 -4.51 -15.03 13.30
N ASN A 35 -5.44 -15.31 12.41
CA ASN A 35 -5.24 -15.23 10.98
C ASN A 35 -5.02 -13.80 10.47
N TYR A 36 -3.83 -13.30 10.65
CA TYR A 36 -3.40 -12.09 9.96
C TYR A 36 -2.93 -12.38 8.59
N GLU A 37 -3.31 -11.55 7.69
CA GLU A 37 -2.94 -11.69 6.30
C GLU A 37 -2.39 -10.35 5.81
N CYS A 38 -1.42 -10.40 4.93
CA CYS A 38 -0.88 -9.19 4.33
C CYS A 38 -1.72 -8.75 3.20
N ARG A 39 -1.79 -7.44 3.01
CA ARG A 39 -2.42 -6.90 1.84
C ARG A 39 -1.76 -7.56 0.63
N PRO A 40 -2.46 -7.67 -0.49
CA PRO A 40 -1.97 -8.40 -1.67
C PRO A 40 -0.65 -7.82 -2.27
N GLY A 41 0.23 -8.73 -2.77
CA GLY A 41 1.48 -8.30 -3.40
C GLY A 41 2.59 -7.85 -2.44
N TYR A 42 2.68 -8.46 -1.28
CA TYR A 42 3.71 -8.11 -0.27
C TYR A 42 4.76 -9.19 -0.07
N SER A 43 6.01 -8.72 0.01
CA SER A 43 7.20 -9.57 0.09
C SER A 43 7.19 -10.48 1.31
N GLY A 44 6.76 -9.95 2.45
CA GLY A 44 6.71 -10.73 3.64
C GLY A 44 5.66 -11.80 3.56
N ARG A 45 5.94 -12.93 4.15
CA ARG A 45 5.01 -14.04 4.16
C ARG A 45 4.09 -13.87 5.34
N PRO A 46 2.77 -13.96 5.14
CA PRO A 46 1.81 -13.79 6.22
C PRO A 46 1.98 -14.83 7.31
N PHE A 47 1.79 -14.39 8.54
CA PHE A 47 1.79 -15.28 9.69
C PHE A 47 0.67 -14.89 10.64
N SER A 48 0.13 -15.86 11.31
CA SER A 48 -0.86 -15.59 12.34
C SER A 48 -0.21 -14.96 13.60
N ILE A 49 -0.93 -14.07 14.29
CA ILE A 49 -0.40 -13.43 15.52
C ILE A 49 -0.76 -14.25 16.73
N ILE A 50 0.21 -14.49 17.58
CA ILE A 50 0.03 -15.32 18.77
C ILE A 50 0.25 -14.48 20.02
N CYS A 51 -0.70 -14.49 20.95
CA CYS A 51 -0.57 -13.78 22.24
C CYS A 51 0.54 -14.44 23.05
N LEU A 52 1.78 -14.06 22.75
CA LEU A 52 2.96 -14.70 23.36
C LEU A 52 3.61 -13.92 24.51
N LYS A 53 3.92 -12.64 24.25
CA LYS A 53 4.69 -11.82 25.20
C LYS A 53 4.08 -11.53 26.55
N ASN A 54 3.48 -10.41 26.66
CA ASN A 54 2.87 -9.97 27.91
C ASN A 54 1.38 -10.22 27.85
N SER A 55 1.02 -11.29 27.15
CA SER A 55 -0.35 -11.56 26.80
C SER A 55 -0.90 -10.47 25.92
N VAL A 56 0.00 -9.84 25.17
CA VAL A 56 -0.40 -8.92 24.16
C VAL A 56 -0.40 -9.68 22.81
N TRP A 57 0.65 -9.51 22.00
CA TRP A 57 0.78 -10.24 20.74
C TRP A 57 2.22 -10.37 20.34
N THR A 58 2.48 -11.27 19.40
CA THR A 58 3.81 -11.36 18.82
C THR A 58 4.10 -10.07 18.05
N GLY A 59 3.05 -9.52 17.45
CA GLY A 59 3.15 -8.26 16.76
C GLY A 59 2.74 -8.35 15.31
N ALA A 60 3.43 -9.17 14.54
CA ALA A 60 3.21 -9.28 13.09
C ALA A 60 3.11 -7.91 12.45
N LYS A 61 3.95 -6.99 12.87
CA LYS A 61 3.91 -5.66 12.32
C LYS A 61 5.17 -5.49 11.48
N ASP A 62 5.11 -4.55 10.55
CA ASP A 62 6.17 -4.28 9.59
C ASP A 62 6.56 -5.55 8.85
N ARG A 63 5.68 -6.56 8.94
CA ARG A 63 5.90 -7.84 8.31
C ARG A 63 5.89 -7.76 6.80
N CYS A 64 4.97 -6.96 6.31
CA CYS A 64 4.64 -6.94 4.89
C CYS A 64 5.43 -5.80 4.27
N ARG A 65 5.93 -6.01 3.08
CA ARG A 65 6.79 -5.00 2.52
C ARG A 65 6.30 -4.59 1.12
N ARG A 66 6.31 -3.29 0.90
CA ARG A 66 5.97 -2.66 -0.36
C ARG A 66 7.29 -2.34 -1.11
N LYS A 67 7.19 -1.97 -2.36
CA LYS A 67 8.34 -1.57 -3.14
C LYS A 67 8.26 -0.09 -3.48
N SER A 68 9.43 0.50 -3.71
CA SER A 68 9.53 1.83 -4.19
C SER A 68 9.05 1.89 -5.64
N CYS A 69 8.37 2.97 -5.97
CA CYS A 69 7.80 3.17 -7.28
C CYS A 69 8.80 3.86 -8.20
N ARG A 70 8.61 3.74 -9.51
CA ARG A 70 9.52 4.36 -10.47
C ARG A 70 8.71 5.05 -11.53
N ASN A 71 9.20 6.15 -12.03
CA ASN A 71 8.42 6.97 -12.95
C ASN A 71 9.26 7.65 -14.03
N PRO A 72 9.52 6.93 -15.14
CA PRO A 72 10.13 7.54 -16.30
C PRO A 72 9.17 7.89 -17.52
N PRO A 73 7.77 7.80 -17.39
CA PRO A 73 6.88 8.10 -18.53
C PRO A 73 7.18 9.48 -19.09
N ASP A 74 7.39 10.42 -18.11
CA ASP A 74 7.60 11.86 -18.30
C ASP A 74 6.69 12.54 -19.36
N PRO A 75 6.08 13.65 -18.98
CA PRO A 75 5.24 14.42 -19.86
C PRO A 75 6.09 15.11 -20.92
N VAL A 76 5.50 15.39 -22.06
CA VAL A 76 6.30 15.96 -23.15
C VAL A 76 6.89 17.30 -22.75
N ASN A 77 6.07 18.18 -22.15
CA ASN A 77 6.59 19.44 -21.64
C ASN A 77 7.58 19.19 -20.51
N GLY A 78 7.25 18.23 -19.67
CA GLY A 78 8.09 17.90 -18.54
C GLY A 78 7.54 18.39 -17.22
N MET A 79 6.21 18.49 -17.11
CA MET A 79 5.60 18.98 -15.86
C MET A 79 4.99 17.82 -15.06
N VAL A 80 5.79 17.23 -14.21
CA VAL A 80 5.33 16.28 -13.20
C VAL A 80 5.66 16.76 -11.80
N HIS A 81 4.67 16.71 -10.96
CA HIS A 81 4.82 17.00 -9.55
C HIS A 81 4.52 15.75 -8.79
N VAL A 82 5.28 15.50 -7.75
CA VAL A 82 5.06 14.28 -7.04
C VAL A 82 4.70 14.55 -5.56
N ILE A 83 3.48 14.15 -5.21
CA ILE A 83 2.97 14.36 -3.87
C ILE A 83 3.71 13.64 -2.73
N LYS A 84 4.02 12.35 -2.96
CA LYS A 84 4.58 11.55 -1.86
C LYS A 84 6.02 11.04 -2.11
N GLY A 85 6.72 11.58 -3.12
CA GLY A 85 8.12 11.16 -3.36
C GLY A 85 8.31 9.87 -4.23
N ILE A 86 7.29 9.49 -5.04
CA ILE A 86 7.37 8.30 -5.94
C ILE A 86 7.47 7.01 -5.10
N GLN A 87 6.35 6.63 -4.55
CA GLN A 87 6.26 5.47 -3.68
C GLN A 87 4.87 4.81 -3.79
N PHE A 88 4.70 3.61 -3.27
CA PHE A 88 3.41 2.96 -3.32
C PHE A 88 2.35 3.75 -2.52
N GLY A 89 1.24 4.05 -3.18
CA GLY A 89 0.21 4.88 -2.61
C GLY A 89 0.39 6.34 -2.99
N SER A 90 1.49 6.62 -3.67
CA SER A 90 1.78 7.97 -4.15
C SER A 90 0.93 8.32 -5.36
N GLN A 91 0.67 9.60 -5.49
CA GLN A 91 0.01 10.11 -6.65
C GLN A 91 0.82 11.28 -7.17
N ILE A 92 0.90 11.40 -8.44
CA ILE A 92 1.68 12.42 -9.09
C ILE A 92 0.86 13.15 -10.10
N LYS A 93 1.29 14.34 -10.50
CA LYS A 93 0.47 15.12 -11.43
C LYS A 93 1.12 15.25 -12.74
N TYR A 94 0.32 15.18 -13.73
CA TYR A 94 0.72 15.46 -15.02
C TYR A 94 0.06 16.69 -15.55
N SER A 95 0.87 17.56 -16.01
CA SER A 95 0.41 18.71 -16.71
C SER A 95 1.35 18.99 -17.90
N CYS A 96 0.81 19.62 -18.91
CA CYS A 96 1.62 19.92 -20.09
C CYS A 96 1.77 21.43 -20.30
N THR A 97 0.69 22.14 -20.16
CA THR A 97 0.65 23.56 -20.53
C THR A 97 -0.52 24.27 -19.80
N LYS A 98 -0.55 25.60 -19.81
CA LYS A 98 -1.73 26.31 -19.36
C LYS A 98 -2.95 26.05 -20.30
N GLY A 99 -2.71 26.18 -21.62
CA GLY A 99 -3.76 26.14 -22.63
C GLY A 99 -3.73 24.88 -23.44
N TYR A 100 -3.91 23.80 -22.77
CA TYR A 100 -3.87 22.47 -23.41
C TYR A 100 -4.84 21.61 -22.62
N ARG A 101 -5.16 20.44 -23.11
CA ARG A 101 -6.02 19.55 -22.35
C ARG A 101 -5.27 18.27 -22.18
N LEU A 102 -5.39 17.62 -21.06
CA LEU A 102 -4.74 16.33 -21.01
C LEU A 102 -5.82 15.30 -21.16
N ILE A 103 -5.72 14.55 -22.24
CA ILE A 103 -6.75 13.58 -22.62
C ILE A 103 -6.89 12.41 -21.62
N GLY A 104 -5.76 11.86 -21.19
CA GLY A 104 -5.81 10.74 -20.29
C GLY A 104 -5.65 11.10 -18.83
N SER A 105 -4.73 10.45 -18.16
CA SER A 105 -4.50 10.63 -16.77
C SER A 105 -3.67 11.91 -16.47
N SER A 106 -4.28 12.82 -15.74
CA SER A 106 -3.65 14.06 -15.29
C SER A 106 -2.85 13.78 -14.04
N SER A 107 -2.99 12.57 -13.55
CA SER A 107 -2.27 12.11 -12.41
C SER A 107 -2.16 10.60 -12.50
N ALA A 108 -1.23 10.05 -11.79
CA ALA A 108 -1.03 8.62 -11.77
C ALA A 108 -0.94 8.15 -10.33
N THR A 109 -1.45 6.96 -10.06
CA THR A 109 -1.48 6.43 -8.70
C THR A 109 -0.75 5.08 -8.64
N CYS A 110 0.16 4.90 -7.68
CA CYS A 110 0.91 3.65 -7.56
C CYS A 110 0.12 2.53 -6.89
N ILE A 111 0.09 1.40 -7.59
CA ILE A 111 -0.59 0.21 -7.13
C ILE A 111 0.35 -1.01 -7.16
N ILE A 112 -0.03 -2.02 -6.39
CA ILE A 112 0.76 -3.25 -6.25
C ILE A 112 0.42 -4.29 -7.35
N SER A 113 1.44 -4.82 -8.02
CA SER A 113 1.24 -5.93 -8.98
C SER A 113 1.70 -7.24 -8.38
N GLY A 114 2.31 -7.16 -7.21
CA GLY A 114 2.83 -8.33 -6.57
C GLY A 114 4.21 -8.10 -6.05
N ASP A 115 5.19 -8.45 -6.84
CA ASP A 115 6.58 -8.30 -6.43
C ASP A 115 7.10 -6.92 -6.79
N THR A 116 6.27 -6.13 -7.45
CA THR A 116 6.69 -4.83 -7.86
C THR A 116 5.49 -3.84 -7.86
N VAL A 117 5.79 -2.54 -7.89
CA VAL A 117 4.77 -1.50 -7.83
C VAL A 117 4.78 -0.62 -9.08
N ILE A 118 3.61 -0.40 -9.66
CA ILE A 118 3.47 0.35 -10.92
C ILE A 118 2.43 1.50 -10.81
N TRP A 119 2.46 2.42 -11.76
CA TRP A 119 1.54 3.55 -11.84
C TRP A 119 0.34 3.18 -12.74
N ASP A 120 -0.83 3.74 -12.45
CA ASP A 120 -2.05 3.43 -13.22
C ASP A 120 -2.17 4.28 -14.49
N GLN A 121 -1.20 5.17 -14.70
CA GLN A 121 -1.16 5.96 -15.93
C GLN A 121 -0.92 5.15 -17.19
N GLU A 122 -1.80 5.40 -18.16
CA GLU A 122 -1.76 4.72 -19.45
C GLU A 122 -0.50 5.08 -20.30
N THR A 123 -0.13 6.37 -20.29
CA THR A 123 1.01 6.88 -21.08
C THR A 123 0.96 8.42 -21.04
N PRO A 124 2.10 9.15 -21.31
CA PRO A 124 2.05 10.63 -21.33
C PRO A 124 1.10 11.10 -22.42
N ILE A 125 0.25 12.04 -22.06
CA ILE A 125 -0.75 12.54 -22.96
C ILE A 125 -0.84 14.07 -22.94
N CYS A 126 -0.82 14.69 -24.07
CA CYS A 126 -1.06 16.13 -24.14
C CYS A 126 -2.00 16.43 -25.36
N ASP A 127 -3.16 17.08 -25.12
CA ASP A 127 -4.14 17.36 -26.24
C ASP A 127 -3.55 18.24 -27.32
N ARG A 128 -2.90 19.36 -26.88
CA ARG A 128 -2.32 20.39 -27.79
C ARG A 128 -2.37 20.04 -29.29
#